data_5Q03
#
_entry.id   5Q03
#
_cell.length_a   66.435
_cell.length_b   294.192
_cell.length_c   83.569
_cell.angle_alpha   90.000
_cell.angle_beta   97.560
_cell.angle_gamma   90.000
#
_symmetry.space_group_name_H-M   'P 1 21 1'
#
loop_
_entity.id
_entity.type
_entity.pdbx_description
1 polymer 'Fructose-1,6-bisphosphatase 1'
2 non-polymer N-[(5-bromo-1,3-thiazol-2-yl)carbamoyl]-5-(2-methylpropyl)thiophene-2-sulfonamide
3 water water
#
_entity_poly.entity_id   1
_entity_poly.type   'polypeptide(L)'
_entity_poly.pdbx_seq_one_letter_code
;MADQAPFDTDVNTLTRFVMEEGRKARGTGELTQLLNSLCTAVKAISSAVRKAGIAHLYGIAGSTNVTGDQVKKLDVLSND
LVMNMLKSSFATCVLVSEEDKHAIIVEPEKRGKYVVCFDPLDGSSNIDCLVSVGTIFGIYRKKSTDEPSEKDALQPGRNL
VAAGYALYGSATMLVLAMDCGVNCFMLDPAIGEFILVDKDVKIKKKGKIYSLNEGYAKDFDPAVTEYIQRKKFPPDNSAP
YGARYVGSMVADVHRTLVYGGIFLYPANKKSPNGKLRLLYECNPMAYVMEKAGGMATTGKEAVLDVIPTDIHQRAPVILG
SPDDVLEFLKVYEKHSAQ
;
_entity_poly.pdbx_strand_id   A,B,C,D,E,F,G,H
#
# COMPACT_ATOMS: atom_id res chain seq x y z
N ASP A 10 8.14 40.01 -35.36
CA ASP A 10 7.39 40.84 -34.41
C ASP A 10 6.75 40.00 -33.31
N VAL A 11 6.78 40.50 -32.07
CA VAL A 11 6.17 39.79 -30.95
C VAL A 11 4.66 39.70 -31.12
N ASN A 12 4.08 38.60 -30.65
CA ASN A 12 2.64 38.40 -30.69
C ASN A 12 2.16 37.85 -29.35
N THR A 13 0.96 38.26 -28.95
CA THR A 13 0.32 37.80 -27.72
C THR A 13 -1.01 37.13 -28.02
N LEU A 14 -1.55 36.46 -27.00
CA LEU A 14 -2.84 35.76 -27.12
C LEU A 14 -3.96 36.72 -27.50
N THR A 15 -4.06 37.85 -26.81
CA THR A 15 -5.10 38.82 -27.08
C THR A 15 -4.93 39.38 -28.49
N ARG A 16 -3.69 39.72 -28.88
CA ARG A 16 -3.45 40.25 -30.21
C ARG A 16 -3.74 39.21 -31.29
N PHE A 17 -3.34 37.97 -31.07
CA PHE A 17 -3.61 36.89 -32.03
C PHE A 17 -5.10 36.64 -32.18
N VAL A 18 -5.83 36.58 -31.05
CA VAL A 18 -7.24 36.27 -31.17
C VAL A 18 -8.01 37.46 -31.78
N MET A 19 -7.57 38.69 -31.52
CA MET A 19 -8.24 39.82 -32.14
C MET A 19 -8.05 39.81 -33.67
N GLU A 20 -6.87 39.41 -34.14
CA GLU A 20 -6.64 39.37 -35.58
C GLU A 20 -7.46 38.27 -36.27
N GLU A 21 -7.52 37.08 -35.67
CA GLU A 21 -8.34 36.04 -36.30
C GLU A 21 -9.80 36.45 -36.32
N GLY A 22 -10.25 37.16 -35.28
CA GLY A 22 -11.62 37.60 -35.23
C GLY A 22 -11.92 38.69 -36.23
N ARG A 23 -11.02 39.68 -36.36
CA ARG A 23 -11.23 40.70 -37.38
C ARG A 23 -11.15 40.11 -38.78
N LYS A 24 -10.28 39.12 -38.98
CA LYS A 24 -10.15 38.47 -40.28
C LYS A 24 -11.42 37.72 -40.67
N ALA A 25 -12.07 37.06 -39.72
CA ALA A 25 -13.25 36.25 -39.96
C ALA A 25 -14.56 37.03 -39.84
N ARG A 26 -14.49 38.33 -39.51
CA ARG A 26 -15.64 39.22 -39.48
C ARG A 26 -16.67 38.83 -38.40
N GLY A 27 -16.20 38.34 -37.23
CA GLY A 27 -17.13 38.01 -36.15
C GLY A 27 -17.56 39.24 -35.34
N THR A 28 -18.54 39.03 -34.47
CA THR A 28 -19.09 40.12 -33.65
C THR A 28 -18.18 40.49 -32.49
N GLY A 29 -17.26 39.60 -32.11
CA GLY A 29 -16.41 39.77 -30.96
C GLY A 29 -16.79 38.95 -29.74
N GLU A 30 -17.93 38.23 -29.76
CA GLU A 30 -18.36 37.51 -28.57
C GLU A 30 -17.37 36.44 -28.18
N LEU A 31 -16.84 35.70 -29.15
CA LEU A 31 -15.86 34.67 -28.82
C LEU A 31 -14.58 35.28 -28.24
N THR A 32 -14.14 36.43 -28.77
CA THR A 32 -12.92 37.07 -28.26
C THR A 32 -13.09 37.53 -26.81
N GLN A 33 -14.26 38.08 -26.47
CA GLN A 33 -14.53 38.42 -25.09
C GLN A 33 -14.54 37.18 -24.19
N LEU A 34 -15.10 36.07 -24.69
CA LEU A 34 -15.10 34.80 -23.94
C LEU A 34 -13.68 34.36 -23.65
N LEU A 35 -12.84 34.30 -24.69
CA LEU A 35 -11.50 33.76 -24.53
C LEU A 35 -10.64 34.69 -23.67
N ASN A 36 -10.84 36.00 -23.81
CA ASN A 36 -10.09 36.94 -22.98
C ASN A 36 -10.49 36.82 -21.52
N SER A 37 -11.78 36.59 -21.26
CA SER A 37 -12.23 36.34 -19.89
C SER A 37 -11.64 35.04 -19.35
N LEU A 38 -11.60 34.00 -20.18
CA LEU A 38 -11.05 32.71 -19.73
C LEU A 38 -9.56 32.83 -19.46
N CYS A 39 -8.86 33.61 -20.28
CA CYS A 39 -7.43 33.81 -20.10
C CYS A 39 -7.13 34.55 -18.79
N THR A 40 -7.97 35.51 -18.40
CA THR A 40 -7.79 36.17 -17.11
C THR A 40 -7.96 35.16 -15.99
N ALA A 41 -8.99 34.31 -16.09
CA ALA A 41 -9.21 33.26 -15.10
C ALA A 41 -8.01 32.33 -15.02
N VAL A 42 -7.41 32.00 -16.16
CA VAL A 42 -6.24 31.12 -16.17
C VAL A 42 -5.04 31.76 -15.47
N LYS A 43 -4.85 33.07 -15.63
CA LYS A 43 -3.75 33.71 -14.92
C LYS A 43 -3.96 33.73 -13.41
N ALA A 44 -5.21 33.89 -12.94
CA ALA A 44 -5.49 33.85 -11.50
C ALA A 44 -5.36 32.44 -10.94
N ILE A 45 -5.80 31.43 -11.70
CA ILE A 45 -5.56 30.06 -11.27
C ILE A 45 -4.05 29.79 -11.18
N SER A 46 -3.29 30.18 -12.21
CA SER A 46 -1.84 29.99 -12.18
C SER A 46 -1.22 30.63 -10.96
N SER A 47 -1.66 31.85 -10.62
CA SER A 47 -1.07 32.56 -9.49
C SER A 47 -1.31 31.81 -8.20
N ALA A 48 -2.52 31.24 -8.05
CA ALA A 48 -2.89 30.49 -6.85
C ALA A 48 -2.19 29.14 -6.80
N VAL A 49 -2.10 28.45 -7.94
CA VAL A 49 -1.44 27.15 -7.98
C VAL A 49 0.05 27.28 -7.57
N ARG A 50 0.72 28.38 -7.99
CA ARG A 50 2.11 28.65 -7.59
C ARG A 50 2.24 29.17 -6.15
N LYS A 51 1.13 29.26 -5.41
CA LYS A 51 1.12 29.51 -3.97
C LYS A 51 1.50 30.95 -3.61
N ALA A 52 1.18 31.91 -4.48
CA ALA A 52 1.39 33.31 -4.15
C ALA A 52 0.57 33.69 -2.92
N GLY A 53 1.20 34.34 -1.96
CA GLY A 53 0.50 34.68 -0.74
C GLY A 53 0.33 33.55 0.26
N ILE A 54 0.94 32.38 0.03
CA ILE A 54 0.78 31.30 1.00
C ILE A 54 1.33 31.69 2.38
N ALA A 55 2.31 32.63 2.43
CA ALA A 55 2.81 33.10 3.72
C ALA A 55 1.69 33.59 4.61
N HIS A 56 0.64 34.14 4.00
CA HIS A 56 -0.45 34.63 4.82
C HIS A 56 -1.26 33.50 5.42
N LEU A 57 -1.33 32.34 4.77
CA LEU A 57 -2.02 31.21 5.37
C LEU A 57 -1.29 30.65 6.56
N TYR A 58 0.01 30.89 6.66
CA TYR A 58 0.79 30.36 7.76
C TYR A 58 1.13 31.44 8.81
N GLY A 59 0.42 32.56 8.83
CA GLY A 59 0.49 33.49 9.94
C GLY A 59 1.54 34.58 9.89
N ILE A 60 1.94 35.04 8.69
CA ILE A 60 2.98 36.07 8.61
C ILE A 60 2.51 37.39 9.21
N ALA A 61 1.20 37.65 9.20
CA ALA A 61 0.65 38.82 9.86
C ALA A 61 -0.03 38.45 11.16
N GLY A 62 0.30 37.29 11.72
CA GLY A 62 -0.32 36.77 12.92
C GLY A 62 -1.60 36.00 12.66
N VAL A 71 -7.82 29.34 2.70
CA VAL A 71 -9.21 29.78 2.68
C VAL A 71 -10.07 28.71 2.01
N LYS A 72 -10.07 28.70 0.68
CA LYS A 72 -10.80 27.73 -0.13
C LYS A 72 -9.86 26.69 -0.73
N LYS A 73 -10.39 25.50 -0.94
CA LYS A 73 -9.69 24.51 -1.75
C LYS A 73 -9.49 25.03 -3.16
N LEU A 74 -8.42 24.54 -3.78
CA LEU A 74 -7.95 25.05 -5.06
C LEU A 74 -8.92 24.69 -6.19
N ASP A 75 -9.50 23.49 -6.14
CA ASP A 75 -10.46 23.14 -7.18
C ASP A 75 -11.78 23.88 -7.03
N VAL A 76 -12.20 24.18 -5.81
CA VAL A 76 -13.38 25.03 -5.61
C VAL A 76 -13.10 26.45 -6.13
N LEU A 77 -11.94 27.01 -5.78
CA LEU A 77 -11.59 28.37 -6.19
C LEU A 77 -11.46 28.47 -7.71
N SER A 78 -10.82 27.47 -8.32
CA SER A 78 -10.71 27.44 -9.78
C SER A 78 -12.09 27.41 -10.43
N ASN A 79 -12.99 26.55 -9.90
CA ASN A 79 -14.34 26.49 -10.45
C ASN A 79 -15.04 27.84 -10.30
N ASP A 80 -14.86 28.50 -9.15
CA ASP A 80 -15.45 29.82 -8.93
C ASP A 80 -14.87 30.87 -9.90
N LEU A 81 -13.56 30.80 -10.17
CA LEU A 81 -12.92 31.75 -11.06
C LEU A 81 -13.41 31.59 -12.49
N VAL A 82 -13.43 30.36 -13.00
CA VAL A 82 -13.87 30.08 -14.36
C VAL A 82 -15.34 30.41 -14.53
N MET A 83 -16.18 29.95 -13.59
CA MET A 83 -17.60 30.21 -13.67
C MET A 83 -17.87 31.71 -13.70
N ASN A 84 -17.18 32.45 -12.83
CA ASN A 84 -17.51 33.87 -12.67
C ASN A 84 -17.05 34.70 -13.86
N MET A 85 -15.85 34.39 -14.43
CA MET A 85 -15.37 35.17 -15.56
C MET A 85 -16.20 34.89 -16.82
N LEU A 86 -16.67 33.64 -16.99
CA LEU A 86 -17.49 33.30 -18.15
C LEU A 86 -18.87 33.95 -18.06
N LYS A 87 -19.51 33.84 -16.91
CA LYS A 87 -20.78 34.53 -16.73
C LYS A 87 -20.66 36.01 -17.06
N SER A 88 -19.62 36.68 -16.54
CA SER A 88 -19.42 38.12 -16.72
C SER A 88 -18.88 38.48 -18.12
N SER A 89 -18.61 37.51 -18.97
CA SER A 89 -18.23 37.81 -20.36
C SER A 89 -19.42 38.19 -21.22
N PHE A 90 -20.64 37.86 -20.81
CA PHE A 90 -21.84 38.07 -21.63
C PHE A 90 -21.79 37.27 -22.94
N ALA A 91 -21.05 36.16 -22.95
CA ALA A 91 -20.86 35.39 -24.16
C ALA A 91 -21.35 33.94 -24.07
N THR A 92 -21.94 33.52 -22.96
CA THR A 92 -22.28 32.12 -22.76
C THR A 92 -23.74 31.99 -22.30
N CYS A 93 -24.29 30.78 -22.44
CA CYS A 93 -25.66 30.56 -21.95
C CYS A 93 -25.79 29.29 -21.13
N VAL A 94 -24.94 28.29 -21.39
CA VAL A 94 -24.97 27.02 -20.66
C VAL A 94 -23.54 26.65 -20.31
N LEU A 95 -23.29 26.26 -19.07
CA LEU A 95 -21.96 25.91 -18.58
C LEU A 95 -22.03 24.55 -17.89
N VAL A 96 -21.19 23.62 -18.34
CA VAL A 96 -21.08 22.31 -17.71
C VAL A 96 -19.68 22.17 -17.14
N SER A 97 -19.60 21.77 -15.86
CA SER A 97 -18.34 21.65 -15.14
C SER A 97 -18.27 20.30 -14.44
N GLU A 98 -17.06 19.76 -14.39
CA GLU A 98 -16.80 18.52 -13.66
C GLU A 98 -17.34 18.61 -12.23
N GLU A 99 -17.41 19.81 -11.68
CA GLU A 99 -17.72 20.05 -10.27
C GLU A 99 -19.22 20.14 -9.96
N ASP A 100 -20.08 20.25 -10.98
CA ASP A 100 -21.50 20.51 -10.76
C ASP A 100 -22.33 19.39 -11.36
N LYS A 101 -23.30 18.88 -10.59
CA LYS A 101 -24.13 17.76 -11.05
C LYS A 101 -24.98 18.13 -12.27
N HIS A 102 -25.53 19.34 -12.29
CA HIS A 102 -26.37 19.79 -13.38
C HIS A 102 -25.70 20.95 -14.11
N ALA A 103 -26.12 21.12 -15.37
CA ALA A 103 -25.66 22.26 -16.18
C ALA A 103 -26.13 23.55 -15.54
N ILE A 104 -25.29 24.59 -15.65
CA ILE A 104 -25.61 25.91 -15.13
C ILE A 104 -26.21 26.72 -16.27
N ILE A 105 -27.38 27.29 -16.05
CA ILE A 105 -28.06 28.08 -17.06
C ILE A 105 -27.89 29.54 -16.70
N VAL A 106 -27.21 30.30 -17.57
CA VAL A 106 -26.88 31.70 -17.32
C VAL A 106 -28.16 32.54 -17.31
N GLU A 107 -28.25 33.46 -16.35
CA GLU A 107 -29.43 34.31 -16.22
C GLU A 107 -29.58 35.22 -17.44
N PRO A 108 -30.82 35.62 -17.76
CA PRO A 108 -31.06 36.29 -19.05
C PRO A 108 -30.24 37.55 -19.27
N GLU A 109 -30.08 38.39 -18.24
CA GLU A 109 -29.40 39.67 -18.43
C GLU A 109 -27.93 39.50 -18.78
N LYS A 110 -27.38 38.29 -18.71
CA LYS A 110 -25.98 38.08 -19.04
C LYS A 110 -25.76 37.03 -20.11
N ARG A 111 -26.82 36.53 -20.77
CA ARG A 111 -26.69 35.41 -21.71
C ARG A 111 -26.06 35.80 -23.04
N GLY A 112 -25.22 34.90 -23.55
CA GLY A 112 -24.67 34.98 -24.87
C GLY A 112 -24.93 33.64 -25.54
N LYS A 113 -24.27 33.37 -26.67
CA LYS A 113 -24.68 32.27 -27.55
C LYS A 113 -23.83 31.01 -27.43
N TYR A 114 -22.88 30.95 -26.49
CA TYR A 114 -21.96 29.82 -26.44
C TYR A 114 -22.19 28.92 -25.23
N VAL A 115 -21.88 27.64 -25.45
CA VAL A 115 -21.92 26.60 -24.43
C VAL A 115 -20.49 26.19 -24.18
N VAL A 116 -20.09 26.12 -22.90
CA VAL A 116 -18.72 25.79 -22.52
C VAL A 116 -18.78 24.60 -21.57
N CYS A 117 -18.01 23.56 -21.89
CA CYS A 117 -17.79 22.41 -21.00
C CYS A 117 -16.36 22.46 -20.52
N PHE A 118 -16.17 22.37 -19.20
CA PHE A 118 -14.79 22.49 -18.72
C PHE A 118 -14.55 21.66 -17.47
N ASP A 119 -13.28 21.33 -17.28
CA ASP A 119 -12.73 20.79 -16.04
C ASP A 119 -11.80 21.85 -15.45
N PRO A 120 -12.20 22.55 -14.38
CA PRO A 120 -11.42 23.73 -13.94
C PRO A 120 -10.05 23.41 -13.34
N LEU A 121 -9.89 22.26 -12.67
CA LEU A 121 -8.57 21.90 -12.14
C LEU A 121 -8.42 20.37 -12.19
N ASP A 122 -8.11 19.86 -13.38
CA ASP A 122 -7.92 18.43 -13.56
C ASP A 122 -6.62 17.96 -12.91
N GLY A 123 -6.68 16.78 -12.30
CA GLY A 123 -5.52 16.20 -11.65
C GLY A 123 -5.24 16.68 -10.25
N SER A 124 -6.15 17.49 -9.69
CA SER A 124 -5.93 18.19 -8.42
C SER A 124 -5.96 17.28 -7.21
N SER A 125 -6.41 16.04 -7.33
CA SER A 125 -6.44 15.17 -6.16
C SER A 125 -5.04 14.87 -5.64
N ASN A 126 -4.06 14.80 -6.54
CA ASN A 126 -2.67 14.57 -6.17
C ASN A 126 -1.85 15.86 -6.15
N ILE A 127 -2.50 17.02 -5.99
CA ILE A 127 -1.76 18.28 -5.99
C ILE A 127 -0.91 18.44 -4.74
N ASP A 128 -1.12 17.57 -3.73
CA ASP A 128 -0.29 17.51 -2.53
C ASP A 128 1.15 17.14 -2.84
N CYS A 129 1.41 16.45 -3.96
CA CYS A 129 2.76 16.09 -4.34
C CYS A 129 3.34 17.04 -5.38
N LEU A 130 2.64 18.15 -5.68
CA LEU A 130 3.05 19.20 -6.61
C LEU A 130 3.15 18.71 -8.04
N VAL A 131 2.46 17.60 -8.34
CA VAL A 131 2.30 17.15 -9.72
C VAL A 131 1.66 18.27 -10.54
N SER A 132 1.94 18.26 -11.85
CA SER A 132 1.29 19.16 -12.78
C SER A 132 -0.22 18.99 -12.73
N VAL A 133 -0.94 20.12 -12.89
CA VAL A 133 -2.38 20.17 -12.96
C VAL A 133 -2.76 21.08 -14.12
N GLY A 134 -4.05 21.09 -14.47
CA GLY A 134 -4.45 21.84 -15.64
C GLY A 134 -5.92 22.20 -15.67
N THR A 135 -6.26 23.06 -16.63
CA THR A 135 -7.63 23.44 -16.93
C THR A 135 -7.98 22.99 -18.34
N ILE A 136 -9.11 22.28 -18.50
CA ILE A 136 -9.52 21.77 -19.81
C ILE A 136 -10.81 22.47 -20.22
N PHE A 137 -10.90 22.87 -21.50
CA PHE A 137 -12.11 23.55 -21.92
C PHE A 137 -12.51 23.19 -23.34
N GLY A 138 -13.82 23.17 -23.58
CA GLY A 138 -14.39 23.00 -24.91
C GLY A 138 -15.60 23.89 -25.07
N ILE A 139 -15.73 24.56 -26.22
CA ILE A 139 -16.70 25.61 -26.45
C ILE A 139 -17.58 25.23 -27.64
N TYR A 140 -18.89 25.23 -27.45
CA TYR A 140 -19.83 24.96 -28.54
C TYR A 140 -20.71 26.19 -28.78
N ARG A 141 -21.29 26.25 -29.98
CA ARG A 141 -22.38 27.19 -30.24
C ARG A 141 -23.70 26.49 -29.98
N LYS A 142 -24.59 27.15 -29.21
CA LYS A 142 -25.94 26.64 -29.01
C LYS A 142 -26.62 26.42 -30.35
N LYS A 143 -27.23 25.25 -30.51
CA LYS A 143 -27.72 24.81 -31.81
C LYS A 143 -29.23 24.93 -31.96
N SER A 144 -29.98 24.79 -30.88
CA SER A 144 -31.43 24.86 -30.97
C SER A 144 -31.91 26.27 -30.64
N THR A 145 -33.17 26.53 -30.97
CA THR A 145 -33.80 27.81 -30.66
C THR A 145 -34.69 27.73 -29.42
N ASP A 146 -34.76 26.57 -28.77
CA ASP A 146 -35.47 26.37 -27.51
C ASP A 146 -34.91 27.26 -26.40
N GLU A 147 -35.48 27.15 -25.24
CA GLU A 147 -34.84 27.87 -24.15
C GLU A 147 -33.62 27.09 -23.70
N PRO A 148 -32.55 27.77 -23.31
CA PRO A 148 -31.31 27.06 -22.99
C PRO A 148 -31.54 26.07 -21.85
N SER A 149 -31.03 24.87 -22.02
CA SER A 149 -31.15 23.84 -21.02
C SER A 149 -29.96 22.90 -21.14
N GLU A 150 -29.94 21.90 -20.27
CA GLU A 150 -28.85 20.92 -20.25
C GLU A 150 -28.72 20.22 -21.60
N LYS A 151 -29.84 20.05 -22.33
CA LYS A 151 -29.81 19.38 -23.62
C LYS A 151 -28.82 20.04 -24.58
N ASP A 152 -28.64 21.36 -24.47
CA ASP A 152 -27.77 22.08 -25.39
C ASP A 152 -26.32 21.65 -25.24
N ALA A 153 -25.96 21.00 -24.14
CA ALA A 153 -24.59 20.53 -23.94
C ALA A 153 -24.35 19.13 -24.46
N LEU A 154 -25.38 18.46 -24.99
CA LEU A 154 -25.27 17.09 -25.45
C LEU A 154 -24.98 17.02 -26.95
N GLN A 155 -23.96 17.81 -27.43
CA GLN A 155 -23.57 17.74 -28.81
C GLN A 155 -22.33 16.85 -28.94
N PRO A 156 -22.15 16.18 -30.09
CA PRO A 156 -20.91 15.42 -30.30
C PRO A 156 -19.73 16.36 -30.50
N GLY A 157 -18.54 15.81 -30.22
CA GLY A 157 -17.32 16.61 -30.32
C GLY A 157 -17.11 17.25 -31.67
N ARG A 158 -17.69 16.68 -32.75
CA ARG A 158 -17.58 17.25 -34.09
C ARG A 158 -17.96 18.71 -34.15
N ASN A 159 -18.85 19.14 -33.27
CA ASN A 159 -19.45 20.48 -33.33
C ASN A 159 -18.63 21.57 -32.62
N LEU A 160 -17.47 21.25 -32.03
CA LEU A 160 -16.72 22.23 -31.23
C LEU A 160 -16.21 23.40 -32.06
N VAL A 161 -16.26 24.60 -31.48
CA VAL A 161 -15.73 25.82 -32.13
C VAL A 161 -14.28 26.10 -31.74
N ALA A 162 -13.91 25.85 -30.49
CA ALA A 162 -12.54 25.95 -30.03
C ALA A 162 -12.43 25.10 -28.78
N ALA A 163 -11.23 24.62 -28.51
CA ALA A 163 -10.97 23.80 -27.34
C ALA A 163 -9.51 23.95 -26.99
N GLY A 164 -9.17 23.58 -25.75
CA GLY A 164 -7.78 23.52 -25.35
C GLY A 164 -7.59 23.30 -23.85
N TYR A 165 -6.40 23.65 -23.38
CA TYR A 165 -6.05 23.45 -21.99
C TYR A 165 -4.95 24.40 -21.59
N ALA A 166 -4.89 24.68 -20.29
CA ALA A 166 -3.74 25.33 -19.68
C ALA A 166 -3.04 24.30 -18.83
N LEU A 167 -1.74 24.18 -19.02
CA LEU A 167 -0.91 23.29 -18.22
C LEU A 167 -0.13 24.13 -17.22
N TYR A 168 -0.31 23.85 -15.93
CA TYR A 168 0.45 24.51 -14.85
C TYR A 168 1.61 23.58 -14.46
N GLY A 169 2.66 23.62 -15.27
CA GLY A 169 3.85 22.80 -15.07
C GLY A 169 5.05 23.57 -14.58
N SER A 170 6.24 23.27 -15.13
CA SER A 170 7.42 24.08 -14.80
C SER A 170 7.23 25.52 -15.27
N ALA A 171 6.48 25.73 -16.35
CA ALA A 171 5.93 27.03 -16.68
C ALA A 171 4.45 26.84 -16.97
N THR A 172 3.73 27.95 -17.09
CA THR A 172 2.32 27.94 -17.43
C THR A 172 2.17 28.21 -18.93
N MET A 173 1.51 27.30 -19.64
CA MET A 173 1.28 27.44 -21.07
C MET A 173 -0.19 27.25 -21.42
N LEU A 174 -0.69 28.05 -22.37
CA LEU A 174 -2.04 27.91 -22.91
C LEU A 174 -1.96 27.38 -24.33
N VAL A 175 -2.58 26.23 -24.55
CA VAL A 175 -2.68 25.55 -25.84
C VAL A 175 -4.09 25.76 -26.36
N LEU A 176 -4.22 26.45 -27.49
CA LEU A 176 -5.52 26.80 -28.05
C LEU A 176 -5.68 26.15 -29.41
N ALA A 177 -6.73 25.36 -29.58
CA ALA A 177 -7.02 24.73 -30.86
C ALA A 177 -8.32 25.30 -31.44
N MET A 178 -8.24 25.75 -32.70
CA MET A 178 -9.41 26.18 -33.46
C MET A 178 -9.28 25.65 -34.88
N ASP A 179 -10.18 26.07 -35.77
CA ASP A 179 -10.09 25.61 -37.16
C ASP A 179 -8.75 25.98 -37.79
N CYS A 180 -8.19 27.14 -37.44
CA CYS A 180 -6.93 27.48 -38.08
C CYS A 180 -5.76 26.65 -37.58
N GLY A 181 -5.95 25.80 -36.56
CA GLY A 181 -4.87 24.97 -36.06
C GLY A 181 -4.61 25.16 -34.57
N VAL A 182 -3.46 24.69 -34.08
CA VAL A 182 -3.10 24.69 -32.66
C VAL A 182 -1.93 25.66 -32.43
N ASN A 183 -2.06 26.49 -31.40
CA ASN A 183 -1.03 27.45 -31.04
C ASN A 183 -0.75 27.42 -29.53
N CYS A 184 0.52 27.58 -29.19
CA CYS A 184 1.03 27.45 -27.83
C CYS A 184 1.54 28.81 -27.37
N PHE A 185 1.08 29.24 -26.19
CA PHE A 185 1.42 30.54 -25.62
C PHE A 185 2.04 30.35 -24.23
N MET A 186 3.16 31.02 -23.98
CA MET A 186 3.87 30.96 -22.71
C MET A 186 3.52 32.17 -21.84
N LEU A 187 3.06 31.93 -20.61
CA LEU A 187 2.73 33.04 -19.71
C LEU A 187 4.02 33.70 -19.21
N ASP A 188 4.21 35.01 -19.45
CA ASP A 188 5.32 35.79 -18.89
C ASP A 188 4.82 36.43 -17.60
N PRO A 189 5.20 35.90 -16.44
CA PRO A 189 4.65 36.43 -15.18
C PRO A 189 5.15 37.82 -14.81
N ALA A 190 6.23 38.32 -15.43
CA ALA A 190 6.68 39.67 -15.11
C ALA A 190 5.71 40.73 -15.61
N ILE A 191 4.95 40.42 -16.67
CA ILE A 191 4.01 41.37 -17.24
C ILE A 191 2.61 40.79 -17.41
N GLY A 192 2.41 39.52 -17.08
CA GLY A 192 1.11 38.89 -17.19
C GLY A 192 0.56 38.82 -18.60
N GLU A 193 1.38 38.39 -19.56
CA GLU A 193 0.97 38.22 -20.95
C GLU A 193 1.33 36.83 -21.44
N PHE A 194 0.44 36.25 -22.26
CA PHE A 194 0.70 34.98 -22.93
C PHE A 194 1.38 35.30 -24.26
N ILE A 195 2.64 34.91 -24.40
CA ILE A 195 3.49 35.24 -25.54
C ILE A 195 3.47 34.08 -26.51
N LEU A 196 3.22 34.35 -27.81
CA LEU A 196 3.17 33.28 -28.80
C LEU A 196 4.57 32.73 -29.02
N VAL A 197 4.76 31.44 -28.78
CA VAL A 197 6.09 30.83 -28.89
C VAL A 197 6.13 29.64 -29.84
N ASP A 198 5.00 28.99 -30.13
CA ASP A 198 4.93 27.85 -31.06
C ASP A 198 3.70 28.00 -31.95
N LYS A 199 3.94 28.20 -33.25
CA LYS A 199 2.90 28.46 -34.23
C LYS A 199 2.58 27.19 -34.99
N ASP A 200 1.28 26.92 -35.17
CA ASP A 200 0.76 25.92 -36.09
C ASP A 200 1.45 24.56 -35.89
N VAL A 201 1.29 24.01 -34.69
CA VAL A 201 2.00 22.83 -34.23
C VAL A 201 1.38 21.56 -34.80
N LYS A 202 2.23 20.57 -35.08
CA LYS A 202 1.80 19.28 -35.59
C LYS A 202 2.50 18.15 -34.84
N ILE A 203 1.76 17.06 -34.57
CA ILE A 203 2.30 15.92 -33.84
C ILE A 203 3.11 15.04 -34.80
N LYS A 204 4.13 14.38 -34.28
CA LYS A 204 4.90 13.40 -35.06
C LYS A 204 3.99 12.28 -35.57
N LYS A 205 4.29 11.78 -36.77
CA LYS A 205 3.52 10.68 -37.32
C LYS A 205 3.63 9.41 -36.47
N LYS A 206 4.77 9.19 -35.81
CA LYS A 206 4.94 8.03 -34.95
C LYS A 206 5.96 8.34 -33.86
N GLY A 207 5.68 7.88 -32.64
CA GLY A 207 6.51 8.21 -31.49
C GLY A 207 7.19 7.03 -30.82
N LYS A 208 7.70 7.25 -29.59
CA LYS A 208 8.44 6.20 -28.89
C LYS A 208 7.99 6.06 -27.43
N ILE A 209 6.80 6.54 -27.08
CA ILE A 209 6.33 6.51 -25.71
C ILE A 209 4.86 6.14 -25.68
N TYR A 210 4.51 5.21 -24.80
CA TYR A 210 3.12 4.86 -24.50
C TYR A 210 2.86 5.22 -23.05
N SER A 211 1.60 5.51 -22.73
CA SER A 211 1.22 6.12 -21.46
C SER A 211 -0.10 5.53 -20.96
N LEU A 212 -0.02 4.75 -19.88
CA LEU A 212 -1.22 4.23 -19.22
C LEU A 212 -0.81 3.60 -17.89
N ASN A 213 -1.79 3.40 -17.02
CA ASN A 213 -1.57 2.80 -15.70
C ASN A 213 -1.49 1.28 -15.81
N GLU A 214 -0.27 0.74 -15.89
CA GLU A 214 -0.10 -0.70 -16.00
C GLU A 214 -0.35 -1.43 -14.69
N GLY A 215 -0.58 -0.70 -13.59
CA GLY A 215 -0.86 -1.35 -12.32
C GLY A 215 -2.16 -2.12 -12.28
N TYR A 216 -3.09 -1.84 -13.19
CA TYR A 216 -4.37 -2.54 -13.25
C TYR A 216 -4.40 -3.61 -14.33
N ALA A 217 -3.24 -4.18 -14.65
CA ALA A 217 -3.14 -5.10 -15.76
C ALA A 217 -4.01 -6.35 -15.56
N LYS A 218 -4.24 -6.74 -14.31
CA LYS A 218 -5.06 -7.92 -14.02
C LYS A 218 -6.45 -7.80 -14.65
N ASP A 219 -6.93 -6.58 -14.85
CA ASP A 219 -8.25 -6.31 -15.39
C ASP A 219 -8.22 -5.87 -16.85
N PHE A 220 -7.04 -5.90 -17.48
CA PHE A 220 -6.94 -5.44 -18.87
C PHE A 220 -7.87 -6.23 -19.76
N ASP A 221 -8.41 -5.54 -20.76
CA ASP A 221 -9.03 -6.23 -21.88
C ASP A 221 -7.95 -7.08 -22.57
N PRO A 222 -8.32 -8.22 -23.16
CA PRO A 222 -7.31 -9.05 -23.84
C PRO A 222 -6.54 -8.29 -24.91
N ALA A 223 -7.17 -7.33 -25.58
CA ALA A 223 -6.50 -6.56 -26.62
C ALA A 223 -5.49 -5.58 -26.02
N VAL A 224 -5.82 -4.93 -24.90
CA VAL A 224 -4.87 -4.03 -24.23
C VAL A 224 -3.64 -4.81 -23.76
N THR A 225 -3.86 -6.01 -23.22
CA THR A 225 -2.74 -6.85 -22.82
C THR A 225 -1.80 -7.11 -23.99
N GLU A 226 -2.33 -7.42 -25.17
CA GLU A 226 -1.44 -7.74 -26.29
C GLU A 226 -0.70 -6.51 -26.79
N TYR A 227 -1.37 -5.37 -26.94
CA TYR A 227 -0.70 -4.19 -27.48
C TYR A 227 0.45 -3.76 -26.59
N ILE A 228 0.23 -3.75 -25.27
CA ILE A 228 1.31 -3.38 -24.35
C ILE A 228 2.42 -4.42 -24.43
N GLN A 229 2.04 -5.69 -24.64
CA GLN A 229 3.05 -6.73 -24.80
C GLN A 229 3.91 -6.47 -26.04
N ARG A 230 3.30 -5.97 -27.13
CA ARG A 230 4.06 -5.65 -28.32
C ARG A 230 4.98 -4.44 -28.14
N LYS A 231 4.64 -3.52 -27.23
CA LYS A 231 5.50 -2.37 -27.02
C LYS A 231 6.75 -2.72 -26.20
N LYS A 232 6.62 -3.61 -25.21
CA LYS A 232 7.78 -3.97 -24.40
C LYS A 232 8.62 -5.04 -25.07
N PHE A 233 7.97 -6.01 -25.73
CA PHE A 233 8.64 -7.15 -26.34
C PHE A 233 8.26 -7.17 -27.82
N PRO A 234 8.82 -6.27 -28.61
CA PRO A 234 8.42 -6.16 -30.01
C PRO A 234 8.73 -7.45 -30.75
N PRO A 235 7.81 -7.94 -31.58
CA PRO A 235 8.05 -9.22 -32.25
C PRO A 235 9.28 -9.20 -33.13
N ASP A 236 9.58 -8.07 -33.77
CA ASP A 236 10.77 -7.97 -34.60
C ASP A 236 11.99 -7.51 -33.83
N ASN A 237 12.09 -7.88 -32.54
CA ASN A 237 13.21 -7.60 -31.64
C ASN A 237 13.86 -6.21 -31.82
N SER A 238 13.13 -5.25 -32.37
CA SER A 238 13.56 -3.87 -32.45
C SER A 238 13.56 -3.24 -31.04
N ALA A 239 13.82 -1.92 -30.97
CA ALA A 239 13.94 -1.24 -29.69
C ALA A 239 12.58 -1.05 -29.02
N PRO A 240 12.49 -1.33 -27.71
CA PRO A 240 11.25 -1.09 -26.97
C PRO A 240 10.92 0.38 -26.86
N TYR A 241 9.63 0.67 -26.70
CA TYR A 241 9.19 2.02 -26.38
C TYR A 241 9.56 2.38 -24.94
N GLY A 242 9.62 3.68 -24.65
CA GLY A 242 9.66 4.14 -23.29
C GLY A 242 8.26 4.29 -22.71
N ALA A 243 8.16 4.18 -21.38
CA ALA A 243 6.90 4.34 -20.66
C ALA A 243 6.95 5.60 -19.79
N ARG A 244 5.86 6.38 -19.81
CA ARG A 244 5.67 7.55 -18.96
C ARG A 244 4.20 7.65 -18.58
N TYR A 245 3.92 7.91 -17.31
CA TYR A 245 2.53 8.12 -16.89
C TYR A 245 2.56 9.04 -15.66
N VAL A 246 2.29 10.33 -15.91
CA VAL A 246 2.22 11.31 -14.82
C VAL A 246 1.01 11.01 -13.94
N GLY A 247 -0.07 10.52 -14.54
CA GLY A 247 -1.30 10.37 -13.80
C GLY A 247 -2.15 11.61 -13.78
N SER A 248 -1.73 12.66 -14.46
CA SER A 248 -2.47 13.89 -14.63
C SER A 248 -2.67 14.06 -16.13
N MET A 249 -3.94 14.01 -16.57
CA MET A 249 -4.26 13.85 -18.00
C MET A 249 -3.64 14.96 -18.86
N VAL A 250 -3.71 16.21 -18.39
CA VAL A 250 -3.21 17.33 -19.18
C VAL A 250 -1.69 17.25 -19.37
N ALA A 251 -0.96 16.81 -18.35
CA ALA A 251 0.49 16.67 -18.52
C ALA A 251 0.82 15.52 -19.47
N ASP A 252 0.14 14.38 -19.33
CA ASP A 252 0.44 13.25 -20.22
C ASP A 252 0.03 13.57 -21.65
N VAL A 253 -1.11 14.23 -21.84
CA VAL A 253 -1.53 14.56 -23.20
C VAL A 253 -0.62 15.64 -23.81
N HIS A 254 -0.18 16.62 -23.02
CA HIS A 254 0.72 17.64 -23.58
C HIS A 254 2.05 17.04 -24.00
N ARG A 255 2.62 16.15 -23.18
CA ARG A 255 3.82 15.44 -23.60
C ARG A 255 3.57 14.63 -24.87
N THR A 256 2.39 14.01 -25.00
CA THR A 256 2.06 13.28 -26.24
C THR A 256 2.10 14.22 -27.43
N LEU A 257 1.58 15.45 -27.28
CA LEU A 257 1.67 16.42 -28.37
C LEU A 257 3.12 16.82 -28.68
N VAL A 258 3.93 17.14 -27.64
CA VAL A 258 5.25 17.73 -27.87
C VAL A 258 6.22 16.67 -28.39
N TYR A 259 6.11 15.43 -27.89
CA TYR A 259 7.06 14.40 -28.25
C TYR A 259 6.46 13.29 -29.13
N GLY A 260 5.13 13.19 -29.25
CA GLY A 260 4.52 12.09 -29.99
C GLY A 260 4.41 10.84 -29.15
N GLY A 261 3.67 9.85 -29.69
CA GLY A 261 3.41 8.60 -29.00
C GLY A 261 1.91 8.39 -28.75
N ILE A 262 1.60 7.67 -27.66
CA ILE A 262 0.23 7.22 -27.41
C ILE A 262 -0.14 7.29 -25.93
N PHE A 263 -1.41 7.62 -25.69
CA PHE A 263 -2.02 7.71 -24.37
C PHE A 263 -3.28 6.86 -24.36
N LEU A 264 -3.45 6.01 -23.33
CA LEU A 264 -4.58 5.07 -23.23
C LEU A 264 -5.27 5.15 -21.88
N TYR A 265 -6.60 5.25 -21.91
CA TYR A 265 -7.47 4.98 -20.76
C TYR A 265 -8.64 4.15 -21.27
N PRO A 266 -8.43 2.85 -21.49
CA PRO A 266 -9.38 2.05 -22.24
C PRO A 266 -10.45 1.39 -21.37
N ALA A 267 -11.43 0.78 -22.06
CA ALA A 267 -12.52 0.03 -21.43
C ALA A 267 -12.08 -1.39 -21.06
N ASN A 268 -12.70 -1.93 -20.01
CA ASN A 268 -12.50 -3.33 -19.60
C ASN A 268 -13.84 -3.92 -19.16
N LYS A 269 -13.76 -5.12 -18.58
CA LYS A 269 -14.94 -5.85 -18.12
C LYS A 269 -15.62 -5.18 -16.93
N LYS A 270 -14.84 -4.67 -15.98
CA LYS A 270 -15.40 -3.99 -14.83
C LYS A 270 -15.91 -2.61 -15.19
N SER A 271 -15.40 -2.00 -16.24
CA SER A 271 -15.76 -0.64 -16.65
C SER A 271 -15.94 -0.63 -18.16
N PRO A 272 -17.08 -1.14 -18.66
CA PRO A 272 -17.24 -1.28 -20.11
C PRO A 272 -17.32 0.05 -20.84
N ASN A 273 -17.43 1.18 -20.13
CA ASN A 273 -17.48 2.49 -20.74
C ASN A 273 -16.25 3.36 -20.42
N GLY A 274 -15.20 2.82 -19.85
CA GLY A 274 -14.07 3.65 -19.50
C GLY A 274 -14.30 4.40 -18.19
N LYS A 275 -13.39 5.36 -17.92
CA LYS A 275 -13.47 6.20 -16.71
C LYS A 275 -13.49 7.70 -16.97
N LEU A 276 -12.72 8.19 -17.96
CA LEU A 276 -12.66 9.63 -18.23
C LEU A 276 -14.00 10.13 -18.76
N ARG A 277 -14.26 11.43 -18.54
CA ARG A 277 -15.54 12.06 -18.88
C ARG A 277 -15.53 12.61 -20.32
N LEU A 278 -16.59 12.29 -21.08
CA LEU A 278 -16.60 12.61 -22.51
C LEU A 278 -16.66 14.10 -22.77
N LEU A 279 -17.48 14.84 -22.01
CA LEU A 279 -17.78 16.21 -22.40
C LEU A 279 -16.59 17.14 -22.18
N TYR A 280 -15.92 17.05 -21.02
CA TYR A 280 -14.93 18.05 -20.65
C TYR A 280 -13.53 17.47 -20.43
N GLU A 281 -13.32 16.19 -20.74
CA GLU A 281 -11.97 15.64 -20.77
C GLU A 281 -11.65 15.01 -22.11
N CYS A 282 -12.45 14.04 -22.57
CA CYS A 282 -12.13 13.30 -23.78
C CYS A 282 -12.32 14.15 -25.04
N ASN A 283 -13.47 14.82 -25.16
CA ASN A 283 -13.74 15.55 -26.39
C ASN A 283 -12.73 16.66 -26.63
N PRO A 284 -12.44 17.55 -25.65
CA PRO A 284 -11.46 18.62 -25.93
C PRO A 284 -10.07 18.10 -26.28
N MET A 285 -9.60 17.05 -25.59
CA MET A 285 -8.32 16.48 -25.98
C MET A 285 -8.40 15.82 -27.36
N ALA A 286 -9.55 15.24 -27.71
CA ALA A 286 -9.69 14.68 -29.06
C ALA A 286 -9.61 15.77 -30.11
N TYR A 287 -10.27 16.90 -29.87
CA TYR A 287 -10.23 18.01 -30.81
C TYR A 287 -8.81 18.57 -31.00
N VAL A 288 -8.07 18.81 -29.90
CA VAL A 288 -6.69 19.27 -30.04
C VAL A 288 -5.87 18.31 -30.87
N MET A 289 -5.95 17.01 -30.56
CA MET A 289 -5.17 16.02 -31.29
C MET A 289 -5.49 16.04 -32.79
N GLU A 290 -6.76 16.08 -33.15
CA GLU A 290 -7.10 16.01 -34.57
C GLU A 290 -6.59 17.25 -35.30
N LYS A 291 -6.72 18.43 -34.68
CA LYS A 291 -6.23 19.67 -35.29
C LYS A 291 -4.71 19.71 -35.43
N ALA A 292 -3.98 18.90 -34.66
CA ALA A 292 -2.54 18.79 -34.79
C ALA A 292 -2.12 17.59 -35.60
N GLY A 293 -3.08 16.92 -36.27
CA GLY A 293 -2.80 15.78 -37.12
C GLY A 293 -2.73 14.41 -36.46
N GLY A 294 -3.31 14.22 -35.26
CA GLY A 294 -3.32 12.94 -34.59
C GLY A 294 -4.69 12.27 -34.59
N MET A 295 -4.81 11.22 -33.76
CA MET A 295 -6.03 10.42 -33.70
C MET A 295 -6.51 10.22 -32.27
N ALA A 296 -7.81 9.93 -32.12
CA ALA A 296 -8.40 9.66 -30.81
C ALA A 296 -9.67 8.81 -31.00
N THR A 297 -9.63 7.56 -30.51
CA THR A 297 -10.72 6.60 -30.67
C THR A 297 -11.12 6.00 -29.32
N THR A 298 -12.35 5.43 -29.26
CA THR A 298 -12.77 4.59 -28.16
C THR A 298 -12.45 3.12 -28.37
N GLY A 299 -12.00 2.73 -29.55
CA GLY A 299 -11.94 1.33 -29.87
C GLY A 299 -13.06 0.89 -30.80
N LYS A 300 -14.28 1.38 -30.58
CA LYS A 300 -15.39 1.09 -31.49
C LYS A 300 -15.70 2.24 -32.44
N GLU A 301 -15.37 3.47 -32.07
CA GLU A 301 -15.74 4.65 -32.85
C GLU A 301 -14.85 5.83 -32.45
N ALA A 302 -14.94 6.90 -33.24
CA ALA A 302 -14.25 8.15 -32.93
C ALA A 302 -14.85 8.82 -31.68
N VAL A 303 -13.97 9.36 -30.82
CA VAL A 303 -14.43 10.09 -29.64
C VAL A 303 -15.37 11.22 -30.04
N LEU A 304 -14.97 12.00 -31.04
CA LEU A 304 -15.73 13.16 -31.47
C LEU A 304 -17.06 12.81 -32.13
N ASP A 305 -17.30 11.54 -32.49
CA ASP A 305 -18.57 11.11 -33.07
C ASP A 305 -19.56 10.51 -32.07
N VAL A 306 -19.18 10.28 -30.81
CA VAL A 306 -20.14 9.73 -29.85
C VAL A 306 -21.19 10.78 -29.56
N ILE A 307 -22.45 10.36 -29.57
CA ILE A 307 -23.58 11.23 -29.25
C ILE A 307 -23.92 11.02 -27.77
N PRO A 308 -23.75 12.02 -26.93
CA PRO A 308 -23.97 11.79 -25.50
C PRO A 308 -25.45 11.83 -25.14
N THR A 309 -25.78 11.04 -24.11
CA THR A 309 -27.10 11.04 -23.48
C THR A 309 -27.07 11.54 -22.04
N ASP A 310 -25.91 11.69 -21.44
CA ASP A 310 -25.78 12.19 -20.07
C ASP A 310 -24.55 13.11 -20.00
N ILE A 311 -24.69 14.31 -19.42
CA ILE A 311 -23.58 15.28 -19.47
C ILE A 311 -22.36 14.78 -18.70
N HIS A 312 -22.54 13.83 -17.79
CA HIS A 312 -21.43 13.24 -17.02
C HIS A 312 -21.15 11.80 -17.43
N GLN A 313 -21.52 11.41 -18.63
CA GLN A 313 -21.24 10.05 -19.10
C GLN A 313 -19.76 9.87 -19.43
N ARG A 314 -19.29 8.64 -19.28
CA ARG A 314 -17.90 8.31 -19.47
C ARG A 314 -17.67 7.71 -20.86
N ALA A 315 -16.40 7.69 -21.26
CA ALA A 315 -16.02 7.11 -22.54
C ALA A 315 -14.58 6.67 -22.45
N PRO A 316 -14.22 5.53 -23.03
CA PRO A 316 -12.80 5.17 -23.12
C PRO A 316 -12.12 6.00 -24.20
N VAL A 317 -10.81 6.17 -24.05
CA VAL A 317 -10.05 7.03 -24.97
C VAL A 317 -8.68 6.43 -25.22
N ILE A 318 -8.27 6.45 -26.50
CA ILE A 318 -6.92 6.10 -26.95
C ILE A 318 -6.49 7.17 -27.97
N LEU A 319 -5.42 7.93 -27.67
CA LEU A 319 -5.09 9.06 -28.54
C LEU A 319 -3.58 9.23 -28.70
N GLY A 320 -3.21 10.04 -29.70
CA GLY A 320 -1.81 10.33 -29.99
C GLY A 320 -1.42 10.29 -31.46
N SER A 321 -0.15 9.94 -31.69
CA SER A 321 0.37 9.84 -33.05
C SER A 321 -0.42 8.82 -33.86
N PRO A 322 -0.69 9.10 -35.15
CA PRO A 322 -1.62 8.25 -35.91
C PRO A 322 -1.14 6.81 -36.13
N ASP A 323 0.13 6.60 -36.45
CA ASP A 323 0.63 5.24 -36.63
C ASP A 323 0.47 4.43 -35.35
N ASP A 324 0.65 5.08 -34.19
CA ASP A 324 0.54 4.34 -32.94
C ASP A 324 -0.90 3.95 -32.63
N VAL A 325 -1.85 4.87 -32.80
CA VAL A 325 -3.25 4.54 -32.55
C VAL A 325 -3.74 3.46 -33.50
N LEU A 326 -3.32 3.52 -34.77
CA LEU A 326 -3.73 2.49 -35.74
C LEU A 326 -3.24 1.11 -35.33
N GLU A 327 -2.00 1.01 -34.84
CA GLU A 327 -1.49 -0.28 -34.44
C GLU A 327 -2.29 -0.83 -33.28
N PHE A 328 -2.80 0.04 -32.42
CA PHE A 328 -3.65 -0.46 -31.35
C PHE A 328 -4.96 -1.01 -31.90
N LEU A 329 -5.58 -0.30 -32.86
CA LEU A 329 -6.86 -0.73 -33.40
C LEU A 329 -6.75 -2.08 -34.11
N LYS A 330 -5.59 -2.38 -34.70
CA LYS A 330 -5.42 -3.68 -35.33
C LYS A 330 -5.50 -4.82 -34.31
N VAL A 331 -4.83 -4.67 -33.16
CA VAL A 331 -4.90 -5.69 -32.10
C VAL A 331 -6.31 -5.80 -31.54
N TYR A 332 -6.98 -4.66 -31.34
CA TYR A 332 -8.33 -4.67 -30.77
C TYR A 332 -9.29 -5.44 -31.67
N GLU A 333 -9.16 -5.22 -32.98
CA GLU A 333 -10.05 -5.91 -33.89
C GLU A 333 -9.74 -7.40 -33.97
N LYS A 334 -8.46 -7.77 -33.87
CA LYS A 334 -8.12 -9.19 -33.89
C LYS A 334 -8.82 -9.93 -32.77
N HIS A 335 -9.05 -9.26 -31.64
CA HIS A 335 -9.76 -9.86 -30.51
C HIS A 335 -11.25 -9.59 -30.57
N SER A 336 -11.79 -9.32 -31.76
CA SER A 336 -13.23 -9.10 -31.99
C SER A 336 -13.85 -8.05 -31.05
N ASP B 10 3.69 29.66 15.17
CA ASP B 10 4.42 30.79 14.59
C ASP B 10 5.00 30.53 13.18
N VAL B 11 4.87 31.53 12.30
CA VAL B 11 5.42 31.42 10.95
C VAL B 11 6.95 31.31 11.03
N ASN B 12 7.53 30.55 10.09
CA ASN B 12 8.97 30.43 10.00
C ASN B 12 9.40 30.44 8.54
N THR B 13 10.62 30.91 8.29
CA THR B 13 11.20 30.95 6.95
C THR B 13 12.47 30.10 6.89
N LEU B 14 12.97 29.87 5.68
CA LEU B 14 14.19 29.07 5.55
C LEU B 14 15.39 29.73 6.23
N THR B 15 15.65 31.01 5.94
CA THR B 15 16.81 31.70 6.55
C THR B 15 16.68 31.83 8.07
N ARG B 16 15.49 32.15 8.56
CA ARG B 16 15.29 32.20 10.01
C ARG B 16 15.47 30.82 10.66
N PHE B 17 14.95 29.76 10.02
CA PHE B 17 15.08 28.40 10.57
C PHE B 17 16.53 27.94 10.62
N VAL B 18 17.33 28.23 9.57
CA VAL B 18 18.72 27.78 9.58
C VAL B 18 19.54 28.54 10.61
N MET B 19 19.28 29.85 10.78
CA MET B 19 20.03 30.64 11.75
C MET B 19 19.78 30.16 13.16
N GLU B 20 18.54 29.76 13.46
CA GLU B 20 18.17 29.31 14.79
C GLU B 20 18.81 27.97 15.11
N GLU B 21 18.75 27.01 14.18
CA GLU B 21 19.45 25.74 14.37
C GLU B 21 20.97 25.95 14.46
N GLY B 22 21.50 26.92 13.71
CA GLY B 22 22.94 27.16 13.72
C GLY B 22 23.43 27.79 15.00
N ARG B 23 22.71 28.81 15.50
CA ARG B 23 23.04 29.37 16.80
C ARG B 23 22.84 28.34 17.90
N LYS B 24 21.85 27.46 17.73
CA LYS B 24 21.62 26.39 18.70
C LYS B 24 22.84 25.49 18.79
N ALA B 25 23.49 25.23 17.67
CA ALA B 25 24.67 24.37 17.59
C ALA B 25 25.97 25.14 17.82
N ARG B 26 25.90 26.46 18.01
CA ARG B 26 27.06 27.28 18.34
C ARG B 26 28.10 27.26 17.21
N GLY B 27 27.62 27.21 15.95
CA GLY B 27 28.53 27.21 14.81
C GLY B 27 29.03 28.59 14.45
N THR B 28 30.01 28.65 13.55
CA THR B 28 30.59 29.93 13.19
C THR B 28 29.73 30.74 12.21
N GLY B 29 28.77 30.12 11.52
CA GLY B 29 27.98 30.82 10.53
C GLY B 29 28.35 30.55 9.08
N GLU B 30 29.40 29.77 8.83
CA GLU B 30 29.80 29.52 7.46
C GLU B 30 28.73 28.72 6.71
N LEU B 31 28.17 27.69 7.34
CA LEU B 31 27.14 26.89 6.68
C LEU B 31 25.88 27.73 6.43
N THR B 32 25.54 28.64 7.36
CA THR B 32 24.39 29.51 7.16
C THR B 32 24.63 30.46 5.99
N GLN B 33 25.82 31.04 5.88
CA GLN B 33 26.13 31.88 4.73
C GLN B 33 26.03 31.07 3.45
N LEU B 34 26.47 29.82 3.49
CA LEU B 34 26.36 28.93 2.34
C LEU B 34 24.91 28.73 1.92
N LEU B 35 24.07 28.26 2.85
CA LEU B 35 22.69 27.92 2.54
C LEU B 35 21.88 29.15 2.14
N ASN B 36 22.19 30.31 2.72
CA ASN B 36 21.52 31.55 2.31
C ASN B 36 21.87 31.92 0.87
N SER B 37 23.13 31.74 0.49
CA SER B 37 23.55 32.00 -0.88
C SER B 37 22.91 31.03 -1.86
N LEU B 38 22.82 29.75 -1.49
CA LEU B 38 22.20 28.76 -2.35
C LEU B 38 20.72 29.07 -2.56
N CYS B 39 20.05 29.53 -1.51
N CYS B 39 20.02 29.50 -1.50
CA CYS B 39 18.63 29.87 -1.56
CA CYS B 39 18.62 29.85 -1.65
C CYS B 39 18.37 31.10 -2.42
C CYS B 39 18.42 31.04 -2.57
N THR B 40 19.36 31.98 -2.58
CA THR B 40 19.25 33.09 -3.52
C THR B 40 19.35 32.58 -4.95
N ALA B 41 20.27 31.64 -5.22
CA ALA B 41 20.35 31.05 -6.54
C ALA B 41 19.07 30.28 -6.91
N VAL B 42 18.52 29.49 -5.97
CA VAL B 42 17.29 28.73 -6.26
C VAL B 42 16.13 29.66 -6.62
N LYS B 43 16.02 30.79 -5.93
CA LYS B 43 14.97 31.75 -6.28
C LYS B 43 15.20 32.34 -7.66
N ALA B 44 16.46 32.54 -8.05
CA ALA B 44 16.75 33.04 -9.38
C ALA B 44 16.48 31.99 -10.46
N ILE B 45 16.77 30.73 -10.16
CA ILE B 45 16.45 29.64 -11.07
C ILE B 45 14.94 29.50 -11.25
N SER B 46 14.20 29.52 -10.14
CA SER B 46 12.73 29.43 -10.27
C SER B 46 12.19 30.53 -11.15
N SER B 47 12.69 31.76 -10.99
CA SER B 47 12.17 32.88 -11.75
C SER B 47 12.36 32.70 -13.24
N ALA B 48 13.52 32.18 -13.63
CA ALA B 48 13.79 31.93 -15.04
C ALA B 48 13.03 30.71 -15.55
N VAL B 49 12.87 29.66 -14.73
CA VAL B 49 12.15 28.44 -15.16
C VAL B 49 10.67 28.74 -15.42
N ARG B 50 10.03 29.58 -14.60
CA ARG B 50 8.66 30.00 -14.87
C ARG B 50 8.57 31.06 -15.99
N LYS B 51 9.69 31.39 -16.64
CA LYS B 51 9.75 32.20 -17.86
C LYS B 51 9.51 33.69 -17.62
N ALA B 52 9.90 34.20 -16.46
CA ALA B 52 9.89 35.65 -16.29
C ALA B 52 10.87 36.30 -17.28
N GLY B 53 10.42 37.39 -17.92
CA GLY B 53 11.18 38.14 -18.90
C GLY B 53 11.30 37.51 -20.28
N ILE B 54 10.61 36.40 -20.53
CA ILE B 54 10.69 35.77 -21.85
C ILE B 54 10.18 36.72 -22.95
N ALA B 55 9.29 37.66 -22.62
CA ALA B 55 8.81 38.61 -23.63
C ALA B 55 9.96 39.40 -24.26
N HIS B 56 11.02 39.72 -23.50
CA HIS B 56 12.17 40.42 -24.05
C HIS B 56 12.97 39.53 -24.99
N LEU B 57 12.94 38.21 -24.76
CA LEU B 57 13.59 37.28 -25.67
C LEU B 57 12.86 37.21 -27.02
N TYR B 58 11.56 37.48 -27.04
CA TYR B 58 10.77 37.41 -28.27
C TYR B 58 10.50 38.79 -28.86
N GLY B 59 11.31 39.79 -28.50
CA GLY B 59 11.35 41.06 -29.20
C GLY B 59 10.39 42.16 -28.78
N ILE B 60 10.00 42.22 -27.50
CA ILE B 60 9.00 43.20 -27.09
C ILE B 60 9.53 44.63 -27.18
N ALA B 61 10.84 44.84 -27.02
CA ALA B 61 11.43 46.16 -27.17
C ALA B 61 12.21 46.32 -28.46
N GLY B 62 11.99 45.42 -29.42
CA GLY B 62 12.70 45.43 -30.70
C GLY B 62 14.04 44.72 -30.71
N LYS B 73 20.22 26.88 -22.63
CA LYS B 73 20.67 28.06 -21.89
C LYS B 73 20.26 27.98 -20.44
N LEU B 74 19.09 27.38 -20.18
CA LEU B 74 18.52 27.42 -18.83
C LEU B 74 19.33 26.58 -17.85
N ASP B 75 19.82 25.41 -18.28
CA ASP B 75 20.71 24.67 -17.42
C ASP B 75 22.07 25.35 -17.30
N VAL B 76 22.53 26.07 -18.34
CA VAL B 76 23.76 26.85 -18.27
C VAL B 76 23.60 28.06 -17.33
N LEU B 77 22.48 28.78 -17.44
CA LEU B 77 22.27 29.89 -16.51
C LEU B 77 22.16 29.38 -15.07
N SER B 78 21.48 28.24 -14.87
CA SER B 78 21.37 27.67 -13.54
C SER B 78 22.74 27.34 -12.94
N ASN B 79 23.63 26.73 -13.74
CA ASN B 79 24.97 26.43 -13.25
C ASN B 79 25.73 27.71 -12.91
N ASP B 80 25.59 28.75 -13.74
CA ASP B 80 26.26 30.02 -13.47
C ASP B 80 25.74 30.67 -12.19
N LEU B 81 24.43 30.58 -11.95
CA LEU B 81 23.87 31.19 -10.74
C LEU B 81 24.39 30.50 -9.49
N VAL B 82 24.32 29.16 -9.45
CA VAL B 82 24.76 28.42 -8.26
C VAL B 82 26.26 28.60 -8.03
N MET B 83 27.06 28.50 -9.09
CA MET B 83 28.52 28.66 -8.98
C MET B 83 28.90 30.01 -8.39
N ASN B 84 28.30 31.10 -8.91
CA ASN B 84 28.72 32.43 -8.49
C ASN B 84 28.24 32.77 -7.08
N MET B 85 27.01 32.39 -6.71
CA MET B 85 26.55 32.69 -5.36
C MET B 85 27.31 31.86 -4.32
N LEU B 86 27.75 30.65 -4.69
CA LEU B 86 28.53 29.83 -3.77
C LEU B 86 29.97 30.36 -3.63
N LYS B 87 30.62 30.68 -4.75
CA LYS B 87 31.96 31.25 -4.70
C LYS B 87 32.02 32.50 -3.82
N SER B 88 31.09 33.41 -4.02
CA SER B 88 31.07 34.69 -3.31
C SER B 88 30.52 34.58 -1.88
N SER B 89 30.13 33.38 -1.44
CA SER B 89 29.69 33.21 -0.06
C SER B 89 30.87 33.14 0.92
N PHE B 90 32.07 32.89 0.42
CA PHE B 90 33.25 32.67 1.27
C PHE B 90 33.08 31.45 2.16
N ALA B 91 32.24 30.51 1.76
CA ALA B 91 31.98 29.33 2.59
C ALA B 91 32.36 28.01 1.93
N THR B 92 32.88 28.04 0.69
CA THR B 92 33.17 26.82 -0.05
C THR B 92 34.60 26.84 -0.57
N CYS B 93 35.10 25.66 -0.94
CA CYS B 93 36.42 25.54 -1.55
C CYS B 93 36.40 24.67 -2.80
N VAL B 94 35.50 23.68 -2.87
CA VAL B 94 35.38 22.76 -4.00
C VAL B 94 33.91 22.60 -4.40
N LEU B 95 33.63 22.70 -5.70
CA LEU B 95 32.27 22.64 -6.22
C LEU B 95 32.21 21.60 -7.34
N VAL B 96 31.31 20.60 -7.19
CA VAL B 96 31.08 19.57 -8.20
C VAL B 96 29.67 19.75 -8.79
N SER B 97 29.60 19.82 -10.11
CA SER B 97 28.35 20.08 -10.81
C SER B 97 28.13 19.08 -11.93
N GLU B 98 26.89 18.68 -12.12
CA GLU B 98 26.56 17.84 -13.27
C GLU B 98 27.04 18.48 -14.57
N GLU B 99 27.11 19.82 -14.62
CA GLU B 99 27.43 20.56 -15.83
C GLU B 99 28.92 20.70 -16.10
N ASP B 100 29.79 20.25 -15.19
CA ASP B 100 31.23 20.50 -15.26
C ASP B 100 32.03 19.20 -15.24
N LYS B 101 33.00 19.09 -16.17
CA LYS B 101 33.78 17.87 -16.31
C LYS B 101 34.66 17.62 -15.10
N HIS B 102 35.34 18.66 -14.59
CA HIS B 102 36.20 18.61 -13.43
C HIS B 102 35.66 19.48 -12.29
N ALA B 103 36.08 19.18 -11.08
CA ALA B 103 35.73 20.01 -9.94
C ALA B 103 36.28 21.42 -10.12
N ILE B 104 35.52 22.41 -9.64
CA ILE B 104 35.90 23.81 -9.65
C ILE B 104 36.53 24.15 -8.29
N ILE B 105 37.71 24.77 -8.31
CA ILE B 105 38.41 25.14 -7.09
C ILE B 105 38.25 26.64 -6.88
N VAL B 106 37.65 27.02 -5.74
CA VAL B 106 37.40 28.43 -5.45
C VAL B 106 38.73 29.16 -5.27
N GLU B 107 38.83 30.37 -5.80
CA GLU B 107 40.08 31.12 -5.74
C GLU B 107 40.43 31.52 -4.30
N PRO B 108 41.73 31.67 -3.99
CA PRO B 108 42.18 31.67 -2.57
C PRO B 108 41.51 32.69 -1.67
N GLU B 109 41.28 33.92 -2.14
CA GLU B 109 40.67 34.92 -1.29
C GLU B 109 39.20 34.65 -0.96
N LYS B 110 38.58 33.63 -1.57
CA LYS B 110 37.17 33.38 -1.35
C LYS B 110 36.92 32.01 -0.71
N ARG B 111 37.98 31.32 -0.26
CA ARG B 111 37.85 29.95 0.18
C ARG B 111 37.21 29.83 1.55
N GLY B 112 36.38 28.81 1.70
CA GLY B 112 35.79 28.39 2.95
C GLY B 112 35.98 26.89 3.11
N LYS B 113 35.27 26.29 4.06
CA LYS B 113 35.57 24.92 4.46
C LYS B 113 34.60 23.88 3.92
N TYR B 114 33.64 24.24 3.07
CA TYR B 114 32.61 23.29 2.65
C TYR B 114 32.72 22.88 1.18
N VAL B 115 32.26 21.66 0.91
CA VAL B 115 32.20 21.05 -0.42
C VAL B 115 30.74 20.86 -0.79
N VAL B 116 30.38 21.23 -2.02
CA VAL B 116 29.00 21.11 -2.49
C VAL B 116 28.98 20.34 -3.81
N CYS B 117 28.16 19.30 -3.86
CA CYS B 117 27.87 18.58 -5.10
C CYS B 117 26.46 18.95 -5.54
N PHE B 118 26.28 19.35 -6.80
CA PHE B 118 24.93 19.76 -7.16
C PHE B 118 24.62 19.41 -8.61
N ASP B 119 23.32 19.24 -8.87
CA ASP B 119 22.71 19.17 -10.20
C ASP B 119 21.81 20.41 -10.33
N PRO B 120 22.24 21.45 -11.07
CA PRO B 120 21.49 22.71 -11.04
C PRO B 120 20.13 22.66 -11.72
N LEU B 121 19.92 21.83 -12.73
CA LEU B 121 18.58 21.78 -13.31
C LEU B 121 18.34 20.34 -13.80
N ASP B 122 18.01 19.46 -12.86
CA ASP B 122 17.76 18.05 -13.17
C ASP B 122 16.48 17.87 -13.97
N GLY B 123 16.55 16.98 -14.96
CA GLY B 123 15.41 16.71 -15.78
C GLY B 123 15.19 17.68 -16.91
N SER B 124 16.14 18.61 -17.13
CA SER B 124 15.98 19.70 -18.08
C SER B 124 16.00 19.27 -19.53
N SER B 125 16.40 18.03 -19.82
CA SER B 125 16.41 17.55 -21.20
C SER B 125 15.00 17.45 -21.78
N ASN B 126 14.00 17.20 -20.92
CA ASN B 126 12.59 17.14 -21.31
C ASN B 126 11.83 18.41 -20.95
N ILE B 127 12.52 19.54 -20.79
CA ILE B 127 11.82 20.77 -20.41
C ILE B 127 10.97 21.33 -21.55
N ASP B 128 11.12 20.81 -22.78
CA ASP B 128 10.27 21.22 -23.89
C ASP B 128 8.79 20.89 -23.64
N CYS B 129 8.49 19.85 -22.86
CA CYS B 129 7.10 19.54 -22.55
C CYS B 129 6.66 20.06 -21.18
N LEU B 130 7.48 20.93 -20.54
CA LEU B 130 7.12 21.59 -19.29
C LEU B 130 6.93 20.60 -18.15
N VAL B 131 7.56 19.41 -18.24
CA VAL B 131 7.65 18.52 -17.09
C VAL B 131 8.33 19.25 -15.92
N SER B 132 8.06 18.77 -14.71
CA SER B 132 8.75 19.25 -13.52
C SER B 132 10.26 19.11 -13.62
N VAL B 133 10.99 20.08 -13.07
CA VAL B 133 12.44 20.06 -12.98
C VAL B 133 12.87 20.42 -11.55
N GLY B 134 14.15 20.26 -11.25
CA GLY B 134 14.60 20.52 -9.90
C GLY B 134 16.10 20.71 -9.78
N THR B 135 16.50 21.15 -8.59
CA THR B 135 17.90 21.32 -8.21
C THR B 135 18.19 20.38 -7.04
N ILE B 136 19.29 19.64 -7.12
CA ILE B 136 19.67 18.66 -6.12
C ILE B 136 21.04 19.06 -5.56
N PHE B 137 21.21 18.94 -4.24
CA PHE B 137 22.48 19.37 -3.66
C PHE B 137 22.83 18.50 -2.46
N GLY B 138 24.13 18.30 -2.25
CA GLY B 138 24.68 17.68 -1.06
C GLY B 138 25.93 18.42 -0.59
N ILE B 139 26.07 18.59 0.71
CA ILE B 139 27.10 19.44 1.30
C ILE B 139 27.95 18.63 2.27
N TYR B 140 29.28 18.63 2.06
CA TYR B 140 30.26 17.96 2.93
C TYR B 140 31.26 18.96 3.50
N ARG B 141 31.73 18.69 4.72
CA ARG B 141 32.91 19.37 5.20
C ARG B 141 34.13 18.81 4.47
N LYS B 142 35.09 19.69 4.13
CA LYS B 142 36.26 19.27 3.37
C LYS B 142 37.19 18.41 4.23
N LYS B 143 38.13 17.72 3.58
CA LYS B 143 38.93 16.71 4.26
C LYS B 143 40.34 17.13 4.63
N SER B 144 41.07 17.83 3.77
CA SER B 144 42.44 18.13 4.13
C SER B 144 42.58 19.56 4.62
N THR B 145 43.70 19.81 5.27
CA THR B 145 44.09 21.15 5.66
C THR B 145 45.10 21.75 4.69
N ASP B 146 45.58 20.95 3.74
CA ASP B 146 46.51 21.41 2.70
C ASP B 146 45.85 22.43 1.79
N GLU B 147 45.62 22.01 0.54
CA GLU B 147 44.98 22.72 -0.54
C GLU B 147 43.78 21.96 -1.05
N PRO B 148 42.73 22.67 -1.44
CA PRO B 148 41.53 22.04 -1.97
C PRO B 148 41.82 21.29 -3.27
N SER B 149 41.25 20.09 -3.40
CA SER B 149 41.38 19.32 -4.63
C SER B 149 40.12 18.49 -4.84
N GLU B 150 40.10 17.78 -5.97
CA GLU B 150 38.95 16.96 -6.32
C GLU B 150 38.64 15.91 -5.27
N LYS B 151 39.68 15.40 -4.59
CA LYS B 151 39.47 14.33 -3.62
C LYS B 151 38.49 14.74 -2.53
N ASP B 152 38.40 16.04 -2.23
CA ASP B 152 37.51 16.49 -1.17
C ASP B 152 36.05 16.18 -1.46
N ALA B 153 35.70 15.92 -2.71
CA ALA B 153 34.34 15.58 -3.09
C ALA B 153 34.07 14.08 -3.17
N LEU B 154 35.06 13.24 -2.91
CA LEU B 154 34.90 11.79 -3.02
C LEU B 154 34.59 11.14 -1.66
N GLN B 155 33.57 11.64 -0.92
CA GLN B 155 33.17 11.03 0.34
C GLN B 155 31.87 10.23 0.19
N PRO B 156 31.66 9.19 1.00
CA PRO B 156 30.38 8.46 0.97
C PRO B 156 29.23 9.26 1.57
N GLY B 157 28.01 8.89 1.17
CA GLY B 157 26.83 9.61 1.59
C GLY B 157 26.65 9.72 3.10
N ARG B 158 27.16 8.74 3.86
CA ARG B 158 27.13 8.81 5.32
C ARG B 158 27.70 10.12 5.85
N ASN B 159 28.60 10.77 5.10
CA ASN B 159 29.31 11.96 5.54
C ASN B 159 28.55 13.26 5.31
N LEU B 160 27.34 13.21 4.76
CA LEU B 160 26.66 14.44 4.40
C LEU B 160 26.33 15.26 5.65
N VAL B 161 26.53 16.59 5.54
CA VAL B 161 26.13 17.53 6.58
C VAL B 161 24.70 18.03 6.36
N ALA B 162 24.33 18.27 5.11
CA ALA B 162 22.97 18.67 4.74
C ALA B 162 22.77 18.31 3.28
N ALA B 163 21.53 18.02 2.91
CA ALA B 163 21.21 17.68 1.53
C ALA B 163 19.72 17.92 1.31
N GLY B 164 19.35 18.05 0.04
CA GLY B 164 17.94 18.19 -0.29
C GLY B 164 17.75 18.60 -1.73
N TYR B 165 16.60 19.19 -2.02
CA TYR B 165 16.26 19.52 -3.40
C TYR B 165 15.26 20.65 -3.44
N ALA B 166 15.23 21.32 -4.59
CA ALA B 166 14.16 22.25 -4.96
C ALA B 166 13.37 21.59 -6.07
N LEU B 167 12.05 21.52 -5.92
CA LEU B 167 11.18 20.99 -6.96
C LEU B 167 10.46 22.16 -7.63
N TYR B 168 10.64 22.31 -8.93
CA TYR B 168 9.90 23.32 -9.70
C TYR B 168 8.71 22.62 -10.38
N GLY B 169 7.67 22.39 -9.59
CA GLY B 169 6.49 21.71 -10.09
C GLY B 169 5.35 22.69 -10.26
N SER B 170 4.13 22.30 -9.86
CA SER B 170 3.02 23.24 -9.90
C SER B 170 3.27 24.42 -8.95
N ALA B 171 4.01 24.21 -7.86
CA ALA B 171 4.64 25.29 -7.10
C ALA B 171 6.08 24.89 -6.88
N THR B 172 6.88 25.81 -6.31
CA THR B 172 8.29 25.60 -6.00
C THR B 172 8.50 25.27 -4.52
N MET B 173 9.10 24.14 -4.24
CA MET B 173 9.31 23.73 -2.85
C MET B 173 10.77 23.33 -2.67
N LEU B 174 11.34 23.74 -1.55
CA LEU B 174 12.67 23.33 -1.16
C LEU B 174 12.55 22.36 0.00
N VAL B 175 13.11 21.16 -0.18
CA VAL B 175 13.16 20.14 0.85
C VAL B 175 14.58 20.10 1.39
N LEU B 176 14.75 20.35 2.69
CA LEU B 176 16.06 20.38 3.35
C LEU B 176 16.14 19.34 4.45
N ALA B 177 17.10 18.43 4.32
CA ALA B 177 17.38 17.42 5.33
C ALA B 177 18.70 17.75 6.00
N MET B 178 18.70 17.74 7.33
CA MET B 178 19.92 17.82 8.09
C MET B 178 19.81 16.79 9.20
N ASP B 179 20.76 16.84 10.14
CA ASP B 179 20.75 15.89 11.24
C ASP B 179 19.46 15.97 12.05
N CYS B 180 18.88 17.17 12.18
CA CYS B 180 17.65 17.41 12.93
C CYS B 180 16.38 16.88 12.26
N GLY B 181 16.44 16.35 11.01
CA GLY B 181 15.28 15.82 10.33
C GLY B 181 15.08 16.44 8.96
N VAL B 182 13.88 16.24 8.40
CA VAL B 182 13.50 16.71 7.07
C VAL B 182 12.42 17.76 7.22
N ASN B 183 12.60 18.92 6.58
CA ASN B 183 11.63 20.00 6.63
C ASN B 183 11.38 20.56 5.23
N CYS B 184 10.11 20.92 4.95
CA CYS B 184 9.65 21.32 3.63
C CYS B 184 9.21 22.78 3.61
N PHE B 185 9.78 23.56 2.70
CA PHE B 185 9.57 25.00 2.60
C PHE B 185 8.98 25.36 1.23
N MET B 186 7.88 26.11 1.24
CA MET B 186 7.20 26.52 0.02
C MET B 186 7.61 27.96 -0.33
N LEU B 187 8.13 28.16 -1.55
CA LEU B 187 8.44 29.51 -2.00
C LEU B 187 7.15 30.27 -2.31
N ASP B 188 6.97 31.42 -1.63
CA ASP B 188 5.91 32.39 -1.86
C ASP B 188 6.45 33.44 -2.83
N PRO B 189 6.12 33.36 -4.13
CA PRO B 189 6.75 34.26 -5.09
C PRO B 189 6.36 35.71 -4.93
N ALA B 190 5.32 36.03 -4.16
CA ALA B 190 4.97 37.43 -3.95
C ALA B 190 5.99 38.16 -3.06
N ILE B 191 6.75 37.43 -2.24
CA ILE B 191 7.74 38.10 -1.39
C ILE B 191 9.12 37.49 -1.52
N GLY B 192 9.28 36.40 -2.29
CA GLY B 192 10.59 35.80 -2.44
C GLY B 192 11.12 35.30 -1.11
N GLU B 193 10.27 34.55 -0.42
CA GLU B 193 10.60 33.93 0.86
C GLU B 193 10.16 32.47 0.85
N PHE B 194 10.96 31.58 1.44
CA PHE B 194 10.62 30.17 1.60
C PHE B 194 9.92 29.95 2.95
N ILE B 195 8.66 29.50 2.93
CA ILE B 195 7.82 29.35 4.12
C ILE B 195 7.77 27.87 4.57
N LEU B 196 7.97 27.64 5.86
CA LEU B 196 7.94 26.27 6.41
C LEU B 196 6.51 25.71 6.43
N VAL B 197 6.26 24.58 5.77
CA VAL B 197 4.89 24.08 5.70
C VAL B 197 4.71 22.65 6.18
N ASP B 198 5.76 21.84 6.21
CA ASP B 198 5.68 20.46 6.71
C ASP B 198 6.92 20.22 7.58
N LYS B 199 6.72 20.03 8.89
CA LYS B 199 7.83 19.93 9.84
C LYS B 199 8.15 18.47 10.16
N ASP B 200 9.44 18.15 10.16
CA ASP B 200 9.92 16.86 10.66
C ASP B 200 9.12 15.70 10.06
N VAL B 201 9.19 15.61 8.73
CA VAL B 201 8.33 14.75 7.94
C VAL B 201 8.82 13.31 8.05
N LYS B 202 7.88 12.37 8.03
CA LYS B 202 8.16 10.94 8.06
C LYS B 202 7.32 10.22 7.00
N ILE B 203 7.89 9.21 6.34
CA ILE B 203 7.21 8.49 5.27
C ILE B 203 6.30 7.38 5.80
N LYS B 204 5.24 7.07 5.03
CA LYS B 204 4.41 5.90 5.30
C LYS B 204 5.25 4.63 5.32
N LYS B 205 4.91 3.73 6.26
CA LYS B 205 5.58 2.44 6.35
C LYS B 205 5.35 1.60 5.10
N LYS B 206 4.18 1.72 4.47
CA LYS B 206 3.90 0.96 3.25
C LYS B 206 2.91 1.70 2.36
N GLY B 207 3.18 1.70 1.06
CA GLY B 207 2.38 2.42 0.10
C GLY B 207 1.62 1.51 -0.85
N LYS B 208 1.07 2.14 -1.89
CA LYS B 208 0.21 1.47 -2.86
C LYS B 208 0.56 1.86 -4.30
N ILE B 209 1.77 2.37 -4.51
CA ILE B 209 2.23 2.89 -5.79
C ILE B 209 3.65 2.41 -6.01
N TYR B 210 3.94 1.91 -7.23
CA TYR B 210 5.31 1.62 -7.65
C TYR B 210 5.64 2.47 -8.86
N SER B 211 6.92 2.80 -9.03
CA SER B 211 7.37 3.83 -9.96
C SER B 211 8.65 3.41 -10.65
N LEU B 212 8.57 3.11 -11.95
CA LEU B 212 9.76 2.82 -12.74
C LEU B 212 9.36 2.81 -14.20
N ASN B 213 10.37 2.85 -15.08
CA ASN B 213 10.20 2.81 -16.53
C ASN B 213 10.00 1.36 -16.98
N GLU B 214 8.73 0.94 -17.10
CA GLU B 214 8.47 -0.45 -17.50
C GLU B 214 8.70 -0.71 -18.98
N GLY B 215 8.96 0.31 -19.78
CA GLY B 215 9.21 0.05 -21.19
C GLY B 215 10.47 -0.74 -21.44
N TYR B 216 11.39 -0.76 -20.48
CA TYR B 216 12.63 -1.53 -20.57
C TYR B 216 12.54 -2.85 -19.81
N ALA B 217 11.32 -3.42 -19.70
CA ALA B 217 11.11 -4.66 -18.95
C ALA B 217 11.86 -5.84 -19.56
N LYS B 218 12.09 -5.82 -20.87
CA LYS B 218 12.87 -6.86 -21.53
C LYS B 218 14.27 -6.98 -20.93
N ASP B 219 14.79 -5.91 -20.32
CA ASP B 219 16.11 -5.90 -19.73
C ASP B 219 16.07 -6.12 -18.23
N PHE B 220 14.89 -6.36 -17.64
CA PHE B 220 14.77 -6.43 -16.19
C PHE B 220 15.60 -7.57 -15.59
N ASP B 221 16.16 -7.30 -14.42
CA ASP B 221 16.70 -8.36 -13.58
C ASP B 221 15.54 -9.27 -13.16
N PRO B 222 15.78 -10.57 -13.02
CA PRO B 222 14.67 -11.49 -12.69
C PRO B 222 13.93 -11.11 -11.43
N ALA B 223 14.63 -10.54 -10.44
CA ALA B 223 13.98 -10.14 -9.20
C ALA B 223 13.10 -8.91 -9.42
N VAL B 224 13.56 -7.96 -10.24
CA VAL B 224 12.72 -6.83 -10.60
C VAL B 224 11.48 -7.32 -11.34
N THR B 225 11.65 -8.29 -12.24
CA THR B 225 10.48 -8.87 -12.91
C THR B 225 9.53 -9.49 -11.90
N GLU B 226 10.06 -10.30 -10.98
CA GLU B 226 9.16 -10.98 -10.04
C GLU B 226 8.49 -9.99 -9.10
N TYR B 227 9.23 -8.99 -8.61
CA TYR B 227 8.62 -8.04 -7.69
C TYR B 227 7.48 -7.27 -8.36
N ILE B 228 7.69 -6.81 -9.61
CA ILE B 228 6.61 -6.10 -10.29
C ILE B 228 5.42 -7.02 -10.54
N GLN B 229 5.66 -8.29 -10.84
CA GLN B 229 4.56 -9.24 -11.03
C GLN B 229 3.68 -9.34 -9.78
N ARG B 230 4.30 -9.29 -8.59
CA ARG B 230 3.58 -9.34 -7.32
C ARG B 230 2.75 -8.07 -7.07
N LYS B 231 3.11 -6.93 -7.68
CA LYS B 231 2.31 -5.73 -7.53
C LYS B 231 1.02 -5.77 -8.35
N LYS B 232 1.06 -6.42 -9.52
CA LYS B 232 -0.11 -6.52 -10.38
C LYS B 232 -1.02 -7.70 -10.03
N PHE B 233 -0.43 -8.84 -9.65
CA PHE B 233 -1.16 -10.08 -9.39
C PHE B 233 -0.77 -10.58 -8.01
N PRO B 234 -1.33 -9.97 -6.97
CA PRO B 234 -0.92 -10.31 -5.61
C PRO B 234 -1.27 -11.74 -5.25
N PRO B 235 -0.34 -12.50 -4.69
CA PRO B 235 -0.67 -13.87 -4.28
C PRO B 235 -1.71 -13.92 -3.16
N ASP B 236 -1.75 -12.91 -2.28
CA ASP B 236 -2.75 -12.87 -1.21
C ASP B 236 -4.04 -12.18 -1.64
N ASN B 237 -4.41 -12.29 -2.93
CA ASN B 237 -5.60 -11.73 -3.57
C ASN B 237 -6.02 -10.34 -3.08
N SER B 238 -5.12 -9.60 -2.44
CA SER B 238 -5.37 -8.21 -2.08
C SER B 238 -5.34 -7.31 -3.33
N ALA B 239 -5.57 -6.02 -3.14
CA ALA B 239 -5.67 -5.10 -4.27
C ALA B 239 -4.30 -4.80 -4.88
N PRO B 240 -4.20 -4.78 -6.21
CA PRO B 240 -2.95 -4.40 -6.88
C PRO B 240 -2.57 -2.95 -6.64
N TYR B 241 -1.26 -2.67 -6.75
CA TYR B 241 -0.75 -1.30 -6.68
C TYR B 241 -1.03 -0.52 -7.98
N GLY B 242 -1.11 0.81 -7.86
CA GLY B 242 -1.08 1.66 -9.03
C GLY B 242 0.34 1.98 -9.48
N ALA B 243 0.47 2.44 -10.72
CA ALA B 243 1.76 2.82 -11.31
C ALA B 243 1.80 4.32 -11.58
N ARG B 244 2.95 4.95 -11.29
CA ARG B 244 3.22 6.36 -11.65
C ARG B 244 4.68 6.50 -12.03
N TYR B 245 4.96 7.22 -13.13
CA TYR B 245 6.35 7.50 -13.50
C TYR B 245 6.42 8.78 -14.32
N VAL B 246 6.78 9.90 -13.68
CA VAL B 246 6.94 11.20 -14.35
C VAL B 246 8.19 11.21 -15.25
N GLY B 247 9.24 10.52 -14.85
CA GLY B 247 10.49 10.59 -15.58
C GLY B 247 11.42 11.71 -15.16
N SER B 248 11.05 12.49 -14.14
CA SER B 248 11.91 13.51 -13.57
C SER B 248 12.12 13.10 -12.12
N MET B 249 13.38 12.79 -11.79
CA MET B 249 13.65 12.09 -10.52
C MET B 249 13.14 12.88 -9.33
N VAL B 250 13.34 14.20 -9.33
CA VAL B 250 12.89 15.02 -8.21
C VAL B 250 11.37 14.91 -8.05
N ALA B 251 10.61 14.89 -9.17
CA ALA B 251 9.16 14.75 -9.07
C ALA B 251 8.75 13.35 -8.59
N ASP B 252 9.38 12.30 -9.10
CA ASP B 252 9.04 10.94 -8.69
C ASP B 252 9.47 10.65 -7.24
N VAL B 253 10.64 11.16 -6.84
CA VAL B 253 11.09 10.96 -5.47
C VAL B 253 10.18 11.73 -4.52
N HIS B 254 9.78 12.95 -4.90
CA HIS B 254 8.96 13.74 -3.99
C HIS B 254 7.59 13.12 -3.79
N ARG B 255 7.00 12.56 -4.86
CA ARG B 255 5.73 11.86 -4.71
C ARG B 255 5.86 10.65 -3.79
N THR B 256 6.98 9.92 -3.87
CA THR B 256 7.18 8.78 -2.97
C THR B 256 7.22 9.21 -1.51
N LEU B 257 7.90 10.33 -1.22
CA LEU B 257 7.94 10.87 0.14
C LEU B 257 6.55 11.27 0.63
N VAL B 258 5.79 11.97 -0.22
CA VAL B 258 4.51 12.54 0.22
C VAL B 258 3.43 11.45 0.30
N TYR B 259 3.44 10.47 -0.59
CA TYR B 259 2.37 9.47 -0.65
C TYR B 259 2.78 8.08 -0.21
N GLY B 260 4.07 7.79 -0.10
CA GLY B 260 4.52 6.45 0.16
C GLY B 260 4.57 5.64 -1.13
N GLY B 261 5.18 4.45 -1.02
CA GLY B 261 5.38 3.58 -2.15
C GLY B 261 6.87 3.32 -2.39
N ILE B 262 7.21 3.03 -3.64
CA ILE B 262 8.56 2.62 -4.01
C ILE B 262 8.93 3.21 -5.37
N PHE B 263 10.20 3.60 -5.51
CA PHE B 263 10.75 4.17 -6.74
C PHE B 263 11.97 3.35 -7.11
N LEU B 264 12.06 2.94 -8.38
CA LEU B 264 13.11 2.04 -8.84
C LEU B 264 13.82 2.61 -10.06
N TYR B 265 15.15 2.62 -10.01
CA TYR B 265 15.99 2.78 -11.19
C TYR B 265 17.14 1.79 -11.05
N PRO B 266 16.88 0.51 -11.28
CA PRO B 266 17.79 -0.55 -10.82
C PRO B 266 18.83 -0.94 -11.87
N ALA B 267 19.74 -1.81 -11.43
CA ALA B 267 20.76 -2.35 -12.32
C ALA B 267 20.19 -3.48 -13.18
N ASN B 268 20.73 -3.60 -14.39
CA ASN B 268 20.44 -4.70 -15.31
C ASN B 268 21.75 -5.11 -15.98
N LYS B 269 21.69 -6.00 -16.96
CA LYS B 269 22.95 -6.41 -17.58
C LYS B 269 23.55 -5.27 -18.40
N LYS B 270 22.72 -4.49 -19.08
CA LYS B 270 23.18 -3.41 -19.95
C LYS B 270 23.71 -2.21 -19.16
N SER B 271 23.27 -2.02 -17.92
CA SER B 271 23.69 -0.90 -17.09
C SER B 271 23.87 -1.45 -15.69
N PRO B 272 24.96 -2.17 -15.45
CA PRO B 272 25.12 -2.88 -14.16
C PRO B 272 25.28 -1.93 -12.98
N ASN B 273 25.58 -0.66 -13.24
CA ASN B 273 25.71 0.35 -12.21
C ASN B 273 24.62 1.40 -12.27
N GLY B 274 23.53 1.13 -12.98
CA GLY B 274 22.46 2.10 -13.05
C GLY B 274 22.78 3.22 -14.02
N LYS B 275 21.98 4.28 -13.93
CA LYS B 275 22.13 5.46 -14.77
C LYS B 275 22.25 6.74 -13.95
N LEU B 276 21.55 6.81 -12.83
CA LEU B 276 21.57 8.03 -12.04
C LEU B 276 22.96 8.24 -11.44
N ARG B 277 23.29 9.49 -11.17
CA ARG B 277 24.63 9.85 -10.68
C ARG B 277 24.66 9.77 -9.16
N LEU B 278 25.73 9.15 -8.64
CA LEU B 278 25.81 8.87 -7.20
C LEU B 278 25.97 10.14 -6.37
N LEU B 279 26.83 11.06 -6.80
CA LEU B 279 27.28 12.16 -5.93
C LEU B 279 26.21 13.23 -5.74
N TYR B 280 25.50 13.60 -6.81
CA TYR B 280 24.56 14.72 -6.78
C TYR B 280 23.15 14.35 -7.22
N GLU B 281 22.84 13.05 -7.39
CA GLU B 281 21.46 12.56 -7.56
C GLU B 281 21.11 11.47 -6.54
N CYS B 282 21.86 10.37 -6.49
CA CYS B 282 21.45 9.26 -5.62
C CYS B 282 21.66 9.59 -4.14
N ASN B 283 22.85 10.09 -3.78
CA ASN B 283 23.16 10.31 -2.36
C ASN B 283 22.25 11.34 -1.70
N PRO B 284 22.03 12.54 -2.26
CA PRO B 284 21.12 13.46 -1.58
C PRO B 284 19.72 12.89 -1.39
N MET B 285 19.17 12.17 -2.39
CA MET B 285 17.83 11.58 -2.21
C MET B 285 17.85 10.44 -1.20
N ALA B 286 18.90 9.60 -1.21
CA ALA B 286 19.00 8.56 -0.21
C ALA B 286 19.07 9.13 1.19
N TYR B 287 19.82 10.22 1.37
CA TYR B 287 19.89 10.88 2.67
C TYR B 287 18.52 11.38 3.09
N VAL B 288 17.82 12.07 2.19
CA VAL B 288 16.48 12.58 2.54
C VAL B 288 15.57 11.43 2.97
N MET B 289 15.55 10.32 2.19
CA MET B 289 14.69 9.19 2.53
C MET B 289 15.03 8.63 3.91
N GLU B 290 16.31 8.41 4.20
CA GLU B 290 16.63 7.81 5.49
C GLU B 290 16.27 8.76 6.63
N LYS B 291 16.50 10.06 6.45
CA LYS B 291 16.12 11.01 7.49
C LYS B 291 14.62 11.05 7.72
N ALA B 292 13.80 10.66 6.73
CA ALA B 292 12.35 10.62 6.87
C ALA B 292 11.81 9.24 7.25
N GLY B 293 12.70 8.31 7.64
CA GLY B 293 12.30 6.98 8.05
C GLY B 293 12.09 5.99 6.93
N GLY B 294 12.64 6.25 5.74
CA GLY B 294 12.56 5.34 4.63
C GLY B 294 13.90 4.67 4.38
N MET B 295 14.01 4.01 3.23
CA MET B 295 15.17 3.21 2.89
C MET B 295 15.63 3.53 1.48
N ALA B 296 16.91 3.25 1.20
CA ALA B 296 17.44 3.48 -0.13
C ALA B 296 18.63 2.55 -0.34
N THR B 297 18.47 1.58 -1.25
CA THR B 297 19.42 0.53 -1.54
C THR B 297 19.78 0.52 -3.02
N THR B 298 20.92 -0.08 -3.31
CA THR B 298 21.29 -0.47 -4.67
C THR B 298 20.80 -1.88 -4.98
N GLY B 299 20.21 -2.57 -3.99
CA GLY B 299 19.93 -3.98 -4.09
C GLY B 299 20.94 -4.77 -3.28
N LYS B 300 22.21 -4.38 -3.35
CA LYS B 300 23.26 -5.03 -2.59
C LYS B 300 23.63 -4.30 -1.31
N GLU B 301 23.44 -2.98 -1.24
CA GLU B 301 23.84 -2.24 -0.05
C GLU B 301 23.12 -0.91 -0.02
N ALA B 302 23.21 -0.23 1.12
CA ALA B 302 22.68 1.12 1.25
C ALA B 302 23.45 2.09 0.36
N VAL B 303 22.72 2.97 -0.32
CA VAL B 303 23.33 3.95 -1.21
C VAL B 303 24.38 4.77 -0.45
N LEU B 304 24.05 5.20 0.76
CA LEU B 304 24.95 6.07 1.53
C LEU B 304 26.25 5.39 1.93
N ASP B 305 26.38 4.08 1.77
CA ASP B 305 27.61 3.35 2.12
C ASP B 305 28.54 3.14 0.95
N VAL B 306 28.14 3.48 -0.27
CA VAL B 306 29.03 3.37 -1.41
C VAL B 306 30.14 4.43 -1.29
N ILE B 307 31.38 4.02 -1.44
CA ILE B 307 32.51 4.96 -1.45
C ILE B 307 32.88 5.27 -2.90
N PRO B 308 32.75 6.52 -3.34
CA PRO B 308 32.97 6.84 -4.76
C PRO B 308 34.44 6.96 -5.11
N THR B 309 34.74 6.68 -6.39
CA THR B 309 36.07 6.89 -6.93
C THR B 309 36.10 7.91 -8.06
N ASP B 310 34.95 8.33 -8.57
CA ASP B 310 34.88 9.29 -9.66
C ASP B 310 33.71 10.22 -9.40
N ILE B 311 33.92 11.52 -9.60
CA ILE B 311 32.88 12.48 -9.23
C ILE B 311 31.61 12.30 -10.06
N HIS B 312 31.71 11.65 -11.23
CA HIS B 312 30.55 11.43 -12.10
C HIS B 312 30.15 9.95 -12.18
N GLN B 313 30.51 9.13 -11.20
CA GLN B 313 30.16 7.71 -11.28
C GLN B 313 28.68 7.48 -11.02
N ARG B 314 28.15 6.40 -11.58
CA ARG B 314 26.75 6.04 -11.48
C ARG B 314 26.51 4.98 -10.39
N ALA B 315 25.23 4.84 -10.00
CA ALA B 315 24.82 3.85 -9.02
C ALA B 315 23.34 3.56 -9.20
N PRO B 316 22.90 2.31 -9.06
CA PRO B 316 21.46 2.02 -9.05
C PRO B 316 20.80 2.34 -7.72
N VAL B 317 19.50 2.63 -7.75
CA VAL B 317 18.79 3.09 -6.55
C VAL B 317 17.38 2.50 -6.52
N ILE B 318 16.98 2.02 -5.32
CA ILE B 318 15.62 1.57 -5.00
C ILE B 318 15.28 2.16 -3.63
N LEU B 319 14.27 3.04 -3.57
CA LEU B 319 14.04 3.80 -2.35
C LEU B 319 12.54 3.97 -2.11
N GLY B 320 12.21 4.38 -0.90
CA GLY B 320 10.81 4.58 -0.55
C GLY B 320 10.40 4.03 0.81
N SER B 321 9.12 3.65 0.90
CA SER B 321 8.58 3.11 2.15
C SER B 321 9.35 1.85 2.58
N PRO B 322 9.56 1.67 3.91
CA PRO B 322 10.37 0.53 4.37
C PRO B 322 9.75 -0.83 4.10
N ASP B 323 8.45 -1.03 4.38
CA ASP B 323 7.86 -2.34 4.08
C ASP B 323 8.01 -2.71 2.61
N ASP B 324 7.94 -1.72 1.71
CA ASP B 324 8.05 -2.01 0.29
C ASP B 324 9.47 -2.37 -0.09
N VAL B 325 10.46 -1.61 0.40
CA VAL B 325 11.86 -1.92 0.09
C VAL B 325 12.26 -3.27 0.68
N LEU B 326 11.79 -3.58 1.89
CA LEU B 326 12.07 -4.88 2.48
C LEU B 326 11.46 -6.01 1.65
N GLU B 327 10.22 -5.83 1.20
CA GLU B 327 9.60 -6.83 0.33
C GLU B 327 10.37 -7.01 -0.96
N PHE B 328 10.91 -5.91 -1.51
CA PHE B 328 11.73 -6.03 -2.71
C PHE B 328 13.01 -6.81 -2.41
N LEU B 329 13.68 -6.49 -1.31
CA LEU B 329 14.95 -7.15 -0.99
C LEU B 329 14.75 -8.64 -0.75
N LYS B 330 13.62 -9.01 -0.16
CA LYS B 330 13.30 -10.43 0.02
C LYS B 330 13.26 -11.15 -1.31
N VAL B 331 12.59 -10.57 -2.31
CA VAL B 331 12.62 -11.18 -3.63
C VAL B 331 14.03 -11.14 -4.19
N TYR B 332 14.74 -10.03 -3.93
CA TYR B 332 16.11 -9.92 -4.45
C TYR B 332 17.00 -10.99 -3.86
N GLU B 333 16.86 -11.24 -2.56
CA GLU B 333 17.67 -12.25 -1.88
C GLU B 333 17.29 -13.66 -2.33
N LYS B 334 16.02 -13.90 -2.64
CA LYS B 334 15.62 -15.23 -3.11
C LYS B 334 16.36 -15.60 -4.39
N HIS B 335 16.64 -14.62 -5.26
CA HIS B 335 17.37 -14.87 -6.49
C HIS B 335 18.88 -14.77 -6.28
N SER B 336 19.33 -14.92 -5.03
CA SER B 336 20.73 -14.92 -4.64
C SER B 336 21.50 -13.72 -5.17
N ASP C 10 -19.99 43.39 -10.84
CA ASP C 10 -19.14 42.45 -11.59
C ASP C 10 -17.75 43.03 -11.88
N VAL C 11 -16.72 42.19 -11.74
CA VAL C 11 -15.36 42.64 -11.99
C VAL C 11 -15.15 43.05 -13.46
N ASN C 12 -14.28 44.04 -13.67
CA ASN C 12 -13.95 44.48 -15.02
C ASN C 12 -12.46 44.80 -15.11
N THR C 13 -11.91 44.60 -16.31
CA THR C 13 -10.52 44.86 -16.62
C THR C 13 -10.41 45.91 -17.72
N LEU C 14 -9.16 46.35 -17.96
CA LEU C 14 -8.92 47.35 -18.99
C LEU C 14 -9.30 46.85 -20.37
N THR C 15 -8.89 45.62 -20.72
CA THR C 15 -9.17 45.09 -22.05
C THR C 15 -10.66 44.91 -22.27
N ARG C 16 -11.33 44.33 -21.28
CA ARG C 16 -12.76 44.08 -21.36
C ARG C 16 -13.55 45.39 -21.42
N PHE C 17 -13.12 46.42 -20.67
CA PHE C 17 -13.81 47.70 -20.72
C PHE C 17 -13.68 48.34 -22.10
N VAL C 18 -12.50 48.23 -22.71
CA VAL C 18 -12.29 48.84 -24.00
C VAL C 18 -13.06 48.09 -25.08
N MET C 19 -13.11 46.75 -25.00
CA MET C 19 -13.82 45.96 -26.01
C MET C 19 -15.32 46.24 -25.97
N GLU C 20 -15.89 46.38 -24.78
CA GLU C 20 -17.32 46.68 -24.69
C GLU C 20 -17.63 48.09 -25.17
N GLU C 21 -16.81 49.08 -24.78
CA GLU C 21 -16.98 50.42 -25.33
C GLU C 21 -16.79 50.42 -26.83
N GLY C 22 -15.93 49.54 -27.34
CA GLY C 22 -15.72 49.46 -28.78
C GLY C 22 -16.90 48.84 -29.51
N ARG C 23 -17.46 47.76 -28.96
CA ARG C 23 -18.66 47.18 -29.56
C ARG C 23 -19.86 48.11 -29.42
N LYS C 24 -19.94 48.86 -28.31
CA LYS C 24 -21.01 49.85 -28.16
C LYS C 24 -20.94 50.89 -29.27
N ALA C 25 -19.74 51.32 -29.64
CA ALA C 25 -19.59 52.32 -30.68
C ALA C 25 -19.50 51.73 -32.07
N ARG C 26 -19.51 50.39 -32.21
CA ARG C 26 -19.50 49.73 -33.51
C ARG C 26 -18.29 50.11 -34.35
N GLY C 27 -17.17 50.31 -33.71
CA GLY C 27 -15.93 50.58 -34.40
C GLY C 27 -15.31 49.31 -34.93
N THR C 28 -14.22 49.48 -35.70
CA THR C 28 -13.51 48.39 -36.35
C THR C 28 -12.60 47.58 -35.43
N GLY C 29 -12.18 48.12 -34.29
CA GLY C 29 -11.22 47.45 -33.43
C GLY C 29 -9.80 47.98 -33.48
N GLU C 30 -9.48 48.91 -34.41
CA GLU C 30 -8.11 49.40 -34.54
C GLU C 30 -7.64 50.13 -33.28
N LEU C 31 -8.52 50.93 -32.68
CA LEU C 31 -8.17 51.65 -31.46
C LEU C 31 -7.99 50.70 -30.28
N THR C 32 -8.80 49.65 -30.21
CA THR C 32 -8.65 48.63 -29.18
C THR C 32 -7.33 47.92 -29.31
N GLN C 33 -6.94 47.61 -30.55
CA GLN C 33 -5.63 47.01 -30.76
C GLN C 33 -4.51 47.96 -30.32
N LEU C 34 -4.67 49.27 -30.59
CA LEU C 34 -3.66 50.25 -30.17
C LEU C 34 -3.52 50.26 -28.64
N LEU C 35 -4.64 50.44 -27.94
CA LEU C 35 -4.64 50.57 -26.49
C LEU C 35 -4.18 49.29 -25.81
N ASN C 36 -4.54 48.13 -26.37
CA ASN C 36 -4.04 46.87 -25.83
C ASN C 36 -2.53 46.78 -25.96
N SER C 37 -1.99 47.23 -27.09
CA SER C 37 -0.53 47.26 -27.24
C SER C 37 0.14 48.23 -26.28
N LEU C 38 -0.42 49.43 -26.11
CA LEU C 38 0.19 50.38 -25.20
C LEU C 38 0.21 49.82 -23.77
N CYS C 39 -0.89 49.18 -23.35
N CYS C 39 -0.87 49.18 -23.34
CA CYS C 39 -0.99 48.66 -21.99
CA CYS C 39 -0.93 48.67 -21.97
C CYS C 39 0.01 47.53 -21.75
C CYS C 39 0.08 47.55 -21.75
N THR C 40 0.30 46.73 -22.77
CA THR C 40 1.39 45.76 -22.69
C THR C 40 2.73 46.47 -22.48
N ALA C 41 2.95 47.59 -23.21
CA ALA C 41 4.17 48.36 -23.02
C ALA C 41 4.28 48.92 -21.60
N VAL C 42 3.17 49.40 -21.05
CA VAL C 42 3.19 49.98 -19.72
C VAL C 42 3.55 48.92 -18.70
N LYS C 43 3.04 47.69 -18.86
CA LYS C 43 3.37 46.64 -17.90
C LYS C 43 4.84 46.33 -17.93
N ALA C 44 5.47 46.36 -19.12
CA ALA C 44 6.90 46.13 -19.15
C ALA C 44 7.67 47.31 -18.55
N ILE C 45 7.19 48.53 -18.78
CA ILE C 45 7.84 49.68 -18.18
C ILE C 45 7.73 49.63 -16.66
N SER C 46 6.53 49.32 -16.14
CA SER C 46 6.37 49.21 -14.70
C SER C 46 7.34 48.21 -14.12
N SER C 47 7.49 47.04 -14.76
CA SER C 47 8.38 46.01 -14.26
C SER C 47 9.83 46.48 -14.25
N ALA C 48 10.24 47.25 -15.26
CA ALA C 48 11.61 47.74 -15.28
C ALA C 48 11.82 48.86 -14.26
N VAL C 49 10.82 49.72 -14.09
CA VAL C 49 10.96 50.83 -13.14
C VAL C 49 11.09 50.31 -11.71
N ARG C 50 10.33 49.28 -11.35
CA ARG C 50 10.43 48.65 -10.03
C ARG C 50 11.66 47.77 -9.89
N LYS C 51 12.50 47.71 -10.94
CA LYS C 51 13.83 47.09 -10.90
C LYS C 51 13.81 45.55 -10.87
N ALA C 52 12.81 44.92 -11.49
CA ALA C 52 12.86 43.46 -11.65
C ALA C 52 14.09 43.08 -12.46
N GLY C 53 14.85 42.11 -11.97
CA GLY C 53 16.10 41.73 -12.61
C GLY C 53 17.33 42.61 -12.34
N ILE C 54 17.26 43.63 -11.47
CA ILE C 54 18.46 44.45 -11.21
C ILE C 54 19.64 43.61 -10.70
N ALA C 55 19.36 42.50 -10.01
CA ALA C 55 20.42 41.62 -9.53
C ALA C 55 21.29 41.09 -10.67
N HIS C 56 20.73 40.86 -11.86
CA HIS C 56 21.58 40.39 -12.95
C HIS C 56 22.52 41.49 -13.43
N LEU C 57 22.11 42.75 -13.34
CA LEU C 57 22.99 43.85 -13.72
C LEU C 57 24.17 44.01 -12.77
N TYR C 58 24.04 43.55 -11.53
CA TYR C 58 25.09 43.64 -10.54
C TYR C 58 25.82 42.31 -10.30
N GLY C 59 25.74 41.37 -11.24
CA GLY C 59 26.60 40.21 -11.20
C GLY C 59 26.14 38.99 -10.42
N ILE C 60 24.83 38.77 -10.30
CA ILE C 60 24.36 37.61 -9.53
C ILE C 60 24.75 36.32 -10.24
N ALA C 61 24.88 36.35 -11.58
CA ALA C 61 25.38 35.20 -12.32
C ALA C 61 26.83 35.38 -12.76
N GLY C 62 27.56 36.31 -12.12
CA GLY C 62 28.95 36.60 -12.48
C GLY C 62 29.16 37.60 -13.60
N LYS C 73 19.73 52.25 -20.45
CA LYS C 73 19.21 53.35 -19.65
C LYS C 73 17.68 53.32 -19.70
N LEU C 74 17.05 53.72 -18.60
CA LEU C 74 15.62 53.46 -18.43
C LEU C 74 14.75 54.30 -19.38
N ASP C 75 15.10 55.56 -19.59
CA ASP C 75 14.27 56.32 -20.51
C ASP C 75 14.46 55.84 -21.95
N VAL C 76 15.65 55.33 -22.28
CA VAL C 76 15.88 54.72 -23.58
C VAL C 76 15.08 53.41 -23.70
N LEU C 77 15.12 52.56 -22.67
CA LEU C 77 14.37 51.30 -22.74
C LEU C 77 12.88 51.57 -22.84
N SER C 78 12.38 52.53 -22.05
CA SER C 78 10.96 52.84 -22.11
C SER C 78 10.54 53.33 -23.49
N ASN C 79 11.35 54.18 -24.11
CA ASN C 79 11.04 54.69 -25.44
C ASN C 79 10.97 53.54 -26.44
N ASP C 80 11.89 52.58 -26.34
CA ASP C 80 11.93 51.44 -27.26
C ASP C 80 10.72 50.54 -27.08
N LEU C 81 10.26 50.37 -25.84
CA LEU C 81 9.10 49.53 -25.59
C LEU C 81 7.83 50.11 -26.20
N VAL C 82 7.59 51.42 -25.96
CA VAL C 82 6.41 52.10 -26.50
C VAL C 82 6.46 52.16 -28.02
N MET C 83 7.62 52.53 -28.59
CA MET C 83 7.77 52.62 -30.03
C MET C 83 7.46 51.29 -30.71
N ASN C 84 7.97 50.19 -30.14
CA ASN C 84 7.84 48.90 -30.81
C ASN C 84 6.41 48.35 -30.73
N MET C 85 5.76 48.48 -29.56
CA MET C 85 4.41 47.95 -29.43
C MET C 85 3.40 48.76 -30.24
N LEU C 86 3.64 50.06 -30.40
CA LEU C 86 2.72 50.87 -31.22
C LEU C 86 2.90 50.57 -32.71
N LYS C 87 4.16 50.55 -33.19
CA LYS C 87 4.43 50.18 -34.58
C LYS C 87 3.82 48.83 -34.95
N SER C 88 4.02 47.82 -34.08
CA SER C 88 3.58 46.46 -34.35
C SER C 88 2.09 46.25 -34.11
N SER C 89 1.37 47.27 -33.64
CA SER C 89 -0.07 47.13 -33.51
C SER C 89 -0.79 47.26 -34.85
N PHE C 90 -0.12 47.75 -35.91
CA PHE C 90 -0.75 48.07 -37.19
C PHE C 90 -1.79 49.16 -37.06
N ALA C 91 -1.71 50.00 -36.04
CA ALA C 91 -2.75 50.98 -35.83
C ALA C 91 -2.25 52.42 -35.85
N THR C 92 -0.96 52.66 -36.11
CA THR C 92 -0.41 54.02 -36.00
C THR C 92 0.34 54.39 -37.27
N CYS C 93 0.56 55.72 -37.47
CA CYS C 93 1.35 56.17 -38.62
C CYS C 93 2.43 57.23 -38.32
N VAL C 94 2.24 58.07 -37.30
CA VAL C 94 3.20 59.11 -36.93
C VAL C 94 3.37 59.07 -35.42
N LEU C 95 4.63 59.09 -34.93
CA LEU C 95 4.92 58.96 -33.49
C LEU C 95 5.87 60.08 -33.04
N VAL C 96 5.45 60.89 -32.07
CA VAL C 96 6.29 61.94 -31.48
C VAL C 96 6.62 61.58 -30.03
N SER C 97 7.91 61.65 -29.68
CA SER C 97 8.40 61.27 -28.36
C SER C 97 9.33 62.34 -27.82
N GLU C 98 9.27 62.51 -26.50
CA GLU C 98 10.19 63.43 -25.84
C GLU C 98 11.64 63.11 -26.17
N GLU C 99 11.94 61.84 -26.46
CA GLU C 99 13.29 61.35 -26.64
C GLU C 99 13.85 61.53 -28.04
N ASP C 100 13.04 61.91 -29.04
CA ASP C 100 13.47 61.90 -30.44
C ASP C 100 13.35 63.28 -31.06
N LYS C 101 14.43 63.72 -31.72
CA LYS C 101 14.51 65.08 -32.22
C LYS C 101 13.47 65.33 -33.30
N HIS C 102 13.24 64.37 -34.19
CA HIS C 102 12.19 64.51 -35.19
C HIS C 102 11.12 63.44 -35.02
N ALA C 103 9.93 63.71 -35.55
CA ALA C 103 8.83 62.76 -35.55
C ALA C 103 9.26 61.47 -36.24
N ILE C 104 8.72 60.35 -35.77
CA ILE C 104 8.98 59.03 -36.36
C ILE C 104 7.82 58.63 -37.27
N ILE C 105 8.13 58.28 -38.52
CA ILE C 105 7.12 57.90 -39.51
C ILE C 105 7.14 56.37 -39.64
N VAL C 106 6.01 55.73 -39.33
CA VAL C 106 5.90 54.28 -39.38
C VAL C 106 6.01 53.77 -40.83
N GLU C 107 6.67 52.63 -41.00
CA GLU C 107 6.86 52.06 -42.33
C GLU C 107 5.53 51.63 -42.97
N PRO C 108 5.45 51.67 -44.31
CA PRO C 108 4.14 51.51 -44.97
C PRO C 108 3.43 50.22 -44.65
N GLU C 109 4.14 49.08 -44.55
CA GLU C 109 3.45 47.82 -44.31
C GLU C 109 2.82 47.71 -42.92
N LYS C 110 3.08 48.66 -42.01
CA LYS C 110 2.54 48.60 -40.65
C LYS C 110 1.64 49.79 -40.32
N ARG C 111 1.29 50.62 -41.30
CA ARG C 111 0.62 51.88 -41.01
C ARG C 111 -0.86 51.67 -40.67
N GLY C 112 -1.31 52.45 -39.70
CA GLY C 112 -2.70 52.52 -39.32
C GLY C 112 -3.15 53.95 -39.27
N LYS C 113 -4.29 54.25 -38.65
CA LYS C 113 -4.88 55.56 -38.85
C LYS C 113 -4.62 56.57 -37.73
N TYR C 114 -3.82 56.23 -36.72
CA TYR C 114 -3.67 57.08 -35.54
C TYR C 114 -2.29 57.71 -35.42
N VAL C 115 -2.27 58.89 -34.80
CA VAL C 115 -1.07 59.64 -34.42
C VAL C 115 -0.95 59.61 -32.89
N VAL C 116 0.26 59.34 -32.36
CA VAL C 116 0.50 59.25 -30.91
C VAL C 116 1.66 60.17 -30.49
N CYS C 117 1.39 61.08 -29.55
CA CYS C 117 2.44 61.88 -28.93
C CYS C 117 2.67 61.37 -27.50
N PHE C 118 3.93 61.07 -27.15
CA PHE C 118 4.11 60.52 -25.81
C PHE C 118 5.44 60.92 -25.20
N ASP C 119 5.45 60.91 -23.86
CA ASP C 119 6.65 61.00 -23.00
C ASP C 119 6.78 59.65 -22.32
N PRO C 120 7.71 58.80 -22.75
CA PRO C 120 7.71 57.42 -22.26
C PRO C 120 8.10 57.32 -20.78
N LEU C 121 8.93 58.23 -20.25
CA LEU C 121 9.34 58.20 -18.83
C LEU C 121 9.57 59.63 -18.34
N ASP C 122 8.47 60.31 -18.03
CA ASP C 122 8.55 61.68 -17.55
C ASP C 122 9.07 61.74 -16.11
N GLY C 123 9.98 62.67 -15.86
CA GLY C 123 10.61 62.80 -14.57
C GLY C 123 11.82 61.93 -14.34
N SER C 124 12.31 61.24 -15.37
CA SER C 124 13.39 60.26 -15.19
C SER C 124 14.74 60.89 -14.89
N SER C 125 14.89 62.21 -15.04
CA SER C 125 16.16 62.83 -14.71
C SER C 125 16.44 62.79 -13.20
N ASN C 126 15.39 62.84 -12.37
CA ASN C 126 15.54 62.74 -10.92
C ASN C 126 15.18 61.34 -10.40
N ILE C 127 15.20 60.32 -11.26
CA ILE C 127 14.92 58.95 -10.84
C ILE C 127 16.03 58.42 -9.95
N ASP C 128 17.15 59.16 -9.87
CA ASP C 128 18.26 58.85 -8.96
C ASP C 128 17.79 58.87 -7.51
N CYS C 129 16.76 59.65 -7.20
CA CYS C 129 16.20 59.67 -5.87
C CYS C 129 14.87 58.90 -5.74
N LEU C 130 14.48 58.12 -6.77
CA LEU C 130 13.30 57.24 -6.73
C LEU C 130 12.00 58.00 -6.60
N VAL C 131 12.01 59.26 -7.01
CA VAL C 131 10.78 60.02 -7.21
C VAL C 131 9.86 59.24 -8.13
N SER C 132 8.56 59.45 -7.99
CA SER C 132 7.60 58.94 -8.95
C SER C 132 8.00 59.39 -10.34
N VAL C 133 7.74 58.53 -11.32
CA VAL C 133 7.87 58.84 -12.74
C VAL C 133 6.62 58.31 -13.43
N GLY C 134 6.47 58.65 -14.73
CA GLY C 134 5.26 58.25 -15.43
C GLY C 134 5.40 58.22 -16.94
N THR C 135 4.35 57.69 -17.58
CA THR C 135 4.22 57.67 -19.04
C THR C 135 3.02 58.51 -19.43
N ILE C 136 3.20 59.47 -20.33
CA ILE C 136 2.11 60.37 -20.73
C ILE C 136 1.85 60.17 -22.22
N PHE C 137 0.57 60.09 -22.60
CA PHE C 137 0.25 59.84 -24.01
C PHE C 137 -1.01 60.58 -24.44
N GLY C 138 -1.02 60.98 -25.71
CA GLY C 138 -2.22 61.51 -26.37
C GLY C 138 -2.37 60.95 -27.77
N ILE C 139 -3.59 60.56 -28.15
CA ILE C 139 -3.86 59.81 -29.38
C ILE C 139 -4.80 60.64 -30.27
N TYR C 140 -4.38 60.87 -31.51
CA TYR C 140 -5.18 61.58 -32.51
C TYR C 140 -5.45 60.67 -33.71
N ARG C 141 -6.61 60.86 -34.34
CA ARG C 141 -6.84 60.35 -35.69
C ARG C 141 -6.04 61.20 -36.68
N LYS C 142 -5.30 60.56 -37.58
CA LYS C 142 -4.63 61.34 -38.62
C LYS C 142 -5.67 62.12 -39.39
N LYS C 143 -5.46 63.44 -39.53
CA LYS C 143 -6.50 64.34 -39.99
C LYS C 143 -6.38 64.75 -41.46
N SER C 144 -5.17 64.95 -41.97
CA SER C 144 -5.03 65.31 -43.37
C SER C 144 -4.81 64.03 -44.18
N THR C 145 -5.02 64.11 -45.49
CA THR C 145 -4.84 62.96 -46.37
C THR C 145 -3.49 62.97 -47.05
N ASP C 146 -2.61 63.93 -46.74
CA ASP C 146 -1.26 63.97 -47.28
C ASP C 146 -0.46 62.74 -46.87
N GLU C 147 0.78 62.62 -47.34
CA GLU C 147 1.60 61.51 -46.89
C GLU C 147 2.04 61.78 -45.44
N PRO C 148 2.16 60.74 -44.61
CA PRO C 148 2.41 60.98 -43.19
C PRO C 148 3.69 61.77 -42.97
N SER C 149 3.60 62.80 -42.14
CA SER C 149 4.76 63.61 -41.81
C SER C 149 4.60 64.23 -40.43
N GLU C 150 5.64 64.97 -40.03
CA GLU C 150 5.69 65.62 -38.73
C GLU C 150 4.49 66.54 -38.49
N LYS C 151 3.97 67.15 -39.57
CA LYS C 151 2.83 68.08 -39.49
C LYS C 151 1.58 67.44 -38.91
N ASP C 152 1.44 66.10 -39.04
CA ASP C 152 0.24 65.40 -38.58
C ASP C 152 0.08 65.41 -37.07
N ALA C 153 1.17 65.68 -36.32
CA ALA C 153 1.14 65.77 -34.87
C ALA C 153 0.88 67.19 -34.37
N LEU C 154 0.68 68.14 -35.28
CA LEU C 154 0.46 69.54 -34.91
C LEU C 154 -1.00 69.88 -34.81
N GLN C 155 -1.79 69.06 -34.21
CA GLN C 155 -3.18 69.41 -34.06
C GLN C 155 -3.43 70.00 -32.68
N PRO C 156 -4.44 70.84 -32.52
CA PRO C 156 -4.76 71.32 -31.18
C PRO C 156 -5.33 70.18 -30.33
N GLY C 157 -5.13 70.29 -29.02
CA GLY C 157 -5.56 69.24 -28.08
C GLY C 157 -7.04 68.93 -28.15
N ARG C 158 -7.86 69.91 -28.58
CA ARG C 158 -9.28 69.67 -28.79
C ARG C 158 -9.53 68.43 -29.63
N ASN C 159 -8.56 68.03 -30.46
CA ASN C 159 -8.77 66.94 -31.41
C ASN C 159 -8.50 65.57 -30.84
N LEU C 160 -8.12 65.46 -29.57
CA LEU C 160 -7.70 64.19 -29.01
C LEU C 160 -8.83 63.17 -29.00
N VAL C 161 -8.49 61.92 -29.35
CA VAL C 161 -9.44 60.81 -29.32
C VAL C 161 -9.37 60.07 -27.99
N ALA C 162 -8.16 59.92 -27.47
CA ALA C 162 -7.90 59.35 -26.15
C ALA C 162 -6.55 59.89 -25.69
N ALA C 163 -6.42 60.03 -24.38
CA ALA C 163 -5.20 60.49 -23.73
C ALA C 163 -5.25 60.02 -22.30
N GLY C 164 -4.07 59.97 -21.68
CA GLY C 164 -4.00 59.63 -20.27
C GLY C 164 -2.55 59.36 -19.88
N TYR C 165 -2.40 58.64 -18.78
CA TYR C 165 -1.07 58.40 -18.26
C TYR C 165 -1.06 57.15 -17.38
N ALA C 166 0.13 56.59 -17.28
CA ALA C 166 0.46 55.58 -16.28
C ALA C 166 1.40 56.21 -15.27
N LEU C 167 1.04 56.12 -13.98
CA LEU C 167 1.86 56.62 -12.87
C LEU C 167 2.52 55.43 -12.18
N TYR C 168 3.86 55.43 -12.13
CA TYR C 168 4.64 54.42 -11.40
C TYR C 168 4.98 55.01 -10.04
N GLY C 169 3.99 54.97 -9.14
CA GLY C 169 4.16 55.51 -7.81
C GLY C 169 4.29 54.41 -6.80
N SER C 170 3.60 54.54 -5.66
CA SER C 170 3.60 53.44 -4.69
C SER C 170 2.93 52.21 -5.27
N ALA C 171 1.97 52.40 -6.17
CA ALA C 171 1.45 51.38 -7.06
C ALA C 171 1.39 51.97 -8.47
N THR C 172 1.17 51.10 -9.45
CA THR C 172 1.08 51.52 -10.84
C THR C 172 -0.39 51.60 -11.25
N MET C 173 -0.81 52.79 -11.68
CA MET C 173 -2.19 53.04 -12.07
C MET C 173 -2.24 53.59 -13.49
N LEU C 174 -3.24 53.16 -14.26
CA LEU C 174 -3.48 53.67 -15.60
C LEU C 174 -4.75 54.52 -15.59
N VAL C 175 -4.62 55.80 -15.94
CA VAL C 175 -5.75 56.71 -16.03
C VAL C 175 -6.06 56.90 -17.52
N LEU C 176 -7.29 56.55 -17.94
CA LEU C 176 -7.72 56.60 -19.35
C LEU C 176 -8.90 57.55 -19.48
N ALA C 177 -8.74 58.61 -20.27
CA ALA C 177 -9.82 59.53 -20.57
C ALA C 177 -10.22 59.39 -22.04
N MET C 178 -11.52 59.21 -22.29
CA MET C 178 -12.09 59.19 -23.63
C MET C 178 -13.38 60.01 -23.62
N ASP C 179 -14.14 59.91 -24.71
CA ASP C 179 -15.40 60.62 -24.79
C ASP C 179 -16.35 60.20 -23.68
N CYS C 180 -16.32 58.93 -23.27
CA CYS C 180 -17.18 58.43 -22.21
C CYS C 180 -16.78 58.88 -20.81
N GLY C 181 -15.64 59.55 -20.63
CA GLY C 181 -15.21 60.01 -19.31
C GLY C 181 -13.83 59.48 -18.92
N VAL C 182 -13.52 59.61 -17.62
CA VAL C 182 -12.22 59.24 -17.08
C VAL C 182 -12.38 58.01 -16.19
N ASN C 183 -11.53 57.00 -16.40
CA ASN C 183 -11.57 55.75 -15.65
C ASN C 183 -10.17 55.35 -15.20
N CYS C 184 -10.07 54.82 -13.98
CA CYS C 184 -8.80 54.49 -13.33
C CYS C 184 -8.65 52.99 -13.13
N PHE C 185 -7.52 52.46 -13.57
CA PHE C 185 -7.23 51.04 -13.56
C PHE C 185 -5.95 50.82 -12.76
N MET C 186 -6.01 49.91 -11.80
CA MET C 186 -4.88 49.56 -10.94
C MET C 186 -4.20 48.32 -11.50
N LEU C 187 -2.90 48.37 -11.72
CA LEU C 187 -2.24 47.17 -12.18
C LEU C 187 -2.11 46.19 -11.01
N ASP C 188 -2.71 44.99 -11.15
CA ASP C 188 -2.51 43.89 -10.20
C ASP C 188 -1.34 43.07 -10.70
N PRO C 189 -0.15 43.25 -10.12
CA PRO C 189 1.02 42.55 -10.66
C PRO C 189 1.01 41.04 -10.45
N ALA C 190 0.10 40.48 -9.64
CA ALA C 190 0.02 39.02 -9.45
C ALA C 190 -0.54 38.29 -10.67
N ILE C 191 -1.33 38.98 -11.49
CA ILE C 191 -1.95 38.40 -12.68
C ILE C 191 -1.73 39.27 -13.92
N GLY C 192 -1.08 40.43 -13.79
CA GLY C 192 -0.77 41.26 -14.92
C GLY C 192 -2.04 41.71 -15.61
N GLU C 193 -2.98 42.21 -14.81
CA GLU C 193 -4.24 42.68 -15.33
C GLU C 193 -4.55 44.05 -14.73
N PHE C 194 -5.08 44.97 -15.55
CA PHE C 194 -5.52 46.28 -15.05
C PHE C 194 -6.97 46.16 -14.61
N ILE C 195 -7.20 46.33 -13.30
CA ILE C 195 -8.52 46.15 -12.69
C ILE C 195 -9.20 47.50 -12.53
N LEU C 196 -10.45 47.59 -12.94
CA LEU C 196 -11.19 48.83 -12.81
C LEU C 196 -11.53 49.11 -11.36
N VAL C 197 -11.04 50.22 -10.82
CA VAL C 197 -11.26 50.52 -9.41
C VAL C 197 -11.99 51.84 -9.17
N ASP C 198 -12.03 52.78 -10.14
CA ASP C 198 -12.73 54.06 -9.99
C ASP C 198 -13.42 54.40 -11.30
N LYS C 199 -14.75 54.39 -11.36
CA LYS C 199 -15.50 54.58 -12.61
C LYS C 199 -15.94 56.04 -12.77
N ASP C 200 -15.74 56.58 -13.97
CA ASP C 200 -16.30 57.89 -14.38
C ASP C 200 -15.97 59.02 -13.38
N VAL C 201 -14.67 59.23 -13.15
CA VAL C 201 -14.26 60.07 -12.01
C VAL C 201 -14.41 61.55 -12.34
N LYS C 202 -14.66 62.35 -11.29
CA LYS C 202 -14.78 63.80 -11.40
C LYS C 202 -13.96 64.51 -10.34
N ILE C 203 -13.31 65.63 -10.72
CA ILE C 203 -12.45 66.40 -9.80
C ILE C 203 -13.32 67.28 -8.92
N LYS C 204 -12.86 67.53 -7.70
CA LYS C 204 -13.53 68.44 -6.77
C LYS C 204 -13.69 69.82 -7.38
N LYS C 205 -14.82 70.46 -7.10
CA LYS C 205 -15.03 71.83 -7.59
C LYS C 205 -13.96 72.79 -7.07
N LYS C 206 -13.44 72.54 -5.87
CA LYS C 206 -12.41 73.40 -5.31
C LYS C 206 -11.56 72.56 -4.35
N GLY C 207 -10.25 72.81 -4.36
CA GLY C 207 -9.32 72.08 -3.51
C GLY C 207 -8.61 72.95 -2.47
N LYS C 208 -7.58 72.41 -1.82
CA LYS C 208 -6.89 73.15 -0.76
C LYS C 208 -5.37 73.03 -0.83
N ILE C 209 -4.81 72.73 -2.00
CA ILE C 209 -3.38 72.53 -2.21
C ILE C 209 -2.96 73.29 -3.46
N TYR C 210 -1.81 73.97 -3.41
CA TYR C 210 -1.22 74.61 -4.57
C TYR C 210 0.16 74.03 -4.84
N SER C 211 0.57 74.01 -6.11
CA SER C 211 1.77 73.26 -6.55
C SER C 211 2.53 74.04 -7.62
N LEU C 212 3.72 74.55 -7.27
CA LEU C 212 4.69 75.13 -8.21
C LEU C 212 6.05 75.28 -7.52
N ASN C 213 7.11 75.41 -8.33
CA ASN C 213 8.49 75.58 -7.88
C ASN C 213 8.72 77.05 -7.49
N GLU C 214 8.60 77.35 -6.20
CA GLU C 214 8.75 78.73 -5.74
C GLU C 214 10.18 79.26 -5.79
N GLY C 215 11.17 78.46 -6.17
CA GLY C 215 12.55 78.94 -6.35
C GLY C 215 12.74 79.96 -7.46
N TYR C 216 11.76 80.10 -8.37
CA TYR C 216 11.78 81.14 -9.39
C TYR C 216 11.01 82.37 -8.97
N ALA C 217 10.85 82.60 -7.67
CA ALA C 217 10.02 83.70 -7.20
C ALA C 217 10.56 85.05 -7.66
N LYS C 218 11.89 85.16 -7.84
CA LYS C 218 12.51 86.39 -8.33
C LYS C 218 12.07 86.75 -9.75
N ASP C 219 11.73 85.74 -10.57
CA ASP C 219 11.39 85.97 -11.97
C ASP C 219 9.89 85.98 -12.24
N PHE C 220 9.05 85.76 -11.23
CA PHE C 220 7.62 85.65 -11.47
C PHE C 220 7.06 86.97 -12.01
N ASP C 221 6.13 86.86 -12.95
CA ASP C 221 5.33 88.01 -13.33
C ASP C 221 4.44 88.42 -12.17
N PRO C 222 4.05 89.70 -12.12
CA PRO C 222 3.24 90.19 -10.99
C PRO C 222 1.95 89.40 -10.69
N ALA C 223 1.30 88.80 -11.69
CA ALA C 223 0.04 88.10 -11.41
C ALA C 223 0.26 86.80 -10.63
N VAL C 224 1.31 86.07 -10.97
CA VAL C 224 1.66 84.85 -10.23
C VAL C 224 2.04 85.19 -8.80
N THR C 225 2.83 86.24 -8.62
CA THR C 225 3.24 86.69 -7.29
C THR C 225 2.03 86.96 -6.41
N GLU C 226 1.02 87.65 -6.95
CA GLU C 226 -0.15 87.96 -6.14
C GLU C 226 -0.95 86.71 -5.84
N TYR C 227 -1.13 85.82 -6.83
CA TYR C 227 -1.97 84.63 -6.60
C TYR C 227 -1.37 83.76 -5.49
N ILE C 228 -0.04 83.60 -5.50
CA ILE C 228 0.59 82.80 -4.45
C ILE C 228 0.40 83.48 -3.09
N GLN C 229 0.51 84.81 -3.06
CA GLN C 229 0.33 85.58 -1.82
C GLN C 229 -1.08 85.37 -1.26
N ARG C 230 -2.09 85.26 -2.14
CA ARG C 230 -3.45 84.99 -1.68
C ARG C 230 -3.59 83.59 -1.13
N LYS C 231 -2.75 82.65 -1.59
CA LYS C 231 -2.87 81.30 -1.06
C LYS C 231 -2.26 81.19 0.32
N LYS C 232 -1.18 81.95 0.58
CA LYS C 232 -0.53 81.96 1.89
C LYS C 232 -1.20 82.91 2.87
N PHE C 233 -1.72 84.03 2.40
CA PHE C 233 -2.33 85.04 3.26
C PHE C 233 -3.72 85.38 2.76
N PRO C 234 -4.69 84.49 2.95
CA PRO C 234 -6.02 84.68 2.35
C PRO C 234 -6.70 85.93 2.87
N PRO C 235 -7.23 86.75 1.96
CA PRO C 235 -7.94 87.96 2.37
C PRO C 235 -9.21 87.70 3.19
N ASP C 236 -9.89 86.57 2.96
CA ASP C 236 -11.10 86.23 3.72
C ASP C 236 -10.80 85.40 4.97
N ASN C 237 -9.65 85.61 5.62
CA ASN C 237 -9.16 84.90 6.81
C ASN C 237 -9.46 83.40 6.86
N SER C 238 -9.76 82.77 5.72
CA SER C 238 -9.93 81.32 5.65
C SER C 238 -8.56 80.65 5.83
N ALA C 239 -8.56 79.33 5.85
CA ALA C 239 -7.31 78.63 6.11
C ALA C 239 -6.40 78.72 4.88
N PRO C 240 -5.11 78.96 5.07
CA PRO C 240 -4.18 79.00 3.92
C PRO C 240 -4.13 77.62 3.26
N TYR C 241 -3.79 77.62 1.97
CA TYR C 241 -3.61 76.36 1.26
C TYR C 241 -2.33 75.69 1.71
N GLY C 242 -2.31 74.36 1.66
CA GLY C 242 -1.04 73.67 1.77
C GLY C 242 -0.35 73.64 0.41
N ALA C 243 0.98 73.48 0.45
CA ALA C 243 1.78 73.38 -0.77
C ALA C 243 2.35 71.97 -0.93
N ARG C 244 2.34 71.47 -2.15
CA ARG C 244 3.01 70.22 -2.49
C ARG C 244 3.65 70.40 -3.86
N TYR C 245 4.90 69.95 -4.01
CA TYR C 245 5.56 70.01 -5.31
C TYR C 245 6.60 68.89 -5.37
N VAL C 246 6.22 67.77 -6.01
CA VAL C 246 7.09 66.61 -6.18
C VAL C 246 8.21 66.89 -7.18
N GLY C 247 7.96 67.73 -8.19
CA GLY C 247 8.90 67.91 -9.28
C GLY C 247 8.75 66.95 -10.43
N SER C 248 7.74 66.08 -10.38
CA SER C 248 7.43 65.14 -11.46
C SER C 248 5.98 65.38 -11.87
N MET C 249 5.77 65.79 -13.12
CA MET C 249 4.46 66.29 -13.51
C MET C 249 3.34 65.25 -13.33
N VAL C 250 3.62 63.97 -13.64
CA VAL C 250 2.57 62.96 -13.54
C VAL C 250 2.11 62.78 -12.10
N ALA C 251 3.05 62.79 -11.15
CA ALA C 251 2.67 62.67 -9.74
C ALA C 251 1.90 63.90 -9.30
N ASP C 252 2.37 65.09 -9.69
CA ASP C 252 1.69 66.32 -9.25
C ASP C 252 0.30 66.44 -9.87
N VAL C 253 0.14 66.07 -11.14
CA VAL C 253 -1.18 66.20 -11.73
C VAL C 253 -2.14 65.16 -11.15
N HIS C 254 -1.67 63.92 -10.96
CA HIS C 254 -2.58 62.90 -10.45
C HIS C 254 -3.06 63.24 -9.03
N ARG C 255 -2.19 63.80 -8.19
CA ARG C 255 -2.65 64.22 -6.87
C ARG C 255 -3.73 65.29 -6.99
N THR C 256 -3.55 66.21 -7.93
CA THR C 256 -4.55 67.23 -8.17
C THR C 256 -5.89 66.61 -8.58
N LEU C 257 -5.85 65.58 -9.42
CA LEU C 257 -7.08 64.88 -9.81
C LEU C 257 -7.73 64.19 -8.60
N VAL C 258 -6.94 63.48 -7.81
CA VAL C 258 -7.50 62.67 -6.73
C VAL C 258 -7.95 63.55 -5.56
N TYR C 259 -7.20 64.61 -5.27
CA TYR C 259 -7.51 65.42 -4.10
C TYR C 259 -8.04 66.82 -4.42
N GLY C 260 -7.89 67.31 -5.66
CA GLY C 260 -8.24 68.68 -6.00
C GLY C 260 -7.16 69.70 -5.66
N GLY C 261 -7.34 70.93 -6.15
CA GLY C 261 -6.37 71.99 -6.00
C GLY C 261 -5.88 72.52 -7.36
N ILE C 262 -4.64 73.03 -7.39
CA ILE C 262 -4.12 73.72 -8.56
C ILE C 262 -2.62 73.43 -8.76
N PHE C 263 -2.20 73.35 -10.02
CA PHE C 263 -0.80 73.08 -10.40
C PHE C 263 -0.33 74.15 -11.39
N LEU C 264 0.86 74.72 -11.14
CA LEU C 264 1.39 75.84 -11.92
C LEU C 264 2.83 75.59 -12.37
N TYR C 265 3.07 75.82 -13.66
CA TYR C 265 4.43 75.98 -14.18
C TYR C 265 4.47 77.16 -15.15
N PRO C 266 4.65 78.38 -14.63
CA PRO C 266 4.60 79.59 -15.49
C PRO C 266 5.97 79.91 -16.10
N ALA C 267 6.06 80.93 -16.95
CA ALA C 267 7.34 81.29 -17.57
C ALA C 267 8.25 82.05 -16.61
N ASN C 268 9.56 81.90 -16.82
CA ASN C 268 10.59 82.64 -16.07
C ASN C 268 11.71 83.04 -17.05
N LYS C 269 12.79 83.64 -16.53
CA LYS C 269 13.87 84.19 -17.37
C LYS C 269 14.59 83.09 -18.13
N LYS C 270 14.75 81.94 -17.50
CA LYS C 270 15.39 80.79 -18.12
C LYS C 270 14.46 80.14 -19.14
N SER C 271 13.16 80.39 -19.05
CA SER C 271 12.15 79.74 -19.90
C SER C 271 11.09 80.75 -20.30
N PRO C 272 11.40 81.63 -21.26
CA PRO C 272 10.46 82.73 -21.58
C PRO C 272 9.18 82.29 -22.29
N ASN C 273 9.14 81.06 -22.84
CA ASN C 273 7.95 80.49 -23.47
C ASN C 273 7.32 79.41 -22.58
N GLY C 274 7.68 79.40 -21.28
CA GLY C 274 7.33 78.34 -20.35
C GLY C 274 8.35 77.21 -20.41
N LYS C 275 8.08 76.15 -19.64
CA LYS C 275 9.03 75.02 -19.53
C LYS C 275 8.49 73.67 -19.98
N LEU C 276 7.25 73.31 -19.64
CA LEU C 276 6.69 72.01 -20.00
C LEU C 276 6.33 71.96 -21.50
N ARG C 277 6.33 70.74 -22.06
CA ARG C 277 6.09 70.53 -23.48
C ARG C 277 4.60 70.45 -23.78
N LEU C 278 4.19 71.13 -24.85
CA LEU C 278 2.76 71.19 -25.17
C LEU C 278 2.23 69.84 -25.65
N LEU C 279 2.99 69.14 -26.49
CA LEU C 279 2.40 68.05 -27.26
C LEU C 279 2.16 66.81 -26.41
N TYR C 280 3.10 66.43 -25.57
CA TYR C 280 3.03 65.17 -24.84
C TYR C 280 3.13 65.35 -23.32
N GLU C 281 3.06 66.60 -22.83
CA GLU C 281 2.91 66.89 -21.40
C GLU C 281 1.67 67.73 -21.16
N CYS C 282 1.57 68.92 -21.79
CA CYS C 282 0.47 69.81 -21.44
C CYS C 282 -0.88 69.33 -22.00
N ASN C 283 -0.93 68.99 -23.29
CA ASN C 283 -2.21 68.62 -23.91
C ASN C 283 -2.83 67.37 -23.28
N PRO C 284 -2.11 66.27 -23.10
CA PRO C 284 -2.74 65.10 -22.45
C PRO C 284 -3.29 65.37 -21.06
N MET C 285 -2.58 66.15 -20.25
CA MET C 285 -3.07 66.43 -18.88
C MET C 285 -4.27 67.34 -18.92
N ALA C 286 -4.26 68.29 -19.86
CA ALA C 286 -5.40 69.16 -20.07
C ALA C 286 -6.65 68.36 -20.48
N TYR C 287 -6.49 67.36 -21.36
CA TYR C 287 -7.64 66.55 -21.78
C TYR C 287 -8.23 65.78 -20.61
N VAL C 288 -7.38 65.10 -19.81
CA VAL C 288 -7.85 64.42 -18.60
C VAL C 288 -8.59 65.39 -17.69
N MET C 289 -8.00 66.57 -17.47
CA MET C 289 -8.62 67.52 -16.56
C MET C 289 -10.02 67.89 -17.03
N GLU C 290 -10.16 68.26 -18.30
CA GLU C 290 -11.47 68.67 -18.82
C GLU C 290 -12.45 67.51 -18.82
N LYS C 291 -12.02 66.30 -19.20
CA LYS C 291 -12.96 65.18 -19.15
C LYS C 291 -13.40 64.84 -17.72
N ALA C 292 -12.63 65.26 -16.70
CA ALA C 292 -13.03 65.08 -15.32
C ALA C 292 -13.65 66.35 -14.74
N GLY C 293 -13.95 67.34 -15.59
CA GLY C 293 -14.59 68.56 -15.13
C GLY C 293 -13.66 69.65 -14.59
N GLY C 294 -12.37 69.64 -14.95
CA GLY C 294 -11.43 70.65 -14.54
C GLY C 294 -11.05 71.60 -15.66
N MET C 295 -9.98 72.36 -15.43
CA MET C 295 -9.54 73.39 -16.37
C MET C 295 -8.03 73.33 -16.62
N ALA C 296 -7.59 73.89 -17.75
CA ALA C 296 -6.15 74.02 -18.05
C ALA C 296 -5.90 75.19 -19.01
N THR C 297 -5.20 76.23 -18.51
CA THR C 297 -4.91 77.45 -19.26
C THR C 297 -3.42 77.80 -19.27
N THR C 298 -3.01 78.57 -20.29
CA THR C 298 -1.69 79.19 -20.36
C THR C 298 -1.65 80.58 -19.72
N GLY C 299 -2.78 81.08 -19.25
CA GLY C 299 -2.88 82.46 -18.84
C GLY C 299 -3.59 83.26 -19.91
N LYS C 300 -3.22 83.02 -21.17
CA LYS C 300 -3.84 83.70 -22.30
C LYS C 300 -4.95 82.89 -22.97
N GLU C 301 -4.92 81.56 -22.88
CA GLU C 301 -5.91 80.74 -23.58
C GLU C 301 -5.96 79.36 -22.95
N ALA C 302 -7.00 78.60 -23.32
CA ALA C 302 -7.05 77.20 -22.95
C ALA C 302 -5.93 76.43 -23.65
N VAL C 303 -5.25 75.56 -22.90
CA VAL C 303 -4.16 74.76 -23.45
C VAL C 303 -4.65 73.99 -24.68
N LEU C 304 -5.83 73.37 -24.60
CA LEU C 304 -6.35 72.54 -25.67
C LEU C 304 -6.67 73.33 -26.93
N ASP C 305 -6.73 74.68 -26.85
CA ASP C 305 -6.96 75.53 -28.03
C ASP C 305 -5.69 76.06 -28.66
N VAL C 306 -4.51 75.81 -28.07
CA VAL C 306 -3.28 76.29 -28.69
C VAL C 306 -2.98 75.48 -29.95
N ILE C 307 -2.74 76.17 -31.05
CA ILE C 307 -2.36 75.51 -32.30
C ILE C 307 -0.83 75.52 -32.37
N PRO C 308 -0.19 74.36 -32.30
CA PRO C 308 1.28 74.32 -32.29
C PRO C 308 1.89 74.45 -33.68
N THR C 309 3.13 74.97 -33.69
CA THR C 309 3.94 75.09 -34.89
C THR C 309 5.22 74.27 -34.90
N ASP C 310 5.67 73.76 -33.74
CA ASP C 310 6.91 72.99 -33.60
C ASP C 310 6.68 71.85 -32.61
N ILE C 311 7.18 70.65 -32.93
CA ILE C 311 6.77 69.50 -32.14
C ILE C 311 7.34 69.50 -30.71
N HIS C 312 8.46 70.19 -30.45
CA HIS C 312 9.00 70.22 -29.09
C HIS C 312 8.82 71.61 -28.45
N GLN C 313 7.81 72.36 -28.90
CA GLN C 313 7.61 73.69 -28.35
C GLN C 313 7.04 73.62 -26.93
N ARG C 314 7.35 74.65 -26.15
CA ARG C 314 6.97 74.76 -24.75
C ARG C 314 5.76 75.67 -24.58
N ALA C 315 5.15 75.57 -23.40
CA ALA C 315 3.99 76.36 -23.01
C ALA C 315 3.94 76.51 -21.50
N PRO C 316 3.47 77.64 -21.01
CA PRO C 316 3.12 77.75 -19.58
C PRO C 316 1.79 77.06 -19.34
N VAL C 317 1.59 76.59 -18.10
CA VAL C 317 0.38 75.83 -17.76
C VAL C 317 -0.05 76.14 -16.32
N ILE C 318 -1.36 76.33 -16.14
CA ILE C 318 -2.03 76.42 -14.84
C ILE C 318 -3.30 75.56 -14.96
N LEU C 319 -3.42 74.52 -14.12
CA LEU C 319 -4.51 73.56 -14.27
C LEU C 319 -5.00 73.08 -12.91
N GLY C 320 -6.16 72.43 -12.91
CA GLY C 320 -6.72 71.86 -11.70
C GLY C 320 -8.21 72.07 -11.51
N SER C 321 -8.67 72.09 -10.25
CA SER C 321 -10.09 72.27 -9.96
C SER C 321 -10.62 73.56 -10.56
N PRO C 322 -11.86 73.57 -11.04
CA PRO C 322 -12.37 74.76 -11.77
C PRO C 322 -12.40 76.04 -10.94
N ASP C 323 -12.87 75.99 -9.69
CA ASP C 323 -12.87 77.19 -8.86
C ASP C 323 -11.45 77.74 -8.67
N ASP C 324 -10.46 76.87 -8.55
CA ASP C 324 -9.09 77.33 -8.33
C ASP C 324 -8.48 77.98 -9.59
N VAL C 325 -8.66 77.37 -10.77
CA VAL C 325 -8.15 77.99 -12.00
C VAL C 325 -8.89 79.29 -12.31
N LEU C 326 -10.21 79.34 -12.07
CA LEU C 326 -10.93 80.58 -12.31
C LEU C 326 -10.40 81.71 -11.44
N GLU C 327 -10.12 81.42 -10.17
CA GLU C 327 -9.63 82.47 -9.28
C GLU C 327 -8.30 83.04 -9.77
N PHE C 328 -7.40 82.18 -10.28
CA PHE C 328 -6.13 82.68 -10.83
C PHE C 328 -6.36 83.54 -12.07
N LEU C 329 -7.31 83.16 -12.92
CA LEU C 329 -7.54 83.96 -14.13
C LEU C 329 -8.00 85.38 -13.79
N LYS C 330 -8.78 85.54 -12.70
CA LYS C 330 -9.15 86.89 -12.27
C LYS C 330 -7.93 87.73 -11.91
N VAL C 331 -6.97 87.16 -11.16
CA VAL C 331 -5.77 87.92 -10.83
C VAL C 331 -5.00 88.26 -12.11
N TYR C 332 -4.95 87.32 -13.05
CA TYR C 332 -4.25 87.56 -14.32
C TYR C 332 -4.89 88.73 -15.06
N GLU C 333 -6.22 88.81 -15.03
CA GLU C 333 -6.92 89.90 -15.71
C GLU C 333 -6.64 91.25 -15.06
N LYS C 334 -6.45 91.27 -13.74
CA LYS C 334 -6.17 92.51 -13.05
C LYS C 334 -4.90 93.18 -13.58
N HIS C 335 -3.90 92.40 -13.98
CA HIS C 335 -2.64 92.95 -14.45
C HIS C 335 -2.58 93.17 -15.97
N SER C 336 -3.73 93.33 -16.63
CA SER C 336 -3.82 93.62 -18.09
C SER C 336 -2.93 92.75 -18.96
N ASP D 10 32.10 41.95 -6.55
CA ASP D 10 31.21 40.87 -6.15
C ASP D 10 29.83 41.39 -5.78
N VAL D 11 28.78 40.70 -6.25
CA VAL D 11 27.42 41.08 -5.89
C VAL D 11 27.21 40.89 -4.40
N ASN D 12 26.44 41.77 -3.78
CA ASN D 12 26.15 41.64 -2.37
C ASN D 12 24.68 41.95 -2.11
N THR D 13 24.12 41.28 -1.09
CA THR D 13 22.76 41.44 -0.61
C THR D 13 22.77 41.94 0.83
N LEU D 14 21.60 42.38 1.30
CA LEU D 14 21.49 42.90 2.66
C LEU D 14 21.80 41.83 3.71
N THR D 15 21.22 40.63 3.53
CA THR D 15 21.44 39.56 4.49
C THR D 15 22.91 39.15 4.50
N ARG D 16 23.51 39.01 3.32
CA ARG D 16 24.92 38.67 3.27
C ARG D 16 25.79 39.76 3.89
N PHE D 17 25.48 41.04 3.63
CA PHE D 17 26.25 42.16 4.15
C PHE D 17 26.19 42.23 5.69
N VAL D 18 24.99 42.04 6.26
CA VAL D 18 24.84 42.10 7.70
C VAL D 18 25.55 40.92 8.36
N MET D 19 25.52 39.74 7.72
CA MET D 19 26.27 38.62 8.27
C MET D 19 27.78 38.92 8.28
N GLU D 20 28.29 39.57 7.24
CA GLU D 20 29.73 39.87 7.22
C GLU D 20 30.11 40.89 8.29
N GLU D 21 29.33 41.97 8.43
CA GLU D 21 29.62 42.92 9.49
C GLU D 21 29.49 42.29 10.87
N GLY D 22 28.56 41.36 11.03
CA GLY D 22 28.36 40.72 12.33
C GLY D 22 29.48 39.78 12.69
N ARG D 23 29.93 38.98 11.73
CA ARG D 23 31.08 38.14 12.02
C ARG D 23 32.32 39.00 12.25
N LYS D 24 32.43 40.14 11.55
CA LYS D 24 33.57 41.03 11.76
C LYS D 24 33.61 41.59 13.19
N ALA D 25 32.44 41.90 13.76
CA ALA D 25 32.35 42.48 15.09
C ALA D 25 32.22 41.42 16.17
N ARG D 26 32.11 40.15 15.78
CA ARG D 26 32.07 39.02 16.70
C ARG D 26 30.85 39.09 17.62
N GLY D 27 29.70 39.54 17.06
CA GLY D 27 28.44 39.56 17.80
C GLY D 27 27.78 38.18 17.84
N THR D 28 26.70 38.08 18.63
CA THR D 28 26.02 36.80 18.84
C THR D 28 25.09 36.39 17.72
N GLY D 29 24.66 37.34 16.87
CA GLY D 29 23.68 37.07 15.83
C GLY D 29 22.26 37.56 16.10
N GLU D 30 21.97 38.08 17.29
CA GLU D 30 20.62 38.57 17.52
C GLU D 30 20.29 39.74 16.60
N LEU D 31 21.24 40.65 16.40
CA LEU D 31 20.95 41.83 15.57
C LEU D 31 20.71 41.41 14.13
N THR D 32 21.43 40.40 13.67
CA THR D 32 21.25 39.84 12.35
C THR D 32 19.88 39.17 12.22
N GLN D 33 19.44 38.42 13.24
CA GLN D 33 18.11 37.83 13.19
C GLN D 33 17.01 38.89 13.14
N LEU D 34 17.16 39.95 13.93
CA LEU D 34 16.20 41.03 13.91
C LEU D 34 16.13 41.66 12.52
N LEU D 35 17.28 42.04 11.96
CA LEU D 35 17.24 42.74 10.68
C LEU D 35 16.72 41.81 9.59
N ASN D 36 16.97 40.51 9.69
CA ASN D 36 16.42 39.60 8.70
C ASN D 36 14.89 39.52 8.80
N SER D 37 14.36 39.47 10.02
CA SER D 37 12.92 39.46 10.19
C SER D 37 12.29 40.75 9.72
N LEU D 38 12.95 41.88 10.01
CA LEU D 38 12.44 43.17 9.58
C LEU D 38 12.31 43.25 8.07
N CYS D 39 13.27 42.64 7.35
CA CYS D 39 13.26 42.65 5.90
C CYS D 39 12.17 41.76 5.30
N THR D 40 11.81 40.66 5.97
CA THR D 40 10.68 39.86 5.49
C THR D 40 9.39 40.67 5.58
N ALA D 41 9.24 41.43 6.67
CA ALA D 41 8.10 42.34 6.80
C ALA D 41 8.10 43.41 5.71
N VAL D 42 9.28 43.99 5.41
CA VAL D 42 9.37 45.06 4.41
C VAL D 42 8.96 44.53 3.03
N LYS D 43 9.37 43.30 2.68
CA LYS D 43 8.96 42.73 1.40
C LYS D 43 7.46 42.42 1.36
N ALA D 44 6.86 42.00 2.47
CA ALA D 44 5.42 41.75 2.47
C ALA D 44 4.64 43.04 2.40
N ILE D 45 5.12 44.10 3.09
CA ILE D 45 4.48 45.41 3.00
C ILE D 45 4.54 45.92 1.57
N SER D 46 5.72 45.83 0.94
CA SER D 46 5.91 46.27 -0.43
C SER D 46 4.94 45.58 -1.40
N SER D 47 4.74 44.27 -1.24
CA SER D 47 3.85 43.52 -2.13
C SER D 47 2.41 44.01 -2.01
N ALA D 48 1.98 44.30 -0.79
CA ALA D 48 0.64 44.82 -0.57
C ALA D 48 0.51 46.28 -1.04
N VAL D 49 1.57 47.09 -0.84
CA VAL D 49 1.56 48.50 -1.29
C VAL D 49 1.44 48.59 -2.81
N ARG D 50 2.09 47.68 -3.53
CA ARG D 50 1.97 47.60 -4.98
C ARG D 50 0.69 46.91 -5.45
N LYS D 51 -0.19 46.51 -4.52
CA LYS D 51 -1.56 46.06 -4.79
C LYS D 51 -1.64 44.67 -5.42
N ALA D 52 -0.72 43.78 -5.10
CA ALA D 52 -0.85 42.39 -5.55
C ALA D 52 -2.11 41.73 -4.98
N GLY D 53 -2.85 41.02 -5.83
CA GLY D 53 -4.06 40.33 -5.44
C GLY D 53 -5.29 41.22 -5.31
N ILE D 54 -5.19 42.50 -5.66
CA ILE D 54 -6.33 43.40 -5.57
C ILE D 54 -7.51 42.92 -6.41
N ALA D 55 -7.26 42.11 -7.46
CA ALA D 55 -8.36 41.58 -8.27
C ALA D 55 -9.33 40.74 -7.44
N HIS D 56 -8.84 40.04 -6.40
CA HIS D 56 -9.77 39.25 -5.59
C HIS D 56 -10.70 40.15 -4.78
N LEU D 57 -10.24 41.35 -4.43
CA LEU D 57 -11.08 42.29 -3.72
C LEU D 57 -12.22 42.84 -4.55
N TYR D 58 -12.09 42.84 -5.88
CA TYR D 58 -13.10 43.39 -6.75
C TYR D 58 -13.94 42.31 -7.43
N GLY D 59 -13.96 41.10 -6.87
CA GLY D 59 -14.93 40.09 -7.25
C GLY D 59 -14.55 39.18 -8.40
N ILE D 60 -13.26 38.92 -8.63
CA ILE D 60 -12.85 38.09 -9.75
C ILE D 60 -13.33 36.65 -9.58
N ALA D 61 -13.52 36.18 -8.35
CA ALA D 61 -14.05 34.85 -8.13
C ALA D 61 -15.51 34.86 -7.69
N GLY D 62 -16.22 35.97 -7.91
CA GLY D 62 -17.63 36.04 -7.57
C GLY D 62 -17.90 36.34 -6.11
N LYS D 73 -6.87 49.45 5.93
CA LYS D 73 -6.25 48.18 6.33
C LYS D 73 -4.75 48.16 6.02
N LEU D 74 -4.28 48.97 5.06
CA LEU D 74 -2.88 48.84 4.65
C LEU D 74 -1.93 49.28 5.77
N ASP D 75 -2.29 50.33 6.52
CA ASP D 75 -1.45 50.68 7.66
C ASP D 75 -1.62 49.67 8.80
N VAL D 76 -2.81 49.10 8.96
CA VAL D 76 -3.03 48.06 9.97
C VAL D 76 -2.22 46.80 9.63
N LEU D 77 -2.28 46.37 8.37
CA LEU D 77 -1.54 45.19 7.94
C LEU D 77 -0.03 45.40 8.05
N SER D 78 0.46 46.59 7.68
CA SER D 78 1.89 46.85 7.81
C SER D 78 2.33 46.69 9.25
N ASN D 79 1.53 47.23 10.18
CA ASN D 79 1.84 47.13 11.59
C ASN D 79 1.83 45.68 12.06
N ASP D 80 0.87 44.88 11.57
CA ASP D 80 0.80 43.47 11.96
C ASP D 80 2.00 42.71 11.43
N LEU D 81 2.45 43.04 10.22
CA LEU D 81 3.60 42.36 9.63
C LEU D 81 4.86 42.64 10.43
N VAL D 82 5.14 43.92 10.72
CA VAL D 82 6.33 44.27 11.48
C VAL D 82 6.23 43.71 12.90
N MET D 83 5.09 43.91 13.57
CA MET D 83 4.91 43.42 14.93
C MET D 83 5.11 41.91 15.02
N ASN D 84 4.46 41.16 14.13
CA ASN D 84 4.50 39.70 14.24
C ASN D 84 5.89 39.16 13.88
N MET D 85 6.53 39.73 12.85
CA MET D 85 7.87 39.29 12.49
C MET D 85 8.91 39.67 13.55
N LEU D 86 8.74 40.79 14.26
CA LEU D 86 9.71 41.12 15.30
C LEU D 86 9.54 40.23 16.54
N LYS D 87 8.30 40.06 17.02
CA LYS D 87 8.03 39.18 18.16
C LYS D 87 8.59 37.77 17.96
N SER D 88 8.35 37.18 16.77
CA SER D 88 8.80 35.83 16.43
C SER D 88 10.29 35.76 16.06
N SER D 89 11.03 36.88 16.08
CA SER D 89 12.47 36.81 15.85
C SER D 89 13.23 36.36 17.09
N PHE D 90 12.61 36.42 18.26
CA PHE D 90 13.27 36.16 19.54
C PHE D 90 14.40 37.16 19.83
N ALA D 91 14.35 38.36 19.23
CA ALA D 91 15.40 39.35 19.41
C ALA D 91 14.94 40.68 20.00
N THR D 92 13.67 40.81 20.37
CA THR D 92 13.15 42.08 20.85
C THR D 92 12.46 41.91 22.20
N CYS D 93 12.29 43.03 22.93
CA CYS D 93 11.60 42.98 24.19
C CYS D 93 10.59 44.11 24.30
N VAL D 94 10.87 45.24 23.65
CA VAL D 94 9.97 46.39 23.68
C VAL D 94 9.85 46.93 22.24
N LEU D 95 8.62 47.15 21.80
CA LEU D 95 8.33 47.61 20.45
C LEU D 95 7.44 48.83 20.56
N VAL D 96 7.91 49.96 20.00
CA VAL D 96 7.16 51.21 19.94
C VAL D 96 6.79 51.45 18.48
N SER D 97 5.50 51.67 18.23
CA SER D 97 4.99 51.89 16.91
C SER D 97 4.13 53.15 16.90
N GLU D 98 4.17 53.88 15.78
CA GLU D 98 3.25 55.00 15.57
C GLU D 98 1.80 54.58 15.69
N GLU D 99 1.49 53.30 15.41
CA GLU D 99 0.11 52.81 15.40
C GLU D 99 -0.42 52.39 16.77
N ASP D 100 0.42 52.34 17.82
CA ASP D 100 0.00 51.78 19.11
C ASP D 100 0.21 52.78 20.23
N LYS D 101 -0.83 52.95 21.06
CA LYS D 101 -0.76 53.97 22.10
C LYS D 101 0.33 53.67 23.12
N HIS D 102 0.46 52.42 23.53
CA HIS D 102 1.46 52.07 24.51
C HIS D 102 2.51 51.18 23.88
N ALA D 103 3.67 51.15 24.53
CA ALA D 103 4.73 50.27 24.11
C ALA D 103 4.24 48.83 24.19
N ILE D 104 4.65 48.00 23.25
CA ILE D 104 4.28 46.60 23.22
C ILE D 104 5.41 45.83 23.88
N ILE D 105 5.08 44.98 24.86
CA ILE D 105 6.04 44.15 25.59
C ILE D 105 5.97 42.71 25.07
N VAL D 106 7.08 42.20 24.54
CA VAL D 106 7.10 40.85 24.00
C VAL D 106 6.89 39.85 25.13
N GLU D 107 6.11 38.79 24.86
CA GLU D 107 5.83 37.81 25.89
C GLU D 107 7.12 37.10 26.28
N PRO D 108 7.25 36.68 27.56
CA PRO D 108 8.56 36.25 28.06
C PRO D 108 9.22 35.16 27.23
N GLU D 109 8.43 34.23 26.71
CA GLU D 109 8.99 33.11 25.98
C GLU D 109 9.67 33.53 24.68
N LYS D 110 9.50 34.78 24.24
CA LYS D 110 10.07 35.24 22.97
C LYS D 110 11.03 36.43 23.10
N ARG D 111 11.44 36.80 24.31
CA ARG D 111 12.19 38.04 24.51
C ARG D 111 13.64 37.92 24.06
N GLY D 112 14.13 39.01 23.41
CA GLY D 112 15.53 39.22 23.05
C GLY D 112 15.99 40.59 23.53
N LYS D 113 17.17 41.07 23.10
CA LYS D 113 17.78 42.19 23.83
C LYS D 113 17.62 43.57 23.17
N TYR D 114 16.87 43.73 22.08
CA TYR D 114 16.82 45.01 21.39
C TYR D 114 15.45 45.67 21.53
N VAL D 115 15.47 47.01 21.46
CA VAL D 115 14.29 47.86 21.47
C VAL D 115 14.15 48.46 20.06
N VAL D 116 12.96 48.40 19.48
CA VAL D 116 12.74 48.90 18.11
C VAL D 116 11.64 49.94 18.17
N CYS D 117 11.92 51.13 17.63
CA CYS D 117 10.94 52.18 17.42
C CYS D 117 10.68 52.30 15.92
N PHE D 118 9.42 52.29 15.52
CA PHE D 118 9.18 52.32 14.08
C PHE D 118 7.84 52.96 13.75
N ASP D 119 7.79 53.48 12.52
CA ASP D 119 6.60 53.95 11.80
C ASP D 119 6.36 52.97 10.65
N PRO D 120 5.38 52.07 10.73
CA PRO D 120 5.32 50.98 9.72
C PRO D 120 4.93 51.46 8.33
N LEU D 121 4.12 52.50 8.23
CA LEU D 121 3.78 52.97 6.89
C LEU D 121 3.61 54.49 6.96
N ASP D 122 4.73 55.19 6.95
CA ASP D 122 4.73 56.64 6.96
C ASP D 122 4.29 57.19 5.59
N GLY D 123 3.49 58.24 5.64
CA GLY D 123 2.91 58.82 4.45
C GLY D 123 1.64 58.13 3.98
N SER D 124 1.11 57.17 4.75
CA SER D 124 -0.02 56.35 4.30
C SER D 124 -1.32 57.12 4.32
N SER D 125 -1.35 58.30 4.94
CA SER D 125 -2.56 59.11 4.96
C SER D 125 -2.91 59.65 3.57
N ASN D 126 -1.90 59.93 2.75
CA ASN D 126 -2.10 60.38 1.37
C ASN D 126 -1.89 59.26 0.35
N ILE D 127 -2.02 57.99 0.76
CA ILE D 127 -1.73 56.92 -0.18
C ILE D 127 -2.77 56.80 -1.30
N ASP D 128 -3.92 57.48 -1.21
CA ASP D 128 -4.90 57.46 -2.31
C ASP D 128 -4.34 58.04 -3.60
N CYS D 129 -3.37 58.94 -3.52
CA CYS D 129 -2.79 59.55 -4.71
C CYS D 129 -1.51 58.86 -5.14
N LEU D 130 -1.19 57.70 -4.54
CA LEU D 130 -0.05 56.89 -4.94
C LEU D 130 1.28 57.61 -4.73
N VAL D 131 1.27 58.61 -3.85
CA VAL D 131 2.50 59.22 -3.36
C VAL D 131 3.40 58.14 -2.77
N SER D 132 4.71 58.37 -2.80
CA SER D 132 5.65 57.49 -2.11
C SER D 132 5.30 57.40 -0.64
N VAL D 133 5.50 56.20 -0.07
CA VAL D 133 5.34 55.95 1.37
C VAL D 133 6.55 55.16 1.84
N GLY D 134 6.65 55.00 3.17
CA GLY D 134 7.83 54.33 3.70
C GLY D 134 7.67 53.80 5.10
N THR D 135 8.65 53.00 5.48
CA THR D 135 8.80 52.47 6.83
C THR D 135 10.10 53.04 7.42
N ILE D 136 10.01 53.60 8.61
CA ILE D 136 11.14 54.22 9.31
C ILE D 136 11.39 53.42 10.58
N PHE D 137 12.66 53.14 10.90
CA PHE D 137 13.00 52.36 12.09
C PHE D 137 14.30 52.84 12.73
N GLY D 138 14.38 52.70 14.06
CA GLY D 138 15.61 52.87 14.82
C GLY D 138 15.72 51.79 15.90
N ILE D 139 16.91 51.21 16.07
CA ILE D 139 17.11 50.02 16.90
C ILE D 139 18.10 50.38 18.02
N TYR D 140 17.70 50.12 19.28
CA TYR D 140 18.53 50.38 20.46
C TYR D 140 18.81 49.08 21.22
N ARG D 141 19.93 49.07 21.95
CA ARG D 141 20.20 48.02 22.93
C ARG D 141 19.50 48.38 24.23
N LYS D 142 18.72 47.43 24.77
CA LYS D 142 18.15 47.64 26.10
C LYS D 142 19.29 47.86 27.08
N LYS D 143 19.14 48.87 27.95
CA LYS D 143 20.25 49.37 28.73
C LYS D 143 20.31 48.81 30.14
N SER D 144 19.17 48.55 30.77
CA SER D 144 19.08 47.94 32.11
C SER D 144 18.60 46.48 32.08
N THR D 145 18.76 45.81 33.21
CA THR D 145 18.25 44.46 33.41
C THR D 145 16.87 44.45 34.07
N ASP D 146 16.27 45.61 34.28
CA ASP D 146 14.93 45.62 34.83
C ASP D 146 13.99 44.86 33.89
N GLU D 147 12.79 44.70 34.34
CA GLU D 147 11.88 44.00 33.46
C GLU D 147 11.40 44.96 32.38
N PRO D 148 11.16 44.45 31.19
CA PRO D 148 10.90 45.33 30.04
C PRO D 148 9.70 46.24 30.26
N SER D 149 9.89 47.52 29.95
CA SER D 149 8.82 48.49 30.06
C SER D 149 9.03 49.61 29.05
N GLU D 150 8.08 50.52 29.02
CA GLU D 150 8.09 51.62 28.08
C GLU D 150 9.33 52.49 28.25
N LYS D 151 9.89 52.57 29.47
CA LYS D 151 11.07 53.41 29.71
C LYS D 151 12.26 53.03 28.83
N ASP D 152 12.35 51.76 28.43
CA ASP D 152 13.49 51.29 27.66
C ASP D 152 13.60 51.96 26.30
N ALA D 153 12.53 52.61 25.82
CA ALA D 153 12.56 53.33 24.56
C ALA D 153 12.90 54.81 24.71
N LEU D 154 13.15 55.30 25.92
CA LEU D 154 13.40 56.73 26.11
C LEU D 154 14.90 57.06 26.11
N GLN D 155 15.65 56.55 25.10
CA GLN D 155 17.07 56.86 24.99
C GLN D 155 17.32 57.97 23.98
N PRO D 156 18.38 58.76 24.14
CA PRO D 156 18.69 59.78 23.13
C PRO D 156 19.21 59.12 21.87
N GLY D 157 18.99 59.82 20.74
CA GLY D 157 19.38 59.27 19.45
C GLY D 157 20.84 58.88 19.35
N ARG D 158 21.72 59.56 20.11
CA ARG D 158 23.14 59.22 20.14
C ARG D 158 23.36 57.74 20.43
N ASN D 159 22.40 57.09 21.11
CA ASN D 159 22.58 55.69 21.52
C ASN D 159 22.22 54.66 20.44
N LEU D 160 21.82 55.10 19.25
CA LEU D 160 21.30 54.17 18.26
C LEU D 160 22.38 53.19 17.80
N VAL D 161 21.98 51.94 17.63
CA VAL D 161 22.85 50.91 17.08
C VAL D 161 22.68 50.80 15.56
N ALA D 162 21.45 50.93 15.07
CA ALA D 162 21.18 50.93 13.64
C ALA D 162 19.88 51.71 13.41
N ALA D 163 19.81 52.37 12.25
CA ALA D 163 18.64 53.18 11.89
C ALA D 163 18.54 53.25 10.37
N GLY D 164 17.33 53.55 9.88
CA GLY D 164 17.14 53.74 8.46
C GLY D 164 15.67 53.71 8.05
N TYR D 165 15.46 53.43 6.76
CA TYR D 165 14.12 53.45 6.20
C TYR D 165 14.07 52.58 4.93
N ALA D 166 12.86 52.15 4.62
CA ALA D 166 12.52 51.58 3.33
C ALA D 166 11.67 52.59 2.58
N LEU D 167 12.06 52.91 1.36
CA LEU D 167 11.26 53.80 0.53
C LEU D 167 10.56 52.95 -0.53
N TYR D 168 9.23 52.98 -0.53
CA TYR D 168 8.39 52.30 -1.52
C TYR D 168 8.03 53.37 -2.55
N GLY D 169 9.01 53.67 -3.41
CA GLY D 169 8.87 54.72 -4.42
C GLY D 169 8.68 54.17 -5.82
N SER D 170 9.39 54.74 -6.81
CA SER D 170 9.36 54.17 -8.15
C SER D 170 9.93 52.76 -8.13
N ALA D 171 10.88 52.52 -7.23
CA ALA D 171 11.33 51.20 -6.82
C ALA D 171 11.35 51.18 -5.29
N THR D 172 11.57 50.00 -4.71
CA THR D 172 11.67 49.87 -3.26
C THR D 172 13.14 49.82 -2.84
N MET D 173 13.55 50.77 -2.00
CA MET D 173 14.94 50.81 -1.54
C MET D 173 15.02 50.81 -0.01
N LEU D 174 15.98 50.08 0.54
CA LEU D 174 16.23 50.04 1.97
C LEU D 174 17.55 50.76 2.27
N VAL D 175 17.49 51.82 3.09
CA VAL D 175 18.68 52.58 3.49
C VAL D 175 19.04 52.20 4.93
N LEU D 176 20.23 51.67 5.16
CA LEU D 176 20.67 51.19 6.48
C LEU D 176 21.91 51.94 6.95
N ALA D 177 21.80 52.61 8.10
CA ALA D 177 22.93 53.32 8.70
C ALA D 177 23.39 52.60 9.95
N MET D 178 24.69 52.33 10.04
CA MET D 178 25.30 51.80 11.26
C MET D 178 26.60 52.53 11.50
N ASP D 179 27.38 52.05 12.48
CA ASP D 179 28.65 52.68 12.80
C ASP D 179 29.59 52.71 11.61
N CYS D 180 29.53 51.70 10.75
CA CYS D 180 30.35 51.65 9.56
C CYS D 180 29.93 52.64 8.47
N GLY D 181 28.78 53.31 8.62
CA GLY D 181 28.35 54.25 7.59
C GLY D 181 26.97 53.96 7.02
N VAL D 182 26.66 54.56 5.88
CA VAL D 182 25.33 54.49 5.28
C VAL D 182 25.43 53.69 3.99
N ASN D 183 24.53 52.70 3.82
CA ASN D 183 24.47 51.86 2.63
C ASN D 183 23.02 51.74 2.13
N CYS D 184 22.86 51.67 0.81
CA CYS D 184 21.56 51.68 0.15
C CYS D 184 21.33 50.37 -0.62
N PHE D 185 20.19 49.71 -0.39
CA PHE D 185 19.87 48.41 -1.00
C PHE D 185 18.59 48.47 -1.82
N MET D 186 18.65 48.01 -3.06
CA MET D 186 17.50 48.00 -3.98
C MET D 186 16.79 46.64 -3.98
N LEU D 187 15.48 46.63 -3.71
CA LEU D 187 14.74 45.37 -3.75
C LEU D 187 14.50 44.91 -5.20
N ASP D 188 14.99 43.71 -5.54
CA ASP D 188 14.69 43.07 -6.81
C ASP D 188 13.45 42.19 -6.62
N PRO D 189 12.28 42.63 -7.10
CA PRO D 189 11.05 41.87 -6.83
C PRO D 189 10.96 40.54 -7.58
N ALA D 190 11.83 40.29 -8.56
CA ALA D 190 11.78 39.00 -9.26
C ALA D 190 12.25 37.83 -8.38
N ILE D 191 13.08 38.11 -7.38
CA ILE D 191 13.63 37.07 -6.51
C ILE D 191 13.49 37.40 -5.03
N GLY D 192 13.00 38.57 -4.67
CA GLY D 192 12.92 38.95 -3.27
C GLY D 192 14.26 39.10 -2.56
N GLU D 193 15.21 39.83 -3.17
CA GLU D 193 16.50 40.08 -2.54
C GLU D 193 16.84 41.56 -2.64
N PHE D 194 17.46 42.10 -1.57
CA PHE D 194 17.93 43.48 -1.51
C PHE D 194 19.38 43.55 -2.01
N ILE D 195 19.61 44.23 -3.12
CA ILE D 195 20.91 44.27 -3.77
C ILE D 195 21.63 45.55 -3.38
N LEU D 196 22.88 45.45 -2.96
CA LEU D 196 23.67 46.61 -2.55
C LEU D 196 24.04 47.47 -3.74
N VAL D 197 23.64 48.74 -3.75
CA VAL D 197 23.92 49.56 -4.93
C VAL D 197 24.67 50.86 -4.65
N ASP D 198 24.74 51.38 -3.40
CA ASP D 198 25.56 52.57 -3.10
C ASP D 198 26.23 52.39 -1.74
N LYS D 199 27.57 52.30 -1.73
CA LYS D 199 28.35 52.01 -0.53
C LYS D 199 28.87 53.29 0.12
N ASP D 200 28.72 53.39 1.44
CA ASP D 200 29.33 54.44 2.28
C ASP D 200 29.07 55.86 1.73
N VAL D 201 27.80 56.22 1.63
CA VAL D 201 27.45 57.46 0.95
C VAL D 201 27.65 58.66 1.87
N LYS D 202 28.01 59.78 1.26
CA LYS D 202 28.25 61.06 1.93
C LYS D 202 27.45 62.15 1.24
N ILE D 203 26.90 63.08 2.02
CA ILE D 203 26.07 64.15 1.47
C ILE D 203 26.96 65.28 0.95
N LYS D 204 26.51 65.98 -0.10
CA LYS D 204 27.25 67.14 -0.61
C LYS D 204 27.46 68.14 0.51
N LYS D 205 28.64 68.77 0.51
CA LYS D 205 28.96 69.79 1.50
C LYS D 205 28.00 70.99 1.44
N LYS D 206 27.51 71.32 0.26
CA LYS D 206 26.54 72.40 0.12
C LYS D 206 25.67 72.07 -1.09
N GLY D 207 24.36 72.30 -0.95
CA GLY D 207 23.41 71.96 -1.98
C GLY D 207 22.72 73.17 -2.59
N LYS D 208 21.68 72.89 -3.40
CA LYS D 208 20.96 73.94 -4.14
C LYS D 208 19.45 73.78 -4.07
N ILE D 209 18.92 73.07 -3.08
CA ILE D 209 17.49 72.81 -2.96
C ILE D 209 17.09 73.00 -1.51
N TYR D 210 15.97 73.69 -1.30
CA TYR D 210 15.38 73.78 0.02
C TYR D 210 13.97 73.16 -0.04
N SER D 211 13.52 72.58 1.08
CA SER D 211 12.35 71.70 1.10
C SER D 211 11.53 71.93 2.37
N LEU D 212 10.37 72.53 2.22
CA LEU D 212 9.41 72.70 3.32
C LEU D 212 8.07 73.12 2.74
N ASN D 213 7.04 73.04 3.57
CA ASN D 213 5.67 73.43 3.23
C ASN D 213 5.54 74.95 3.33
N GLU D 214 5.73 75.66 2.21
CA GLU D 214 5.60 77.12 2.26
C GLU D 214 4.16 77.61 2.35
N GLY D 215 3.17 76.71 2.27
CA GLY D 215 1.80 77.17 2.41
C GLY D 215 1.46 77.69 3.79
N TYR D 216 2.25 77.33 4.80
CA TYR D 216 2.02 77.80 6.16
C TYR D 216 2.95 78.95 6.54
N ALA D 217 3.35 79.76 5.55
CA ALA D 217 4.29 80.87 5.73
C ALA D 217 3.73 81.94 6.67
N LYS D 218 2.40 82.06 6.76
CA LYS D 218 1.78 83.00 7.69
C LYS D 218 2.21 82.73 9.14
N ASP D 219 2.58 81.50 9.46
CA ASP D 219 2.93 81.09 10.82
C ASP D 219 4.43 80.93 11.05
N PHE D 220 5.26 81.17 10.02
CA PHE D 220 6.70 80.94 10.13
C PHE D 220 7.32 81.74 11.28
N ASP D 221 8.34 81.17 11.90
CA ASP D 221 9.22 81.95 12.74
C ASP D 221 9.97 82.96 11.88
N PRO D 222 10.23 84.17 12.37
CA PRO D 222 10.90 85.22 11.56
C PRO D 222 12.26 84.80 10.99
N ALA D 223 13.02 83.95 11.69
CA ALA D 223 14.30 83.50 11.15
C ALA D 223 14.07 82.59 9.95
N VAL D 224 13.02 81.76 9.99
CA VAL D 224 12.68 80.92 8.85
C VAL D 224 12.29 81.79 7.65
N THR D 225 11.50 82.84 7.90
CA THR D 225 11.12 83.75 6.82
C THR D 225 12.35 84.36 6.16
N GLU D 226 13.29 84.88 6.96
CA GLU D 226 14.47 85.51 6.37
C GLU D 226 15.35 84.50 5.66
N TYR D 227 15.53 83.32 6.25
CA TYR D 227 16.39 82.32 5.60
C TYR D 227 15.83 81.90 4.25
N ILE D 228 14.51 81.62 4.20
CA ILE D 228 13.93 81.19 2.92
C ILE D 228 14.03 82.33 1.90
N GLN D 229 13.85 83.58 2.33
CA GLN D 229 13.97 84.71 1.41
C GLN D 229 15.39 84.84 0.83
N ARG D 230 16.43 84.51 1.60
CA ARG D 230 17.79 84.53 1.04
C ARG D 230 18.03 83.40 0.04
N LYS D 231 17.26 82.32 0.10
CA LYS D 231 17.41 81.27 -0.90
C LYS D 231 16.84 81.71 -2.23
N LYS D 232 15.75 82.48 -2.17
CA LYS D 232 15.11 82.98 -3.38
C LYS D 232 15.76 84.26 -3.91
N PHE D 233 16.28 85.11 -3.02
CA PHE D 233 16.83 86.43 -3.38
C PHE D 233 18.25 86.61 -2.84
N PRO D 234 19.25 85.97 -3.45
CA PRO D 234 20.60 86.03 -2.90
C PRO D 234 21.14 87.45 -2.92
N PRO D 235 21.72 87.90 -1.81
CA PRO D 235 22.27 89.27 -1.77
C PRO D 235 23.42 89.49 -2.76
N ASP D 236 24.19 88.45 -3.08
CA ASP D 236 25.26 88.58 -4.07
C ASP D 236 24.68 88.29 -5.45
N ASN D 237 25.45 87.64 -6.33
CA ASN D 237 24.97 87.30 -7.67
C ASN D 237 24.92 85.80 -7.94
N SER D 238 24.91 84.97 -6.89
CA SER D 238 24.76 83.54 -7.11
C SER D 238 23.33 83.20 -7.52
N ALA D 239 23.11 81.94 -7.91
CA ALA D 239 21.81 81.47 -8.37
C ALA D 239 20.88 81.14 -7.21
N PRO D 240 19.62 81.54 -7.27
CA PRO D 240 18.66 81.13 -6.23
C PRO D 240 18.45 79.62 -6.27
N TYR D 241 18.10 79.05 -5.11
CA TYR D 241 17.83 77.62 -4.99
C TYR D 241 16.48 77.24 -5.63
N GLY D 242 16.37 75.97 -6.06
CA GLY D 242 15.08 75.39 -6.40
C GLY D 242 14.34 74.82 -5.18
N ALA D 243 13.02 74.65 -5.32
CA ALA D 243 12.16 74.13 -4.26
C ALA D 243 11.53 72.77 -4.63
N ARG D 244 11.48 71.86 -3.64
CA ARG D 244 10.82 70.56 -3.73
C ARG D 244 10.17 70.18 -2.39
N TYR D 245 8.91 69.70 -2.41
CA TYR D 245 8.24 69.22 -1.17
C TYR D 245 7.21 68.15 -1.55
N VAL D 246 7.60 66.87 -1.38
CA VAL D 246 6.73 65.73 -1.63
C VAL D 246 5.62 65.63 -0.59
N GLY D 247 5.89 66.00 0.66
CA GLY D 247 4.91 65.79 1.69
C GLY D 247 4.96 64.42 2.34
N SER D 248 5.90 63.57 1.94
CA SER D 248 6.16 62.28 2.56
C SER D 248 7.61 62.28 3.06
N MET D 249 7.80 62.15 4.38
CA MET D 249 9.11 62.42 4.97
C MET D 249 10.21 61.54 4.35
N VAL D 250 9.93 60.26 4.16
CA VAL D 250 10.97 59.37 3.64
C VAL D 250 11.42 59.83 2.24
N ALA D 251 10.49 60.27 1.38
CA ALA D 251 10.86 60.71 0.03
C ALA D 251 11.68 61.99 0.05
N ASP D 252 11.25 62.99 0.83
CA ASP D 252 11.98 64.25 0.88
C ASP D 252 13.36 64.09 1.53
N VAL D 253 13.47 63.26 2.57
CA VAL D 253 14.76 63.08 3.22
C VAL D 253 15.73 62.33 2.30
N HIS D 254 15.23 61.32 1.57
CA HIS D 254 16.10 60.58 0.67
C HIS D 254 16.60 61.46 -0.48
N ARG D 255 15.75 62.33 -1.03
CA ARG D 255 16.23 63.27 -2.04
C ARG D 255 17.31 64.20 -1.47
N THR D 256 17.13 64.65 -0.22
CA THR D 256 18.16 65.48 0.40
C THR D 256 19.48 64.72 0.49
N LEU D 257 19.42 63.43 0.84
CA LEU D 257 20.63 62.63 0.93
C LEU D 257 21.33 62.55 -0.43
N VAL D 258 20.56 62.26 -1.48
CA VAL D 258 21.15 61.97 -2.77
C VAL D 258 21.62 63.25 -3.48
N TYR D 259 20.89 64.35 -3.35
CA TYR D 259 21.18 65.56 -4.12
C TYR D 259 21.79 66.69 -3.31
N GLY D 260 21.75 66.61 -1.95
CA GLY D 260 22.19 67.71 -1.12
C GLY D 260 21.13 68.78 -0.93
N GLY D 261 21.38 69.71 -0.02
CA GLY D 261 20.44 70.77 0.27
C GLY D 261 19.93 70.67 1.68
N ILE D 262 18.72 71.17 1.90
CA ILE D 262 18.19 71.31 3.26
C ILE D 262 16.70 70.98 3.28
N PHE D 263 16.28 70.32 4.37
CA PHE D 263 14.89 69.94 4.64
C PHE D 263 14.48 70.50 6.01
N LEU D 264 13.33 71.16 6.07
CA LEU D 264 12.92 71.83 7.31
C LEU D 264 11.51 71.44 7.68
N TYR D 265 11.32 71.05 8.94
CA TYR D 265 9.99 70.98 9.55
C TYR D 265 10.18 71.64 10.91
N PRO D 266 10.22 72.97 10.93
CA PRO D 266 10.71 73.68 12.11
C PRO D 266 9.62 74.01 13.12
N ALA D 267 10.06 74.57 14.25
CA ALA D 267 9.16 75.04 15.29
C ALA D 267 8.61 76.42 14.91
N ASN D 268 7.38 76.71 15.36
CA ASN D 268 6.83 78.05 15.25
C ASN D 268 6.07 78.34 16.53
N LYS D 269 5.39 79.49 16.61
CA LYS D 269 4.73 79.82 17.88
C LYS D 269 3.55 78.89 18.15
N LYS D 270 2.83 78.48 17.09
CA LYS D 270 1.73 77.53 17.27
C LYS D 270 2.21 76.13 17.62
N SER D 271 3.45 75.81 17.26
CA SER D 271 4.01 74.47 17.47
C SER D 271 5.44 74.62 17.96
N PRO D 272 5.63 74.97 19.24
CA PRO D 272 7.00 75.27 19.73
C PRO D 272 7.90 74.06 19.71
N ASN D 273 7.34 72.87 19.55
CA ASN D 273 8.07 71.61 19.50
C ASN D 273 8.01 70.92 18.14
N GLY D 274 7.51 71.57 17.10
CA GLY D 274 7.41 70.91 15.81
C GLY D 274 6.21 70.00 15.70
N LYS D 275 6.21 69.19 14.63
CA LYS D 275 5.13 68.24 14.37
C LYS D 275 5.60 66.81 14.26
N LEU D 276 6.76 66.56 13.67
CA LEU D 276 7.25 65.21 13.48
C LEU D 276 7.63 64.56 14.81
N ARG D 277 7.51 63.23 14.88
CA ARG D 277 7.73 62.47 16.11
C ARG D 277 9.20 62.13 16.27
N LEU D 278 9.75 62.37 17.47
CA LEU D 278 11.18 62.22 17.70
C LEU D 278 11.61 60.75 17.62
N LEU D 279 10.81 59.83 18.18
CA LEU D 279 11.34 58.49 18.38
C LEU D 279 11.49 57.72 17.08
N TYR D 280 10.49 57.78 16.20
CA TYR D 280 10.47 56.92 15.02
C TYR D 280 10.36 57.69 13.71
N GLU D 281 10.52 59.02 13.75
CA GLU D 281 10.71 59.85 12.55
C GLU D 281 11.99 60.72 12.65
N CYS D 282 12.14 61.57 13.67
CA CYS D 282 13.26 62.52 13.65
C CYS D 282 14.61 61.86 13.92
N ASN D 283 14.71 61.05 14.98
CA ASN D 283 15.99 60.45 15.33
C ASN D 283 16.52 59.50 14.26
N PRO D 284 15.73 58.55 13.71
CA PRO D 284 16.32 57.68 12.68
C PRO D 284 16.87 58.48 11.51
N MET D 285 16.18 59.55 11.09
CA MET D 285 16.67 60.38 9.98
C MET D 285 17.89 61.21 10.39
N ALA D 286 17.91 61.74 11.61
CA ALA D 286 19.08 62.47 12.08
C ALA D 286 20.31 61.57 12.09
N TYR D 287 20.12 60.32 12.50
CA TYR D 287 21.23 59.38 12.52
C TYR D 287 21.78 59.12 11.12
N VAL D 288 20.90 58.86 10.14
CA VAL D 288 21.37 58.64 8.77
C VAL D 288 22.21 59.83 8.29
N MET D 289 21.69 61.06 8.47
CA MET D 289 22.36 62.27 8.02
C MET D 289 23.73 62.45 8.68
N GLU D 290 23.83 62.27 10.00
CA GLU D 290 25.14 62.49 10.62
C GLU D 290 26.14 61.43 10.17
N LYS D 291 25.71 60.18 10.01
CA LYS D 291 26.61 59.16 9.47
C LYS D 291 27.02 59.44 8.03
N ALA D 292 26.26 60.28 7.30
CA ALA D 292 26.63 60.68 5.95
C ALA D 292 27.36 62.01 5.89
N GLY D 293 27.80 62.55 7.01
CA GLY D 293 28.52 63.81 6.98
C GLY D 293 27.64 65.03 6.91
N GLY D 294 26.35 64.90 7.25
CA GLY D 294 25.44 66.02 7.31
C GLY D 294 25.13 66.42 8.73
N MET D 295 24.10 67.28 8.88
CA MET D 295 23.75 67.83 10.18
C MET D 295 22.25 67.73 10.37
N ALA D 296 21.82 67.76 11.64
CA ALA D 296 20.41 67.69 11.99
C ALA D 296 20.19 68.40 13.32
N THR D 297 19.52 69.55 13.29
CA THR D 297 19.35 70.41 14.44
C THR D 297 17.88 70.69 14.65
N THR D 298 17.54 71.06 15.87
CA THR D 298 16.24 71.60 16.20
C THR D 298 16.24 73.11 16.12
N GLY D 299 17.40 73.70 15.84
CA GLY D 299 17.53 75.14 15.99
C GLY D 299 18.27 75.47 17.26
N LYS D 300 17.99 74.74 18.34
CA LYS D 300 18.70 74.96 19.60
C LYS D 300 19.79 73.94 19.85
N GLU D 301 19.68 72.71 19.33
CA GLU D 301 20.70 71.70 19.57
C GLU D 301 20.54 70.63 18.51
N ALA D 302 21.50 69.71 18.53
CA ALA D 302 21.41 68.54 17.67
C ALA D 302 20.21 67.67 18.07
N VAL D 303 19.50 67.19 17.05
CA VAL D 303 18.36 66.31 17.26
C VAL D 303 18.79 65.10 18.08
N LEU D 304 19.98 64.58 17.78
CA LEU D 304 20.45 63.35 18.44
C LEU D 304 20.79 63.54 19.90
N ASP D 305 20.88 64.78 20.41
CA ASP D 305 21.18 65.01 21.82
C ASP D 305 19.94 65.19 22.67
N VAL D 306 18.76 65.25 22.07
CA VAL D 306 17.54 65.38 22.87
C VAL D 306 17.28 64.09 23.65
N ILE D 307 17.01 64.24 24.94
CA ILE D 307 16.66 63.12 25.82
C ILE D 307 15.14 63.11 25.97
N PRO D 308 14.44 62.09 25.48
CA PRO D 308 12.98 62.13 25.51
C PRO D 308 12.39 61.70 26.84
N THR D 309 11.19 62.24 27.12
CA THR D 309 10.38 61.90 28.28
C THR D 309 9.05 61.22 27.94
N ASP D 310 8.67 61.14 26.66
CA ASP D 310 7.43 60.50 26.22
C ASP D 310 7.65 59.80 24.88
N ILE D 311 7.15 58.55 24.74
CA ILE D 311 7.46 57.79 23.53
C ILE D 311 6.88 58.42 22.25
N HIS D 312 5.84 59.25 22.37
CA HIS D 312 5.23 59.91 21.21
C HIS D 312 5.51 61.41 21.19
N GLN D 313 6.59 61.87 21.80
CA GLN D 313 6.84 63.31 21.80
C GLN D 313 7.35 63.79 20.44
N ARG D 314 7.09 65.07 20.17
CA ARG D 314 7.45 65.73 18.93
C ARG D 314 8.77 66.50 19.06
N ALA D 315 9.35 66.84 17.91
CA ALA D 315 10.60 67.62 17.84
C ALA D 315 10.70 68.36 16.51
N PRO D 316 11.23 69.59 16.50
CA PRO D 316 11.54 70.24 15.21
C PRO D 316 12.84 69.72 14.62
N VAL D 317 12.95 69.77 13.30
CA VAL D 317 14.13 69.23 12.64
C VAL D 317 14.47 70.06 11.41
N ILE D 318 15.75 70.37 11.27
CA ILE D 318 16.32 71.00 10.08
C ILE D 318 17.57 70.19 9.75
N LEU D 319 17.62 69.58 8.56
CA LEU D 319 18.70 68.66 8.25
C LEU D 319 19.13 68.79 6.80
N GLY D 320 20.30 68.22 6.49
CA GLY D 320 20.84 68.25 5.15
C GLY D 320 22.33 68.60 5.10
N SER D 321 22.78 69.19 3.99
CA SER D 321 24.19 69.55 3.81
C SER D 321 24.70 70.47 4.92
N PRO D 322 25.94 70.30 5.38
CA PRO D 322 26.40 71.08 6.56
C PRO D 322 26.51 72.59 6.31
N ASP D 323 27.06 73.03 5.15
CA ASP D 323 27.12 74.48 4.86
C ASP D 323 25.72 75.12 4.87
N ASP D 324 24.71 74.39 4.40
CA ASP D 324 23.36 74.95 4.40
C ASP D 324 22.79 75.00 5.82
N VAL D 325 22.94 73.93 6.60
CA VAL D 325 22.45 73.94 7.99
C VAL D 325 23.16 75.01 8.81
N LEU D 326 24.47 75.18 8.64
CA LEU D 326 25.21 76.21 9.40
C LEU D 326 24.72 77.61 9.04
N GLU D 327 24.46 77.86 7.75
CA GLU D 327 23.93 79.15 7.32
C GLU D 327 22.54 79.40 7.91
N PHE D 328 21.69 78.36 8.02
CA PHE D 328 20.41 78.55 8.68
C PHE D 328 20.60 78.91 10.17
N LEU D 329 21.55 78.28 10.85
CA LEU D 329 21.78 78.59 12.26
C LEU D 329 22.29 80.03 12.45
N LYS D 330 23.10 80.53 11.51
CA LYS D 330 23.52 81.94 11.55
C LYS D 330 22.33 82.90 11.51
N VAL D 331 21.38 82.66 10.60
CA VAL D 331 20.17 83.48 10.58
C VAL D 331 19.33 83.23 11.82
N TYR D 332 19.22 81.96 12.24
CA TYR D 332 18.43 81.62 13.42
C TYR D 332 18.94 82.34 14.65
N GLU D 333 20.26 82.37 14.82
CA GLU D 333 20.86 83.01 15.98
C GLU D 333 20.71 84.52 15.90
N LYS D 334 20.70 85.08 14.68
CA LYS D 334 20.48 86.51 14.51
C LYS D 334 19.16 86.95 15.15
N HIS D 335 18.15 86.09 15.12
CA HIS D 335 16.86 86.36 15.74
C HIS D 335 16.75 85.77 17.15
N SER D 336 17.86 85.53 17.83
CA SER D 336 17.78 84.99 19.19
C SER D 336 18.12 85.98 20.30
N ASP E 10 7.21 -53.40 26.75
CA ASP E 10 6.07 -52.48 26.92
C ASP E 10 6.13 -51.23 26.02
N VAL E 11 5.00 -50.85 25.43
CA VAL E 11 4.95 -49.63 24.62
C VAL E 11 5.12 -48.40 25.51
N ASN E 12 5.71 -47.34 24.94
CA ASN E 12 5.91 -46.08 25.64
C ASN E 12 5.65 -44.90 24.70
N THR E 13 5.18 -43.79 25.25
CA THR E 13 4.98 -42.55 24.50
C THR E 13 5.82 -41.39 25.08
N LEU E 14 5.87 -40.29 24.32
CA LEU E 14 6.64 -39.11 24.76
C LEU E 14 6.09 -38.54 26.05
N THR E 15 4.77 -38.38 26.14
CA THR E 15 4.17 -37.82 27.35
C THR E 15 4.42 -38.72 28.55
N ARG E 16 4.24 -40.03 28.36
CA ARG E 16 4.51 -40.97 29.42
C ARG E 16 5.99 -40.99 29.78
N PHE E 17 6.88 -40.90 28.78
CA PHE E 17 8.31 -40.90 29.07
C PHE E 17 8.71 -39.68 29.90
N VAL E 18 8.18 -38.50 29.55
CA VAL E 18 8.58 -37.29 30.25
C VAL E 18 8.04 -37.28 31.67
N MET E 19 6.83 -37.79 31.87
CA MET E 19 6.25 -37.86 33.22
C MET E 19 7.06 -38.80 34.10
N GLU E 20 7.56 -39.90 33.53
CA GLU E 20 8.37 -40.82 34.31
C GLU E 20 9.72 -40.19 34.69
N GLU E 21 10.39 -39.53 33.74
CA GLU E 21 11.63 -38.84 34.10
C GLU E 21 11.36 -37.69 35.08
N GLY E 22 10.20 -37.04 34.97
CA GLY E 22 9.88 -35.95 35.88
C GLY E 22 9.58 -36.43 37.29
N ARG E 23 8.82 -37.53 37.42
CA ARG E 23 8.59 -38.09 38.74
C ARG E 23 9.88 -38.66 39.33
N LYS E 24 10.73 -39.24 38.49
CA LYS E 24 12.01 -39.77 38.98
C LYS E 24 12.85 -38.68 39.62
N ALA E 25 12.83 -37.48 39.04
CA ALA E 25 13.67 -36.38 39.50
C ALA E 25 12.99 -35.50 40.55
N ARG E 26 11.75 -35.82 40.91
CA ARG E 26 11.05 -35.10 41.98
C ARG E 26 10.86 -33.63 41.61
N GLY E 27 10.63 -33.37 40.32
CA GLY E 27 10.40 -32.01 39.87
C GLY E 27 8.95 -31.54 40.07
N THR E 28 8.76 -30.23 39.88
CA THR E 28 7.47 -29.61 40.08
C THR E 28 6.50 -29.88 38.92
N GLY E 29 7.00 -30.26 37.76
CA GLY E 29 6.17 -30.48 36.60
C GLY E 29 6.20 -29.36 35.57
N GLU E 30 6.87 -28.24 35.89
CA GLU E 30 6.86 -27.10 34.98
C GLU E 30 7.54 -27.43 33.66
N LEU E 31 8.65 -28.18 33.70
CA LEU E 31 9.31 -28.55 32.45
C LEU E 31 8.42 -29.50 31.63
N THR E 32 7.70 -30.41 32.31
CA THR E 32 6.80 -31.34 31.63
C THR E 32 5.68 -30.60 30.94
N GLN E 33 5.12 -29.57 31.58
CA GLN E 33 4.13 -28.71 30.94
C GLN E 33 4.74 -27.97 29.74
N LEU E 34 6.01 -27.55 29.87
CA LEU E 34 6.69 -26.91 28.74
C LEU E 34 6.74 -27.84 27.54
N LEU E 35 7.29 -29.04 27.74
CA LEU E 35 7.51 -29.96 26.64
C LEU E 35 6.21 -30.51 26.07
N ASN E 36 5.19 -30.72 26.92
CA ASN E 36 3.91 -31.20 26.39
C ASN E 36 3.26 -30.13 25.51
N SER E 37 3.32 -28.87 25.92
CA SER E 37 2.79 -27.81 25.08
C SER E 37 3.57 -27.71 23.78
N LEU E 38 4.89 -27.89 23.86
CA LEU E 38 5.71 -27.85 22.65
C LEU E 38 5.38 -29.02 21.71
N CYS E 39 5.05 -30.18 22.28
CA CYS E 39 4.72 -31.33 21.43
C CYS E 39 3.38 -31.15 20.74
N THR E 40 2.43 -30.49 21.40
CA THR E 40 1.20 -30.11 20.71
C THR E 40 1.51 -29.16 19.55
N ALA E 41 2.42 -28.19 19.77
CA ALA E 41 2.80 -27.27 18.71
C ALA E 41 3.39 -28.03 17.55
N VAL E 42 4.26 -29.00 17.85
CA VAL E 42 4.91 -29.76 16.78
C VAL E 42 3.88 -30.56 15.98
N LYS E 43 2.89 -31.16 16.66
CA LYS E 43 1.88 -31.92 15.92
C LYS E 43 1.03 -31.01 15.03
N ALA E 44 0.76 -29.76 15.46
CA ALA E 44 0.00 -28.83 14.62
C ALA E 44 0.85 -28.35 13.45
N ILE E 45 2.13 -28.11 13.69
CA ILE E 45 3.04 -27.73 12.63
C ILE E 45 3.15 -28.85 11.60
N SER E 46 3.33 -30.09 12.08
CA SER E 46 3.45 -31.24 11.18
C SER E 46 2.23 -31.38 10.29
N SER E 47 1.03 -31.22 10.86
CA SER E 47 -0.17 -31.42 10.07
C SER E 47 -0.25 -30.38 8.96
N ALA E 48 0.21 -29.15 9.27
CA ALA E 48 0.17 -28.07 8.29
C ALA E 48 1.24 -28.27 7.21
N VAL E 49 2.44 -28.69 7.59
CA VAL E 49 3.50 -28.95 6.63
C VAL E 49 3.10 -30.07 5.65
N ARG E 50 2.42 -31.11 6.15
CA ARG E 50 1.90 -32.17 5.25
C ARG E 50 0.68 -31.71 4.45
N LYS E 51 0.25 -30.46 4.60
CA LYS E 51 -0.75 -29.82 3.75
C LYS E 51 -2.15 -30.36 3.98
N ALA E 52 -2.45 -30.83 5.19
CA ALA E 52 -3.83 -31.19 5.48
C ALA E 52 -4.72 -29.97 5.34
N GLY E 53 -5.83 -30.12 4.61
CA GLY E 53 -6.71 -28.98 4.37
C GLY E 53 -6.31 -28.03 3.25
N ILE E 54 -5.25 -28.33 2.49
CA ILE E 54 -4.87 -27.46 1.35
C ILE E 54 -6.02 -27.38 0.35
N ALA E 55 -6.87 -28.41 0.27
CA ALA E 55 -8.01 -28.38 -0.65
C ALA E 55 -8.92 -27.18 -0.39
N HIS E 56 -9.03 -26.76 0.86
CA HIS E 56 -9.85 -25.60 1.16
C HIS E 56 -9.21 -24.30 0.67
N LEU E 57 -7.89 -24.24 0.63
CA LEU E 57 -7.22 -23.07 0.07
C LEU E 57 -7.40 -22.97 -1.44
N TYR E 58 -7.70 -24.08 -2.12
CA TYR E 58 -7.85 -24.06 -3.57
C TYR E 58 -9.30 -24.15 -4.02
N GLY E 59 -10.26 -23.84 -3.14
CA GLY E 59 -11.64 -23.67 -3.54
C GLY E 59 -12.52 -24.90 -3.54
N ILE E 60 -12.22 -25.90 -2.70
CA ILE E 60 -13.05 -27.10 -2.69
C ILE E 60 -14.46 -26.79 -2.19
N ALA E 61 -14.61 -25.80 -1.30
CA ALA E 61 -15.91 -25.33 -0.85
C ALA E 61 -16.25 -23.95 -1.41
N GLY E 62 -15.57 -23.53 -2.49
CA GLY E 62 -15.77 -22.23 -3.08
C GLY E 62 -14.95 -21.12 -2.45
N VAL E 71 -4.76 -16.07 5.31
CA VAL E 71 -3.59 -16.00 4.46
C VAL E 71 -2.33 -15.89 5.33
N LYS E 72 -1.94 -16.98 5.98
CA LYS E 72 -0.78 -17.02 6.85
C LYS E 72 0.27 -17.95 6.27
N LYS E 73 1.46 -17.41 6.00
CA LYS E 73 2.58 -18.21 5.53
C LYS E 73 2.98 -19.24 6.58
N LEU E 74 3.64 -20.31 6.11
CA LEU E 74 3.90 -21.45 6.97
C LEU E 74 4.91 -21.12 8.06
N ASP E 75 5.92 -20.29 7.76
CA ASP E 75 6.88 -19.95 8.81
C ASP E 75 6.28 -18.98 9.84
N VAL E 76 5.38 -18.10 9.42
CA VAL E 76 4.65 -17.26 10.36
C VAL E 76 3.70 -18.10 11.22
N LEU E 77 2.98 -19.05 10.59
CA LEU E 77 2.10 -19.93 11.35
C LEU E 77 2.89 -20.77 12.36
N SER E 78 4.04 -21.31 11.96
CA SER E 78 4.87 -22.06 12.88
C SER E 78 5.31 -21.20 14.07
N ASN E 79 5.79 -19.98 13.80
CA ASN E 79 6.22 -19.10 14.89
C ASN E 79 5.05 -18.80 15.83
N ASP E 80 3.86 -18.60 15.27
CA ASP E 80 2.66 -18.33 16.08
C ASP E 80 2.25 -19.53 16.94
N LEU E 81 2.39 -20.75 16.41
CA LEU E 81 2.01 -21.92 17.21
C LEU E 81 2.93 -22.10 18.40
N VAL E 82 4.25 -22.01 18.17
CA VAL E 82 5.22 -22.20 19.25
C VAL E 82 5.10 -21.08 20.29
N MET E 83 5.01 -19.83 19.82
CA MET E 83 4.88 -18.71 20.76
C MET E 83 3.62 -18.87 21.62
N ASN E 84 2.49 -19.22 21.01
CA ASN E 84 1.25 -19.28 21.76
C ASN E 84 1.24 -20.46 22.72
N MET E 85 1.74 -21.63 22.29
CA MET E 85 1.71 -22.80 23.16
C MET E 85 2.70 -22.68 24.33
N LEU E 86 3.83 -22.00 24.12
CA LEU E 86 4.79 -21.81 25.21
C LEU E 86 4.28 -20.81 26.23
N LYS E 87 3.82 -19.63 25.78
CA LYS E 87 3.26 -18.64 26.70
C LYS E 87 2.20 -19.27 27.57
N SER E 88 1.26 -20.00 26.95
CA SER E 88 0.16 -20.61 27.68
C SER E 88 0.58 -21.84 28.47
N SER E 89 1.86 -22.25 28.40
CA SER E 89 2.29 -23.32 29.28
C SER E 89 2.50 -22.83 30.71
N PHE E 90 2.59 -21.50 30.91
CA PHE E 90 2.92 -20.86 32.17
C PHE E 90 4.31 -21.22 32.65
N ALA E 91 5.20 -21.62 31.73
CA ALA E 91 6.50 -22.11 32.15
C ALA E 91 7.67 -21.32 31.59
N THR E 92 7.43 -20.21 30.87
CA THR E 92 8.48 -19.45 30.21
C THR E 92 8.43 -17.99 30.64
N CYS E 93 9.57 -17.28 30.44
CA CYS E 93 9.62 -15.85 30.74
C CYS E 93 10.30 -15.04 29.63
N VAL E 94 11.25 -15.65 28.90
CA VAL E 94 11.92 -15.01 27.78
C VAL E 94 11.96 -15.98 26.61
N LEU E 95 11.57 -15.49 25.42
CA LEU E 95 11.53 -16.30 24.21
C LEU E 95 12.29 -15.59 23.08
N VAL E 96 13.28 -16.26 22.51
CA VAL E 96 14.04 -15.72 21.38
C VAL E 96 13.73 -16.57 20.15
N SER E 97 13.36 -15.91 19.06
CA SER E 97 12.96 -16.59 17.83
C SER E 97 13.68 -16.00 16.62
N GLU E 98 13.99 -16.88 15.67
CA GLU E 98 14.60 -16.43 14.43
C GLU E 98 13.79 -15.34 13.75
N GLU E 99 12.46 -15.34 13.95
CA GLU E 99 11.54 -14.45 13.27
C GLU E 99 11.41 -13.07 13.91
N ASP E 100 12.03 -12.84 15.07
CA ASP E 100 11.80 -11.61 15.82
C ASP E 100 13.10 -10.84 16.06
N LYS E 101 13.07 -9.53 15.80
CA LYS E 101 14.28 -8.73 15.93
C LYS E 101 14.78 -8.70 17.37
N HIS E 102 13.87 -8.52 18.32
CA HIS E 102 14.21 -8.44 19.74
C HIS E 102 13.65 -9.63 20.48
N ALA E 103 14.24 -9.90 21.63
CA ALA E 103 13.71 -10.94 22.50
C ALA E 103 12.28 -10.59 22.92
N ILE E 104 11.45 -11.62 23.07
CA ILE E 104 10.06 -11.47 23.52
C ILE E 104 10.01 -11.74 25.02
N ILE E 105 9.41 -10.82 25.78
CA ILE E 105 9.27 -10.93 27.23
C ILE E 105 7.83 -11.30 27.56
N VAL E 106 7.65 -12.45 28.23
CA VAL E 106 6.32 -12.96 28.52
C VAL E 106 5.61 -12.04 29.52
N GLU E 107 4.31 -11.84 29.33
CA GLU E 107 3.56 -10.98 30.23
C GLU E 107 3.55 -11.57 31.64
N PRO E 108 3.48 -10.71 32.66
CA PRO E 108 3.76 -11.20 34.03
C PRO E 108 2.89 -12.35 34.48
N GLU E 109 1.59 -12.32 34.18
CA GLU E 109 0.65 -13.30 34.70
C GLU E 109 0.86 -14.72 34.17
N LYS E 110 1.73 -14.91 33.18
CA LYS E 110 1.96 -16.21 32.58
C LYS E 110 3.40 -16.66 32.69
N ARG E 111 4.21 -15.98 33.50
CA ARG E 111 5.65 -16.21 33.55
C ARG E 111 6.00 -17.48 34.30
N GLY E 112 6.97 -18.20 33.77
CA GLY E 112 7.55 -19.35 34.43
C GLY E 112 9.04 -19.15 34.42
N LYS E 113 9.81 -20.19 34.72
CA LYS E 113 11.23 -20.04 35.05
C LYS E 113 12.16 -20.39 33.90
N TYR E 114 11.63 -20.64 32.71
CA TYR E 114 12.48 -21.08 31.62
C TYR E 114 12.60 -20.03 30.52
N VAL E 115 13.74 -20.05 29.85
CA VAL E 115 14.02 -19.24 28.68
C VAL E 115 14.14 -20.21 27.50
N VAL E 116 13.48 -19.89 26.39
CA VAL E 116 13.50 -20.79 25.24
C VAL E 116 13.96 -20.01 24.02
N CYS E 117 14.97 -20.54 23.33
CA CYS E 117 15.41 -20.06 22.02
C CYS E 117 15.02 -21.08 20.95
N PHE E 118 14.38 -20.64 19.87
CA PHE E 118 13.97 -21.62 18.86
C PHE E 118 14.00 -21.07 17.44
N ASP E 119 14.13 -21.99 16.48
CA ASP E 119 13.88 -21.71 15.06
C ASP E 119 12.61 -22.44 14.67
N PRO E 120 11.48 -21.75 14.48
CA PRO E 120 10.20 -22.46 14.35
C PRO E 120 10.08 -23.31 13.09
N LEU E 121 10.71 -22.91 11.97
CA LEU E 121 10.63 -23.75 10.77
C LEU E 121 11.93 -23.56 9.99
N ASP E 122 12.99 -24.23 10.44
CA ASP E 122 14.27 -24.13 9.78
C ASP E 122 14.27 -24.82 8.42
N GLY E 123 14.86 -24.16 7.45
CA GLY E 123 14.86 -24.62 6.08
C GLY E 123 13.65 -24.20 5.27
N SER E 124 12.81 -23.32 5.81
CA SER E 124 11.51 -23.02 5.23
C SER E 124 11.58 -22.21 3.93
N SER E 125 12.72 -21.58 3.63
CA SER E 125 12.81 -20.84 2.38
C SER E 125 12.73 -21.78 1.19
N ASN E 126 13.20 -23.01 1.36
CA ASN E 126 13.23 -24.01 0.30
C ASN E 126 12.08 -25.00 0.38
N ILE E 127 10.99 -24.65 1.07
CA ILE E 127 9.87 -25.58 1.16
C ILE E 127 9.10 -25.69 -0.15
N ASP E 128 9.34 -24.77 -1.09
CA ASP E 128 8.73 -24.78 -2.41
C ASP E 128 9.07 -26.05 -3.18
N CYS E 129 10.21 -26.67 -2.88
CA CYS E 129 10.60 -27.92 -3.49
C CYS E 129 10.34 -29.12 -2.58
N LEU E 130 9.61 -28.92 -1.48
CA LEU E 130 9.21 -29.99 -0.55
C LEU E 130 10.42 -30.66 0.09
N VAL E 131 11.53 -29.94 0.16
CA VAL E 131 12.64 -30.40 0.98
C VAL E 131 12.15 -30.56 2.43
N SER E 132 12.83 -31.42 3.18
CA SER E 132 12.62 -31.52 4.60
C SER E 132 12.82 -30.16 5.27
N VAL E 133 12.03 -29.92 6.31
CA VAL E 133 12.11 -28.77 7.19
C VAL E 133 12.05 -29.25 8.64
N GLY E 134 12.25 -28.33 9.57
CA GLY E 134 12.29 -28.73 10.97
C GLY E 134 12.07 -27.60 11.96
N THR E 135 11.88 -27.99 13.21
CA THR E 135 11.83 -27.05 14.32
C THR E 135 12.99 -27.35 15.25
N ILE E 136 13.75 -26.32 15.64
CA ILE E 136 14.90 -26.45 16.53
C ILE E 136 14.62 -25.63 17.78
N PHE E 137 14.93 -26.19 18.95
CA PHE E 137 14.68 -25.51 20.21
C PHE E 137 15.79 -25.81 21.21
N GLY E 138 16.05 -24.84 22.10
CA GLY E 138 16.92 -24.99 23.25
C GLY E 138 16.33 -24.31 24.48
N ILE E 139 16.44 -24.96 25.65
CA ILE E 139 15.74 -24.52 26.85
C ILE E 139 16.75 -24.25 27.95
N TYR E 140 16.73 -23.03 28.50
CA TYR E 140 17.56 -22.61 29.62
C TYR E 140 16.69 -22.20 30.81
N ARG E 141 17.21 -22.40 32.02
CA ARG E 141 16.61 -21.81 33.21
C ARG E 141 17.18 -20.41 33.46
N LYS E 142 16.31 -19.47 33.80
CA LYS E 142 16.72 -18.10 34.11
C LYS E 142 17.62 -18.10 35.35
N LYS E 143 18.70 -17.33 35.30
CA LYS E 143 19.76 -17.47 36.30
C LYS E 143 19.69 -16.44 37.43
N SER E 144 19.23 -15.22 37.15
CA SER E 144 19.03 -14.22 38.18
C SER E 144 17.55 -14.10 38.52
N THR E 145 17.29 -13.39 39.62
CA THR E 145 15.94 -13.00 40.00
C THR E 145 15.59 -11.57 39.57
N ASP E 146 16.49 -10.91 38.82
CA ASP E 146 16.21 -9.60 38.22
C ASP E 146 15.05 -9.63 37.24
N GLU E 147 14.68 -8.47 36.72
CA GLU E 147 13.55 -8.41 35.83
C GLU E 147 13.92 -9.02 34.49
N PRO E 148 13.04 -9.86 33.92
CA PRO E 148 13.41 -10.63 32.72
C PRO E 148 13.67 -9.70 31.55
N SER E 149 14.76 -9.98 30.82
CA SER E 149 15.14 -9.16 29.68
C SER E 149 15.91 -10.00 28.67
N GLU E 150 16.28 -9.33 27.58
CA GLU E 150 17.02 -9.98 26.49
C GLU E 150 18.33 -10.60 26.99
N LYS E 151 18.96 -9.99 28.00
CA LYS E 151 20.23 -10.52 28.50
C LYS E 151 20.11 -11.95 29.01
N ASP E 152 18.94 -12.34 29.52
CA ASP E 152 18.78 -13.70 30.06
C ASP E 152 18.96 -14.77 28.99
N ALA E 153 18.89 -14.40 27.73
CA ALA E 153 19.08 -15.34 26.64
C ALA E 153 20.53 -15.42 26.19
N LEU E 154 21.41 -14.60 26.77
CA LEU E 154 22.81 -14.54 26.37
C LEU E 154 23.66 -15.46 27.24
N GLN E 155 23.19 -16.69 27.37
CA GLN E 155 23.94 -17.68 28.10
C GLN E 155 24.68 -18.60 27.13
N PRO E 156 25.80 -19.16 27.55
CA PRO E 156 26.50 -20.14 26.72
C PRO E 156 25.76 -21.48 26.68
N GLY E 157 26.01 -22.24 25.61
CA GLY E 157 25.30 -23.49 25.41
C GLY E 157 25.43 -24.48 26.55
N ARG E 158 26.53 -24.41 27.30
CA ARG E 158 26.74 -25.29 28.46
C ARG E 158 25.58 -25.25 29.45
N ASN E 159 24.79 -24.18 29.47
CA ASN E 159 23.75 -24.00 30.46
C ASN E 159 22.43 -24.71 30.11
N LEU E 160 22.35 -25.39 28.96
CA LEU E 160 21.07 -25.91 28.47
C LEU E 160 20.50 -26.98 29.39
N VAL E 161 19.19 -26.93 29.59
CA VAL E 161 18.49 -27.94 30.37
C VAL E 161 17.96 -29.05 29.48
N ALA E 162 17.44 -28.69 28.31
CA ALA E 162 16.98 -29.68 27.34
C ALA E 162 16.97 -29.02 25.97
N ALA E 163 17.21 -29.83 24.95
CA ALA E 163 17.23 -29.32 23.59
C ALA E 163 16.90 -30.46 22.64
N GLY E 164 16.55 -30.10 21.41
CA GLY E 164 16.32 -31.08 20.38
C GLY E 164 15.68 -30.46 19.16
N TYR E 165 15.03 -31.30 18.38
CA TYR E 165 14.42 -30.82 17.16
C TYR E 165 13.30 -31.76 16.73
N ALA E 166 12.40 -31.22 15.90
CA ALA E 166 11.43 -32.03 15.15
C ALA E 166 11.81 -31.98 13.68
N LEU E 167 11.95 -33.15 13.07
CA LEU E 167 12.22 -33.25 11.64
C LEU E 167 10.94 -33.70 10.93
N TYR E 168 10.44 -32.86 10.02
CA TYR E 168 9.27 -33.21 9.21
C TYR E 168 9.79 -33.75 7.88
N GLY E 169 10.15 -35.03 7.91
CA GLY E 169 10.67 -35.72 6.73
C GLY E 169 9.69 -36.68 6.09
N SER E 170 10.17 -37.87 5.67
CA SER E 170 9.24 -38.87 5.13
C SER E 170 8.21 -39.31 6.17
N ALA E 171 8.58 -39.29 7.44
CA ALA E 171 7.68 -39.32 8.58
C ALA E 171 8.12 -38.21 9.52
N THR E 172 7.32 -37.97 10.57
CA THR E 172 7.62 -36.94 11.57
C THR E 172 8.25 -37.58 12.81
N MET E 173 9.45 -37.10 13.18
CA MET E 173 10.14 -37.58 14.37
C MET E 173 10.57 -36.42 15.26
N LEU E 174 10.46 -36.63 16.57
CA LEU E 174 10.96 -35.70 17.57
C LEU E 174 12.15 -36.33 18.31
N VAL E 175 13.28 -35.63 18.28
CA VAL E 175 14.52 -36.05 18.93
C VAL E 175 14.69 -35.17 20.19
N LEU E 176 14.75 -35.80 21.36
CA LEU E 176 14.81 -35.07 22.64
C LEU E 176 16.10 -35.41 23.37
N ALA E 177 16.89 -34.37 23.66
CA ALA E 177 18.13 -34.51 24.41
C ALA E 177 18.00 -33.84 25.77
N MET E 178 18.31 -34.59 26.83
CA MET E 178 18.37 -34.02 28.17
C MET E 178 19.60 -34.60 28.84
N ASP E 179 19.72 -34.37 30.15
CA ASP E 179 20.85 -34.89 30.90
C ASP E 179 20.90 -36.41 30.86
N CYS E 180 19.74 -37.08 30.84
CA CYS E 180 19.75 -38.53 30.77
C CYS E 180 20.15 -39.08 29.40
N GLY E 181 20.23 -38.26 28.34
CA GLY E 181 20.63 -38.74 27.04
C GLY E 181 19.63 -38.42 25.95
N VAL E 182 19.76 -39.09 24.80
CA VAL E 182 19.00 -38.78 23.60
C VAL E 182 18.04 -39.93 23.30
N ASN E 183 16.76 -39.58 23.06
CA ASN E 183 15.69 -40.50 22.72
C ASN E 183 14.88 -39.96 21.54
N CYS E 184 14.43 -40.87 20.67
CA CYS E 184 13.77 -40.53 19.40
C CYS E 184 12.35 -41.07 19.38
N PHE E 185 11.38 -40.20 19.12
CA PHE E 185 9.96 -40.54 19.19
C PHE E 185 9.31 -40.35 17.81
N MET E 186 8.62 -41.38 17.32
CA MET E 186 7.98 -41.37 15.99
C MET E 186 6.52 -40.96 16.10
N LEU E 187 6.12 -39.95 15.34
CA LEU E 187 4.72 -39.54 15.39
C LEU E 187 3.85 -40.52 14.59
N ASP E 188 2.86 -41.16 15.27
CA ASP E 188 1.86 -42.03 14.65
C ASP E 188 0.62 -41.19 14.33
N PRO E 189 0.44 -40.78 13.08
CA PRO E 189 -0.67 -39.87 12.77
C PRO E 189 -2.07 -40.48 12.91
N ALA E 190 -2.19 -41.81 13.00
CA ALA E 190 -3.53 -42.40 13.18
C ALA E 190 -4.10 -42.10 14.55
N ILE E 191 -3.24 -41.83 15.55
CA ILE E 191 -3.69 -41.59 16.90
C ILE E 191 -3.05 -40.34 17.52
N GLY E 192 -2.13 -39.68 16.82
CA GLY E 192 -1.52 -38.48 17.36
C GLY E 192 -0.74 -38.68 18.65
N GLU E 193 0.13 -39.68 18.67
CA GLU E 193 1.02 -39.94 19.79
C GLU E 193 2.42 -40.11 19.24
N PHE E 194 3.38 -39.61 20.00
CA PHE E 194 4.80 -39.81 19.72
C PHE E 194 5.20 -41.11 20.42
N ILE E 195 5.53 -42.13 19.63
CA ILE E 195 5.86 -43.46 20.12
C ILE E 195 7.38 -43.57 20.22
N LEU E 196 7.86 -44.05 21.37
CA LEU E 196 9.30 -44.17 21.56
C LEU E 196 9.82 -45.32 20.70
N VAL E 197 10.76 -45.03 19.80
CA VAL E 197 11.25 -46.04 18.88
C VAL E 197 12.77 -46.24 18.94
N ASP E 198 13.53 -45.31 19.53
CA ASP E 198 14.97 -45.45 19.78
C ASP E 198 15.32 -44.87 21.14
N LYS E 199 15.77 -45.72 22.05
CA LYS E 199 16.07 -45.35 23.43
C LYS E 199 17.56 -45.09 23.60
N ASP E 200 17.92 -43.98 24.24
CA ASP E 200 19.30 -43.70 24.68
C ASP E 200 20.32 -43.84 23.55
N VAL E 201 20.17 -42.99 22.52
CA VAL E 201 20.90 -43.13 21.27
C VAL E 201 22.32 -42.57 21.34
N LYS E 202 23.27 -43.22 20.66
CA LYS E 202 24.67 -42.79 20.56
C LYS E 202 25.13 -42.80 19.09
N ILE E 203 25.96 -41.83 18.72
CA ILE E 203 26.45 -41.69 17.34
C ILE E 203 27.61 -42.64 17.10
N LYS E 204 27.77 -43.05 15.83
CA LYS E 204 28.93 -43.85 15.44
C LYS E 204 30.23 -43.10 15.76
N LYS E 205 31.25 -43.86 16.19
CA LYS E 205 32.54 -43.26 16.53
C LYS E 205 33.19 -42.59 15.32
N LYS E 206 33.00 -43.13 14.13
CA LYS E 206 33.53 -42.54 12.91
C LYS E 206 32.62 -42.95 11.75
N GLY E 207 32.34 -41.99 10.87
CA GLY E 207 31.40 -42.19 9.81
C GLY E 207 32.01 -42.18 8.42
N LYS E 208 31.14 -42.10 7.43
CA LYS E 208 31.52 -42.23 6.03
C LYS E 208 30.86 -41.16 5.16
N ILE E 209 30.42 -40.05 5.76
CA ILE E 209 29.71 -39.01 5.03
C ILE E 209 30.16 -37.65 5.54
N TYR E 210 30.47 -36.72 4.62
CA TYR E 210 30.72 -35.31 4.96
C TYR E 210 29.69 -34.43 4.26
N SER E 211 29.38 -33.28 4.87
CA SER E 211 28.24 -32.48 4.45
C SER E 211 28.58 -31.00 4.58
N LEU E 212 28.69 -30.31 3.43
CA LEU E 212 28.88 -28.87 3.35
C LEU E 212 28.61 -28.41 1.92
N ASN E 213 28.37 -27.10 1.75
CA ASN E 213 28.08 -26.49 0.44
C ASN E 213 29.38 -26.21 -0.30
N GLU E 214 29.77 -27.10 -1.20
CA GLU E 214 31.02 -26.87 -1.91
C GLU E 214 30.95 -25.76 -2.96
N GLY E 215 29.78 -25.18 -3.21
CA GLY E 215 29.70 -24.08 -4.17
C GLY E 215 30.46 -22.83 -3.74
N TYR E 216 30.82 -22.72 -2.47
CA TYR E 216 31.59 -21.62 -1.93
C TYR E 216 33.08 -21.95 -1.84
N ALA E 217 33.58 -22.83 -2.70
CA ALA E 217 34.96 -23.29 -2.58
C ALA E 217 35.97 -22.17 -2.83
N LYS E 218 35.62 -21.20 -3.67
CA LYS E 218 36.54 -20.09 -3.98
C LYS E 218 36.89 -19.26 -2.75
N ASP E 219 36.03 -19.21 -1.73
CA ASP E 219 36.22 -18.39 -0.55
C ASP E 219 36.72 -19.18 0.65
N PHE E 220 36.99 -20.47 0.48
CA PHE E 220 37.35 -21.34 1.60
C PHE E 220 38.61 -20.89 2.33
N ASP E 221 38.60 -21.15 3.63
CA ASP E 221 39.81 -21.19 4.42
C ASP E 221 40.72 -22.28 3.87
N PRO E 222 42.04 -22.09 3.93
CA PRO E 222 42.95 -23.15 3.46
C PRO E 222 42.82 -24.48 4.21
N ALA E 223 42.51 -24.46 5.51
CA ALA E 223 42.38 -25.71 6.25
C ALA E 223 41.12 -26.47 5.83
N VAL E 224 40.02 -25.75 5.57
CA VAL E 224 38.82 -26.39 5.06
C VAL E 224 39.07 -26.97 3.67
N THR E 225 39.79 -26.22 2.82
CA THR E 225 40.18 -26.74 1.52
C THR E 225 40.99 -28.01 1.66
N GLU E 226 41.96 -28.04 2.59
CA GLU E 226 42.77 -29.23 2.77
C GLU E 226 41.95 -30.39 3.32
N TYR E 227 41.10 -30.13 4.31
CA TYR E 227 40.32 -31.22 4.91
C TYR E 227 39.38 -31.85 3.88
N ILE E 228 38.71 -31.03 3.07
CA ILE E 228 37.80 -31.57 2.08
C ILE E 228 38.57 -32.41 1.06
N GLN E 229 39.75 -31.96 0.65
CA GLN E 229 40.56 -32.76 -0.26
C GLN E 229 40.96 -34.10 0.36
N ARG E 230 41.18 -34.13 1.68
CA ARG E 230 41.57 -35.38 2.32
C ARG E 230 40.42 -36.39 2.36
N LYS E 231 39.16 -35.92 2.34
CA LYS E 231 38.03 -36.85 2.30
C LYS E 231 37.82 -37.49 0.94
N LYS E 232 38.10 -36.75 -0.14
CA LYS E 232 37.94 -37.27 -1.49
C LYS E 232 39.12 -38.14 -1.90
N PHE E 233 40.33 -37.80 -1.43
CA PHE E 233 41.56 -38.48 -1.81
C PHE E 233 42.28 -38.89 -0.53
N PRO E 234 41.84 -39.95 0.13
CA PRO E 234 42.46 -40.34 1.40
C PRO E 234 43.92 -40.68 1.17
N PRO E 235 44.82 -40.18 2.01
CA PRO E 235 46.25 -40.48 1.79
C PRO E 235 46.57 -41.96 1.87
N ASP E 236 45.85 -42.73 2.69
CA ASP E 236 46.05 -44.16 2.87
C ASP E 236 45.21 -45.02 1.92
N ASN E 237 44.80 -44.47 0.78
CA ASN E 237 44.01 -45.18 -0.23
C ASN E 237 42.80 -45.92 0.35
N SER E 238 42.34 -45.51 1.53
CA SER E 238 41.11 -46.04 2.07
C SER E 238 39.93 -45.52 1.24
N ALA E 239 38.72 -45.92 1.60
CA ALA E 239 37.56 -45.57 0.78
C ALA E 239 37.20 -44.10 0.95
N PRO E 240 36.94 -43.37 -0.13
CA PRO E 240 36.53 -41.96 0.01
C PRO E 240 35.17 -41.85 0.68
N TYR E 241 34.98 -40.72 1.35
CA TYR E 241 33.69 -40.48 2.00
C TYR E 241 32.62 -40.21 0.95
N GLY E 242 31.38 -40.47 1.35
CA GLY E 242 30.27 -40.03 0.57
C GLY E 242 29.92 -38.60 0.89
N ALA E 243 29.27 -37.94 -0.06
CA ALA E 243 28.83 -36.57 0.14
C ALA E 243 27.31 -36.56 0.17
N ARG E 244 26.76 -35.81 1.12
CA ARG E 244 25.33 -35.53 1.21
C ARG E 244 25.17 -34.10 1.70
N TYR E 245 24.31 -33.34 1.05
CA TYR E 245 24.05 -31.98 1.53
C TYR E 245 22.64 -31.60 1.12
N VAL E 246 21.69 -31.79 2.04
CA VAL E 246 20.30 -31.43 1.79
C VAL E 246 20.14 -29.92 1.73
N GLY E 247 20.93 -29.18 2.49
CA GLY E 247 20.75 -27.75 2.62
C GLY E 247 19.74 -27.36 3.68
N SER E 248 19.21 -28.33 4.40
CA SER E 248 18.30 -28.09 5.52
C SER E 248 18.96 -28.69 6.76
N MET E 249 19.32 -27.82 7.71
CA MET E 249 20.22 -28.22 8.79
C MET E 249 19.65 -29.37 9.63
N VAL E 250 18.35 -29.33 9.96
CA VAL E 250 17.77 -30.40 10.76
C VAL E 250 17.90 -31.73 10.03
N ALA E 251 17.70 -31.73 8.71
CA ALA E 251 17.82 -32.97 7.96
C ALA E 251 19.28 -33.45 7.91
N ASP E 252 20.21 -32.53 7.63
CA ASP E 252 21.62 -32.94 7.54
C ASP E 252 22.15 -33.39 8.90
N VAL E 253 21.70 -32.75 9.98
CA VAL E 253 22.15 -33.17 11.31
C VAL E 253 21.56 -34.52 11.71
N HIS E 254 20.28 -34.77 11.45
CA HIS E 254 19.68 -36.05 11.86
C HIS E 254 20.28 -37.23 11.12
N ARG E 255 20.57 -37.07 9.82
CA ARG E 255 21.29 -38.11 9.10
C ARG E 255 22.67 -38.32 9.73
N THR E 256 23.31 -37.24 10.17
CA THR E 256 24.59 -37.36 10.86
C THR E 256 24.46 -38.15 12.15
N LEU E 257 23.39 -37.89 12.91
CA LEU E 257 23.14 -38.67 14.14
C LEU E 257 22.89 -40.14 13.82
N VAL E 258 22.05 -40.43 12.82
CA VAL E 258 21.63 -41.79 12.56
C VAL E 258 22.73 -42.62 11.86
N TYR E 259 23.52 -42.00 10.97
CA TYR E 259 24.51 -42.75 10.22
C TYR E 259 25.96 -42.39 10.56
N GLY E 260 26.21 -41.29 11.28
CA GLY E 260 27.57 -40.82 11.50
C GLY E 260 28.11 -39.95 10.37
N GLY E 261 29.29 -39.37 10.61
CA GLY E 261 29.95 -38.47 9.67
C GLY E 261 30.18 -37.08 10.25
N ILE E 262 30.23 -36.08 9.36
CA ILE E 262 30.59 -34.70 9.72
C ILE E 262 29.77 -33.71 8.91
N PHE E 263 29.45 -32.58 9.54
CA PHE E 263 28.70 -31.49 8.96
C PHE E 263 29.47 -30.20 9.19
N LEU E 264 29.66 -29.39 8.14
CA LEU E 264 30.47 -28.18 8.24
C LEU E 264 29.74 -26.97 7.68
N TYR E 265 29.72 -25.90 8.45
CA TYR E 265 29.38 -24.57 7.95
C TYR E 265 30.41 -23.61 8.54
N PRO E 266 31.61 -23.59 7.98
CA PRO E 266 32.74 -22.94 8.63
C PRO E 266 32.89 -21.48 8.22
N ALA E 267 33.83 -20.81 8.88
CA ALA E 267 34.16 -19.43 8.59
C ALA E 267 35.04 -19.33 7.35
N ASN E 268 34.94 -18.20 6.67
CA ASN E 268 35.77 -17.91 5.50
C ASN E 268 36.24 -16.45 5.59
N LYS E 269 36.86 -15.98 4.51
CA LYS E 269 37.38 -14.62 4.48
C LYS E 269 36.25 -13.58 4.51
N LYS E 270 35.15 -13.84 3.81
CA LYS E 270 34.01 -12.94 3.79
C LYS E 270 33.16 -13.02 5.06
N SER E 271 33.21 -14.14 5.79
CA SER E 271 32.37 -14.36 6.96
C SER E 271 33.19 -14.98 8.08
N PRO E 272 33.97 -14.16 8.81
CA PRO E 272 34.85 -14.70 9.85
C PRO E 272 34.09 -15.27 11.04
N ASN E 273 32.78 -15.04 11.12
CA ASN E 273 31.94 -15.53 12.20
C ASN E 273 30.94 -16.58 11.75
N GLY E 274 31.11 -17.17 10.58
CA GLY E 274 30.18 -18.16 10.12
C GLY E 274 28.92 -17.53 9.55
N LYS E 275 27.91 -18.39 9.34
CA LYS E 275 26.64 -17.93 8.79
C LYS E 275 25.45 -18.32 9.66
N LEU E 276 25.46 -19.51 10.28
CA LEU E 276 24.37 -19.98 11.13
C LEU E 276 24.33 -19.24 12.47
N ARG E 277 23.14 -19.17 13.06
CA ARG E 277 22.92 -18.41 14.30
C ARG E 277 23.21 -19.27 15.54
N LEU E 278 23.96 -18.70 16.49
CA LEU E 278 24.44 -19.46 17.65
C LEU E 278 23.32 -19.86 18.60
N LEU E 279 22.38 -18.95 18.88
CA LEU E 279 21.44 -19.16 19.99
C LEU E 279 20.41 -20.25 19.67
N TYR E 280 19.87 -20.28 18.45
CA TYR E 280 18.76 -21.17 18.16
C TYR E 280 19.04 -22.14 17.03
N GLU E 281 20.28 -22.22 16.56
CA GLU E 281 20.68 -23.24 15.60
C GLU E 281 21.89 -24.03 16.10
N CYS E 282 22.99 -23.32 16.39
CA CYS E 282 24.26 -23.99 16.69
C CYS E 282 24.24 -24.66 18.06
N ASN E 283 23.79 -23.95 19.08
CA ASN E 283 23.85 -24.51 20.43
C ASN E 283 22.99 -25.76 20.59
N PRO E 284 21.71 -25.79 20.17
CA PRO E 284 20.93 -27.04 20.34
C PRO E 284 21.51 -28.24 19.61
N MET E 285 22.00 -28.06 18.38
CA MET E 285 22.59 -29.19 17.66
C MET E 285 23.91 -29.61 18.30
N ALA E 286 24.68 -28.65 18.82
CA ALA E 286 25.87 -28.97 19.59
C ALA E 286 25.53 -29.74 20.87
N TYR E 287 24.46 -29.33 21.55
CA TYR E 287 24.03 -30.03 22.77
C TYR E 287 23.59 -31.47 22.46
N VAL E 288 22.73 -31.64 21.44
CA VAL E 288 22.27 -32.97 21.04
C VAL E 288 23.45 -33.85 20.66
N MET E 289 24.35 -33.33 19.82
CA MET E 289 25.52 -34.08 19.38
C MET E 289 26.39 -34.51 20.56
N GLU E 290 26.65 -33.59 21.49
CA GLU E 290 27.51 -33.94 22.62
C GLU E 290 26.88 -35.01 23.51
N LYS E 291 25.54 -34.93 23.76
CA LYS E 291 24.83 -35.94 24.57
C LYS E 291 24.76 -37.32 23.92
N ALA E 292 24.95 -37.41 22.61
CA ALA E 292 24.99 -38.71 21.95
C ALA E 292 26.42 -39.19 21.73
N GLY E 293 27.40 -38.52 22.34
CA GLY E 293 28.79 -38.90 22.18
C GLY E 293 29.53 -38.30 21.00
N GLY E 294 29.07 -37.17 20.46
CA GLY E 294 29.74 -36.48 19.39
C GLY E 294 30.41 -35.18 19.84
N MET E 295 30.79 -34.38 18.85
CA MET E 295 31.52 -33.13 19.09
C MET E 295 30.95 -31.99 18.24
N ALA E 296 31.28 -30.76 18.66
CA ALA E 296 30.88 -29.54 17.96
C ALA E 296 31.87 -28.41 18.24
N THR E 297 32.57 -27.92 17.21
CA THR E 297 33.59 -26.89 17.37
C THR E 297 33.33 -25.69 16.46
N THR E 298 33.88 -24.53 16.84
CA THR E 298 33.97 -23.39 15.93
C THR E 298 35.27 -23.35 15.13
N GLY E 299 36.21 -24.24 15.41
CA GLY E 299 37.57 -24.13 14.90
C GLY E 299 38.53 -23.66 16.00
N LYS E 300 38.12 -22.67 16.78
CA LYS E 300 38.91 -22.21 17.92
C LYS E 300 38.44 -22.76 19.26
N GLU E 301 37.17 -23.16 19.39
CA GLU E 301 36.65 -23.61 20.67
C GLU E 301 35.39 -24.44 20.46
N ALA E 302 34.94 -25.08 21.54
CA ALA E 302 33.67 -25.78 21.54
C ALA E 302 32.52 -24.79 21.42
N VAL E 303 31.53 -25.17 20.60
CA VAL E 303 30.35 -24.32 20.38
C VAL E 303 29.67 -23.95 21.70
N LEU E 304 29.52 -24.93 22.60
CA LEU E 304 28.78 -24.67 23.84
C LEU E 304 29.50 -23.70 24.78
N ASP E 305 30.78 -23.40 24.58
CA ASP E 305 31.49 -22.46 25.46
C ASP E 305 31.48 -21.01 24.99
N VAL E 306 31.00 -20.71 23.78
CA VAL E 306 31.00 -19.33 23.32
C VAL E 306 30.01 -18.53 24.14
N ILE E 307 30.45 -17.37 24.63
CA ILE E 307 29.60 -16.46 25.40
C ILE E 307 29.05 -15.41 24.45
N PRO E 308 27.75 -15.40 24.18
CA PRO E 308 27.22 -14.46 23.19
C PRO E 308 27.09 -13.06 23.77
N THR E 309 27.19 -12.07 22.87
CA THR E 309 26.92 -10.70 23.25
C THR E 309 25.72 -10.13 22.52
N ASP E 310 25.20 -10.80 21.49
CA ASP E 310 24.02 -10.39 20.75
C ASP E 310 23.23 -11.64 20.36
N ILE E 311 21.91 -11.62 20.58
CA ILE E 311 21.09 -12.82 20.43
C ILE E 311 21.03 -13.36 19.00
N HIS E 312 21.28 -12.51 18.00
CA HIS E 312 21.25 -12.93 16.61
C HIS E 312 22.66 -13.04 16.01
N GLN E 313 23.67 -13.23 16.86
CA GLN E 313 25.03 -13.34 16.38
C GLN E 313 25.28 -14.69 15.72
N ARG E 314 26.19 -14.71 14.77
CA ARG E 314 26.49 -15.89 14.00
C ARG E 314 27.70 -16.61 14.60
N ALA E 315 27.88 -17.86 14.19
CA ALA E 315 29.00 -18.62 14.68
C ALA E 315 29.32 -19.72 13.67
N PRO E 316 30.58 -20.03 13.43
CA PRO E 316 30.91 -21.21 12.61
C PRO E 316 30.73 -22.50 13.40
N VAL E 317 30.45 -23.59 12.68
CA VAL E 317 30.15 -24.86 13.30
C VAL E 317 30.73 -26.00 12.48
N ILE E 318 31.38 -26.94 13.16
CA ILE E 318 31.77 -28.23 12.61
C ILE E 318 31.43 -29.30 13.64
N LEU E 319 30.55 -30.24 13.29
CA LEU E 319 30.02 -31.21 14.25
C LEU E 319 29.88 -32.58 13.59
N GLY E 320 29.69 -33.60 14.42
CA GLY E 320 29.51 -34.97 13.98
C GLY E 320 30.19 -36.03 14.83
N SER E 321 30.50 -37.18 14.22
CA SER E 321 31.20 -38.25 14.92
C SER E 321 32.53 -37.72 15.47
N PRO E 322 32.95 -38.17 16.66
CA PRO E 322 34.12 -37.54 17.30
C PRO E 322 35.40 -37.68 16.50
N ASP E 323 35.69 -38.86 15.97
CA ASP E 323 36.91 -39.05 15.18
C ASP E 323 36.97 -38.08 14.01
N ASP E 324 35.83 -37.79 13.38
CA ASP E 324 35.87 -36.91 12.23
C ASP E 324 36.14 -35.46 12.63
N VAL E 325 35.50 -34.99 13.72
CA VAL E 325 35.77 -33.63 14.18
C VAL E 325 37.23 -33.51 14.66
N LEU E 326 37.74 -34.55 15.29
CA LEU E 326 39.14 -34.53 15.72
C LEU E 326 40.08 -34.42 14.51
N GLU E 327 39.79 -35.19 13.46
CA GLU E 327 40.62 -35.13 12.25
C GLU E 327 40.59 -33.75 11.61
N PHE E 328 39.42 -33.09 11.61
CA PHE E 328 39.38 -31.74 11.05
C PHE E 328 40.19 -30.76 11.89
N LEU E 329 40.09 -30.87 13.22
CA LEU E 329 40.80 -29.92 14.08
C LEU E 329 42.30 -30.02 13.89
N LYS E 330 42.81 -31.23 13.65
CA LYS E 330 44.24 -31.41 13.45
C LYS E 330 44.72 -30.58 12.26
N VAL E 331 44.00 -30.66 11.15
CA VAL E 331 44.34 -29.87 9.97
C VAL E 331 44.24 -28.39 10.29
N TYR E 332 43.23 -27.99 11.07
CA TYR E 332 43.05 -26.59 11.41
C TYR E 332 44.24 -26.03 12.18
N GLU E 333 44.75 -26.79 13.14
CA GLU E 333 45.85 -26.30 13.96
C GLU E 333 47.15 -26.20 13.15
N LYS E 334 47.34 -27.09 12.18
CA LYS E 334 48.52 -27.02 11.33
C LYS E 334 48.60 -25.71 10.56
N HIS E 335 47.46 -25.13 10.20
CA HIS E 335 47.40 -23.85 9.49
C HIS E 335 47.37 -22.65 10.44
N SER E 336 47.93 -22.79 11.64
CA SER E 336 47.99 -21.73 12.65
C SER E 336 46.58 -21.33 13.08
N ASP F 10 -11.57 -22.78 -10.45
CA ASP F 10 -12.28 -23.94 -9.92
C ASP F 10 -11.31 -25.02 -9.47
N VAL F 11 -11.61 -25.65 -8.34
CA VAL F 11 -10.75 -26.72 -7.83
C VAL F 11 -10.75 -27.92 -8.78
N ASN F 12 -9.62 -28.61 -8.84
CA ASN F 12 -9.51 -29.81 -9.68
C ASN F 12 -8.75 -30.88 -8.91
N THR F 13 -9.11 -32.13 -9.16
CA THR F 13 -8.46 -33.26 -8.56
C THR F 13 -7.83 -34.09 -9.67
N LEU F 14 -7.00 -35.05 -9.26
CA LEU F 14 -6.30 -35.86 -10.24
C LEU F 14 -7.27 -36.70 -11.06
N THR F 15 -8.22 -37.37 -10.37
CA THR F 15 -9.18 -38.21 -11.07
C THR F 15 -10.08 -37.39 -11.99
N ARG F 16 -10.55 -36.25 -11.52
CA ARG F 16 -11.36 -35.37 -12.36
C ARG F 16 -10.56 -34.84 -13.55
N PHE F 17 -9.30 -34.45 -13.33
CA PHE F 17 -8.44 -33.96 -14.41
C PHE F 17 -8.22 -35.03 -15.48
N VAL F 18 -7.96 -36.27 -15.05
CA VAL F 18 -7.67 -37.36 -15.98
C VAL F 18 -8.92 -37.77 -16.76
N MET F 19 -10.10 -37.75 -16.14
CA MET F 19 -11.31 -38.09 -16.88
C MET F 19 -11.60 -37.04 -17.96
N GLU F 20 -11.35 -35.77 -17.66
CA GLU F 20 -11.59 -34.73 -18.66
C GLU F 20 -10.60 -34.83 -19.81
N GLU F 21 -9.32 -35.06 -19.51
CA GLU F 21 -8.36 -35.28 -20.59
C GLU F 21 -8.73 -36.50 -21.42
N GLY F 22 -9.28 -37.53 -20.77
CA GLY F 22 -9.67 -38.73 -21.50
C GLY F 22 -10.90 -38.56 -22.34
N ARG F 23 -11.91 -37.87 -21.80
CA ARG F 23 -13.10 -37.63 -22.61
C ARG F 23 -12.79 -36.72 -23.77
N LYS F 24 -11.86 -35.78 -23.58
CA LYS F 24 -11.43 -34.92 -24.67
C LYS F 24 -10.86 -35.74 -25.82
N ALA F 25 -10.10 -36.79 -25.49
CA ALA F 25 -9.40 -37.64 -26.44
C ALA F 25 -10.23 -38.83 -26.91
N ARG F 26 -11.45 -38.99 -26.40
CA ARG F 26 -12.36 -40.04 -26.85
C ARG F 26 -11.80 -41.45 -26.62
N GLY F 27 -11.07 -41.65 -25.51
CA GLY F 27 -10.53 -42.97 -25.23
C GLY F 27 -11.57 -43.91 -24.63
N THR F 28 -11.17 -45.18 -24.49
CA THR F 28 -12.09 -46.18 -23.94
C THR F 28 -12.20 -46.13 -22.44
N GLY F 29 -11.27 -45.49 -21.74
CA GLY F 29 -11.30 -45.44 -20.28
C GLY F 29 -10.36 -46.38 -19.57
N GLU F 30 -9.66 -47.26 -20.29
CA GLU F 30 -8.75 -48.19 -19.63
C GLU F 30 -7.63 -47.43 -18.92
N LEU F 31 -7.10 -46.37 -19.56
CA LEU F 31 -6.02 -45.60 -18.94
C LEU F 31 -6.50 -44.86 -17.69
N THR F 32 -7.73 -44.36 -17.69
CA THR F 32 -8.28 -43.72 -16.51
C THR F 32 -8.44 -44.71 -15.35
N GLN F 33 -8.88 -45.93 -15.64
CA GLN F 33 -8.96 -46.96 -14.61
C GLN F 33 -7.58 -47.26 -14.07
N LEU F 34 -6.58 -47.34 -14.96
CA LEU F 34 -5.21 -47.59 -14.53
C LEU F 34 -4.72 -46.51 -13.59
N LEU F 35 -4.83 -45.24 -14.00
CA LEU F 35 -4.30 -44.17 -13.18
C LEU F 35 -5.06 -44.06 -11.87
N ASN F 36 -6.35 -44.36 -11.87
CA ASN F 36 -7.11 -44.31 -10.63
C ASN F 36 -6.65 -45.41 -9.66
N SER F 37 -6.38 -46.59 -10.20
CA SER F 37 -5.86 -47.67 -9.37
C SER F 37 -4.49 -47.31 -8.82
N LEU F 38 -3.62 -46.69 -9.65
CA LEU F 38 -2.30 -46.29 -9.18
C LEU F 38 -2.38 -45.23 -8.10
N CYS F 39 -3.27 -44.24 -8.26
CA CYS F 39 -3.45 -43.24 -7.20
C CYS F 39 -3.82 -43.90 -5.90
N THR F 40 -4.68 -44.92 -5.96
CA THR F 40 -5.12 -45.62 -4.75
C THR F 40 -3.93 -46.30 -4.07
N ALA F 41 -3.06 -46.96 -4.84
CA ALA F 41 -1.87 -47.54 -4.22
C ALA F 41 -0.99 -46.49 -3.59
N VAL F 42 -0.81 -45.34 -4.27
CA VAL F 42 0.07 -44.27 -3.80
C VAL F 42 -0.39 -43.70 -2.47
N LYS F 43 -1.70 -43.52 -2.30
CA LYS F 43 -2.25 -43.03 -1.05
C LYS F 43 -2.04 -44.05 0.07
N ALA F 44 -2.11 -45.35 -0.26
CA ALA F 44 -1.83 -46.37 0.74
C ALA F 44 -0.35 -46.41 1.08
N ILE F 45 0.52 -46.17 0.09
CA ILE F 45 1.95 -46.08 0.34
C ILE F 45 2.30 -44.87 1.22
N SER F 46 1.77 -43.70 0.87
CA SER F 46 2.03 -42.52 1.67
C SER F 46 1.62 -42.75 3.13
N SER F 47 0.49 -43.43 3.34
CA SER F 47 -0.05 -43.63 4.68
C SER F 47 0.92 -44.46 5.53
N ALA F 48 1.48 -45.51 4.92
CA ALA F 48 2.47 -46.34 5.59
C ALA F 48 3.80 -45.61 5.80
N VAL F 49 4.23 -44.80 4.81
CA VAL F 49 5.50 -44.07 4.93
C VAL F 49 5.45 -43.05 6.07
N ARG F 50 4.32 -42.36 6.24
CA ARG F 50 4.18 -41.43 7.35
C ARG F 50 3.95 -42.15 8.70
N LYS F 51 4.05 -43.48 8.68
CA LYS F 51 4.08 -44.34 9.87
C LYS F 51 2.72 -44.49 10.56
N ALA F 52 1.61 -44.42 9.83
CA ALA F 52 0.31 -44.70 10.44
C ALA F 52 0.24 -46.15 10.94
N GLY F 53 -0.29 -46.32 12.15
CA GLY F 53 -0.43 -47.62 12.78
C GLY F 53 0.83 -48.22 13.37
N ILE F 54 1.96 -47.49 13.35
CA ILE F 54 3.22 -48.02 13.86
C ILE F 54 3.10 -48.39 15.34
N ALA F 55 2.19 -47.72 16.06
CA ALA F 55 1.95 -48.04 17.46
C ALA F 55 1.56 -49.51 17.66
N HIS F 56 0.85 -50.11 16.70
CA HIS F 56 0.50 -51.52 16.84
C HIS F 56 1.72 -52.40 16.67
N LEU F 57 2.68 -51.97 15.86
CA LEU F 57 3.95 -52.68 15.76
C LEU F 57 4.76 -52.55 17.02
N TYR F 58 4.52 -51.51 17.82
CA TYR F 58 5.24 -51.32 19.07
C TYR F 58 4.42 -51.74 20.28
N GLY F 59 3.38 -52.53 20.06
CA GLY F 59 2.74 -53.28 21.14
C GLY F 59 1.66 -52.57 21.92
N ILE F 60 0.95 -51.64 21.30
CA ILE F 60 -0.05 -50.87 22.04
C ILE F 60 -1.22 -51.76 22.48
N ALA F 61 -1.48 -52.86 21.78
CA ALA F 61 -2.53 -53.80 22.17
C ALA F 61 -1.96 -55.10 22.75
N GLY F 62 -0.73 -55.07 23.25
CA GLY F 62 -0.09 -56.25 23.82
C GLY F 62 0.60 -57.11 22.78
N LYS F 73 10.43 -54.64 4.53
CA LYS F 73 8.98 -54.81 4.55
C LYS F 73 8.27 -53.70 3.77
N LEU F 74 8.66 -52.44 4.00
CA LEU F 74 7.92 -51.32 3.41
C LEU F 74 8.03 -51.32 1.89
N ASP F 75 9.21 -51.66 1.37
CA ASP F 75 9.31 -51.74 -0.08
C ASP F 75 8.56 -52.97 -0.61
N VAL F 76 8.48 -54.05 0.17
CA VAL F 76 7.68 -55.21 -0.23
C VAL F 76 6.20 -54.88 -0.20
N LEU F 77 5.76 -54.20 0.87
CA LEU F 77 4.37 -53.79 0.97
C LEU F 77 3.99 -52.82 -0.16
N SER F 78 4.88 -51.86 -0.46
CA SER F 78 4.61 -50.93 -1.55
C SER F 78 4.46 -51.66 -2.88
N ASN F 79 5.37 -52.62 -3.15
CA ASN F 79 5.29 -53.39 -4.39
C ASN F 79 4.00 -54.20 -4.45
N ASP F 80 3.59 -54.80 -3.32
CA ASP F 80 2.36 -55.59 -3.31
C ASP F 80 1.14 -54.72 -3.59
N LEU F 81 1.15 -53.49 -3.07
CA LEU F 81 0.02 -52.57 -3.29
C LEU F 81 -0.11 -52.21 -4.77
N VAL F 82 1.00 -51.84 -5.41
CA VAL F 82 0.96 -51.46 -6.82
C VAL F 82 0.59 -52.66 -7.69
N MET F 83 1.25 -53.81 -7.45
CA MET F 83 1.00 -54.99 -8.28
C MET F 83 -0.45 -55.43 -8.23
N ASN F 84 -1.03 -55.48 -7.03
CA ASN F 84 -2.38 -55.97 -6.88
C ASN F 84 -3.42 -54.97 -7.40
N MET F 85 -3.20 -53.67 -7.19
CA MET F 85 -4.16 -52.67 -7.67
C MET F 85 -4.14 -52.57 -9.20
N LEU F 86 -2.98 -52.81 -9.83
CA LEU F 86 -2.87 -52.76 -11.28
C LEU F 86 -3.54 -53.98 -11.92
N LYS F 87 -3.23 -55.19 -11.43
CA LYS F 87 -3.85 -56.42 -11.92
C LYS F 87 -5.37 -56.35 -11.88
N SER F 88 -5.93 -55.93 -10.75
CA SER F 88 -7.37 -55.87 -10.60
C SER F 88 -8.01 -54.69 -11.34
N SER F 89 -7.22 -53.85 -12.00
CA SER F 89 -7.78 -52.77 -12.81
C SER F 89 -8.33 -53.24 -14.16
N PHE F 90 -7.95 -54.44 -14.61
CA PHE F 90 -8.29 -54.94 -15.94
C PHE F 90 -7.72 -54.05 -17.05
N ALA F 91 -6.65 -53.31 -16.76
CA ALA F 91 -6.08 -52.38 -17.72
C ALA F 91 -4.63 -52.70 -18.05
N THR F 92 -4.08 -53.79 -17.51
CA THR F 92 -2.67 -54.10 -17.69
C THR F 92 -2.49 -55.53 -18.21
N CYS F 93 -1.31 -55.77 -18.78
CA CYS F 93 -0.95 -57.10 -19.25
C CYS F 93 0.46 -57.49 -18.83
N VAL F 94 1.36 -56.50 -18.69
CA VAL F 94 2.74 -56.75 -18.29
C VAL F 94 3.17 -55.70 -17.28
N LEU F 95 3.73 -56.15 -16.16
CA LEU F 95 4.17 -55.27 -15.07
C LEU F 95 5.61 -55.58 -14.73
N VAL F 96 6.46 -54.57 -14.83
CA VAL F 96 7.87 -54.63 -14.49
C VAL F 96 8.13 -53.76 -13.27
N SER F 97 8.76 -54.33 -12.24
CA SER F 97 9.03 -53.63 -10.99
C SER F 97 10.49 -53.79 -10.59
N GLU F 98 11.07 -52.74 -9.99
CA GLU F 98 12.42 -52.85 -9.41
C GLU F 98 12.55 -54.01 -8.42
N GLU F 99 11.45 -54.40 -7.79
CA GLU F 99 11.46 -55.43 -6.76
C GLU F 99 11.34 -56.86 -7.30
N ASP F 100 11.06 -57.05 -8.60
CA ASP F 100 10.74 -58.36 -9.15
C ASP F 100 11.73 -58.72 -10.27
N LYS F 101 12.28 -59.94 -10.19
CA LYS F 101 13.34 -60.34 -11.11
C LYS F 101 12.86 -60.44 -12.56
N HIS F 102 11.68 -61.01 -12.79
CA HIS F 102 11.18 -61.16 -14.15
C HIS F 102 9.92 -60.32 -14.35
N ALA F 103 9.62 -60.02 -15.61
CA ALA F 103 8.37 -59.32 -15.90
C ALA F 103 7.17 -60.17 -15.48
N ILE F 104 6.12 -59.52 -14.99
CA ILE F 104 4.89 -60.17 -14.55
C ILE F 104 3.87 -60.14 -15.67
N ILE F 105 3.28 -61.30 -15.97
CA ILE F 105 2.26 -61.44 -17.00
C ILE F 105 0.92 -61.59 -16.31
N VAL F 106 0.00 -60.65 -16.56
CA VAL F 106 -1.30 -60.69 -15.91
C VAL F 106 -2.09 -61.90 -16.43
N GLU F 107 -2.77 -62.60 -15.53
CA GLU F 107 -3.51 -63.79 -15.94
C GLU F 107 -4.63 -63.40 -16.91
N PRO F 108 -5.05 -64.33 -17.79
CA PRO F 108 -5.88 -63.94 -18.95
C PRO F 108 -7.20 -63.24 -18.61
N GLU F 109 -7.96 -63.70 -17.60
CA GLU F 109 -9.24 -63.04 -17.33
C GLU F 109 -9.08 -61.61 -16.82
N LYS F 110 -7.87 -61.13 -16.55
CA LYS F 110 -7.68 -59.80 -16.01
C LYS F 110 -6.85 -58.89 -16.92
N ARG F 111 -6.57 -59.31 -18.15
CA ARG F 111 -5.64 -58.59 -19.01
C ARG F 111 -6.26 -57.35 -19.63
N GLY F 112 -5.46 -56.28 -19.71
CA GLY F 112 -5.79 -55.07 -20.43
C GLY F 112 -4.63 -54.74 -21.34
N LYS F 113 -4.61 -53.54 -21.91
CA LYS F 113 -3.72 -53.25 -23.03
C LYS F 113 -2.45 -52.47 -22.69
N TYR F 114 -2.17 -52.19 -21.41
CA TYR F 114 -1.05 -51.32 -21.06
C TYR F 114 0.06 -52.07 -20.34
N VAL F 115 1.28 -51.53 -20.47
CA VAL F 115 2.49 -52.00 -19.78
C VAL F 115 2.95 -50.88 -18.83
N VAL F 116 3.29 -51.25 -17.60
CA VAL F 116 3.69 -50.26 -16.59
C VAL F 116 5.03 -50.69 -16.00
N CYS F 117 6.01 -49.80 -16.06
CA CYS F 117 7.30 -50.01 -15.41
C CYS F 117 7.41 -49.05 -14.22
N PHE F 118 7.73 -49.57 -13.04
CA PHE F 118 7.70 -48.70 -11.88
C PHE F 118 8.78 -49.07 -10.86
N ASP F 119 9.13 -48.06 -10.04
CA ASP F 119 9.93 -48.20 -8.84
C ASP F 119 9.02 -47.90 -7.66
N PRO F 120 8.56 -48.89 -6.92
CA PRO F 120 7.50 -48.62 -5.92
C PRO F 120 7.96 -47.77 -4.75
N LEU F 121 9.23 -47.88 -4.31
CA LEU F 121 9.66 -47.01 -3.20
C LEU F 121 11.16 -46.69 -3.38
N ASP F 122 11.42 -45.75 -4.27
CA ASP F 122 12.79 -45.32 -4.54
C ASP F 122 13.38 -44.54 -3.38
N GLY F 123 14.63 -44.84 -3.06
CA GLY F 123 15.35 -44.22 -1.97
C GLY F 123 15.17 -44.86 -0.61
N SER F 124 14.52 -46.03 -0.54
CA SER F 124 14.16 -46.63 0.74
C SER F 124 15.35 -47.21 1.51
N SER F 125 16.52 -47.37 0.90
CA SER F 125 17.65 -47.91 1.66
C SER F 125 18.13 -46.95 2.74
N ASN F 126 18.02 -45.63 2.51
CA ASN F 126 18.41 -44.63 3.49
C ASN F 126 17.20 -44.03 4.22
N ILE F 127 16.04 -44.72 4.21
CA ILE F 127 14.83 -44.21 4.85
C ILE F 127 14.90 -44.26 6.38
N ASP F 128 15.92 -44.92 6.94
CA ASP F 128 16.14 -44.92 8.40
C ASP F 128 16.38 -43.53 8.95
N CYS F 129 16.89 -42.61 8.12
CA CYS F 129 17.12 -41.22 8.52
C CYS F 129 16.01 -40.28 8.09
N LEU F 130 14.86 -40.81 7.62
CA LEU F 130 13.68 -40.02 7.29
C LEU F 130 13.90 -39.05 6.13
N VAL F 131 14.91 -39.30 5.31
CA VAL F 131 15.07 -38.62 4.03
C VAL F 131 13.83 -38.87 3.16
N SER F 132 13.61 -37.98 2.20
CA SER F 132 12.57 -38.16 1.19
C SER F 132 12.70 -39.49 0.47
N VAL F 133 11.54 -40.09 0.12
CA VAL F 133 11.44 -41.30 -0.69
C VAL F 133 10.33 -41.07 -1.74
N GLY F 134 10.22 -41.99 -2.70
CA GLY F 134 9.24 -41.75 -3.75
C GLY F 134 8.85 -43.01 -4.53
N THR F 135 7.79 -42.85 -5.33
CA THR F 135 7.33 -43.88 -6.27
C THR F 135 7.44 -43.31 -7.69
N ILE F 136 8.08 -44.06 -8.60
CA ILE F 136 8.32 -43.65 -9.98
C ILE F 136 7.62 -44.60 -10.95
N PHE F 137 7.01 -44.06 -12.01
CA PHE F 137 6.32 -44.93 -12.97
C PHE F 137 6.41 -44.39 -14.40
N GLY F 138 6.40 -45.33 -15.36
CA GLY F 138 6.24 -45.06 -16.78
C GLY F 138 5.28 -46.06 -17.44
N ILE F 139 4.37 -45.57 -18.27
CA ILE F 139 3.28 -46.38 -18.81
C ILE F 139 3.36 -46.42 -20.33
N TYR F 140 3.39 -47.63 -20.87
CA TYR F 140 3.43 -47.86 -22.31
C TYR F 140 2.17 -48.58 -22.76
N ARG F 141 1.77 -48.33 -24.01
CA ARG F 141 0.77 -49.13 -24.71
C ARG F 141 1.45 -50.34 -25.33
N LYS F 142 0.85 -51.52 -25.14
CA LYS F 142 1.37 -52.70 -25.82
C LYS F 142 1.42 -52.46 -27.32
N LYS F 143 2.55 -52.83 -27.93
CA LYS F 143 2.79 -52.43 -29.30
C LYS F 143 2.60 -53.57 -30.28
N SER F 144 2.86 -54.81 -29.87
CA SER F 144 2.72 -55.99 -30.72
C SER F 144 1.38 -56.69 -30.50
N THR F 145 1.06 -57.59 -31.43
CA THR F 145 -0.18 -58.37 -31.37
C THR F 145 0.00 -59.79 -30.83
N ASP F 146 1.23 -60.21 -30.53
CA ASP F 146 1.50 -61.51 -29.93
C ASP F 146 0.86 -61.69 -28.56
N GLU F 147 1.13 -62.80 -27.93
CA GLU F 147 0.69 -62.91 -26.56
C GLU F 147 1.62 -62.07 -25.69
N PRO F 148 1.11 -61.42 -24.64
CA PRO F 148 1.93 -60.47 -23.88
C PRO F 148 3.16 -61.14 -23.29
N SER F 149 4.31 -60.48 -23.44
CA SER F 149 5.56 -61.02 -22.93
C SER F 149 6.48 -59.86 -22.52
N GLU F 150 7.66 -60.22 -21.98
CA GLU F 150 8.61 -59.24 -21.50
C GLU F 150 9.01 -58.23 -22.57
N LYS F 151 9.01 -58.62 -23.84
CA LYS F 151 9.42 -57.67 -24.88
C LYS F 151 8.56 -56.42 -24.84
N ASP F 152 7.29 -56.52 -24.40
CA ASP F 152 6.41 -55.36 -24.43
C ASP F 152 6.90 -54.21 -23.55
N ALA F 153 7.79 -54.48 -22.59
CA ALA F 153 8.36 -53.44 -21.74
C ALA F 153 9.68 -52.88 -22.28
N LEU F 154 10.21 -53.44 -23.36
CA LEU F 154 11.53 -53.00 -23.86
C LEU F 154 11.41 -51.95 -24.96
N GLN F 155 10.55 -50.90 -24.74
CA GLN F 155 10.45 -49.83 -25.73
C GLN F 155 11.29 -48.64 -25.30
N PRO F 156 11.77 -47.81 -26.22
CA PRO F 156 12.48 -46.60 -25.80
C PRO F 156 11.53 -45.60 -25.18
N GLY F 157 12.09 -44.74 -24.34
CA GLY F 157 11.33 -43.73 -23.64
C GLY F 157 10.54 -42.80 -24.55
N ARG F 158 10.97 -42.64 -25.80
CA ARG F 158 10.20 -41.86 -26.78
C ARG F 158 8.75 -42.35 -26.87
N ASN F 159 8.50 -43.61 -26.55
CA ASN F 159 7.18 -44.22 -26.68
C ASN F 159 6.28 -44.01 -25.48
N LEU F 160 6.72 -43.27 -24.47
CA LEU F 160 5.94 -43.18 -23.25
C LEU F 160 4.60 -42.50 -23.50
N VAL F 161 3.54 -43.07 -22.93
CA VAL F 161 2.22 -42.46 -22.96
C VAL F 161 1.99 -41.57 -21.75
N ALA F 162 2.45 -42.00 -20.57
CA ALA F 162 2.42 -41.15 -19.40
C ALA F 162 3.47 -41.66 -18.43
N ALA F 163 4.03 -40.74 -17.67
CA ALA F 163 5.06 -41.08 -16.72
C ALA F 163 5.07 -40.03 -15.62
N GLY F 164 5.65 -40.38 -14.48
CA GLY F 164 5.78 -39.41 -13.41
C GLY F 164 6.21 -40.06 -12.11
N TYR F 165 5.96 -39.34 -11.02
CA TYR F 165 6.45 -39.81 -9.73
C TYR F 165 5.57 -39.22 -8.65
N ALA F 166 5.57 -39.90 -7.50
CA ALA F 166 5.02 -39.37 -6.26
C ALA F 166 6.19 -39.11 -5.32
N LEU F 167 6.26 -37.90 -4.77
CA LEU F 167 7.27 -37.52 -3.80
C LEU F 167 6.68 -37.54 -2.39
N TYR F 168 7.21 -38.40 -1.52
CA TYR F 168 6.81 -38.42 -0.12
C TYR F 168 7.83 -37.59 0.67
N GLY F 169 7.69 -36.26 0.57
CA GLY F 169 8.60 -35.32 1.22
C GLY F 169 8.00 -34.63 2.43
N SER F 170 8.25 -33.33 2.59
CA SER F 170 7.58 -32.64 3.68
C SER F 170 6.05 -32.68 3.48
N ALA F 171 5.61 -32.70 2.22
CA ALA F 171 4.27 -33.12 1.84
C ALA F 171 4.41 -34.13 0.71
N THR F 172 3.29 -34.76 0.37
CA THR F 172 3.22 -35.76 -0.70
C THR F 172 2.70 -35.10 -1.98
N MET F 173 3.50 -35.12 -3.04
CA MET F 173 3.07 -34.54 -4.30
C MET F 173 3.21 -35.58 -5.40
N LEU F 174 2.23 -35.61 -6.29
CA LEU F 174 2.24 -36.48 -7.47
C LEU F 174 2.41 -35.59 -8.69
N VAL F 175 3.46 -35.82 -9.46
CA VAL F 175 3.75 -35.07 -10.69
C VAL F 175 3.45 -35.97 -11.90
N LEU F 176 2.51 -35.54 -12.75
CA LEU F 176 2.07 -36.36 -13.88
C LEU F 176 2.41 -35.65 -15.19
N ALA F 177 3.18 -36.32 -16.04
CA ALA F 177 3.53 -35.81 -17.35
C ALA F 177 2.83 -36.67 -18.41
N MET F 178 2.13 -36.01 -19.33
CA MET F 178 1.54 -36.64 -20.51
C MET F 178 1.77 -35.74 -21.71
N ASP F 179 1.09 -36.03 -22.83
CA ASP F 179 1.28 -35.21 -24.03
C ASP F 179 0.92 -33.74 -23.80
N CYS F 180 -0.09 -33.48 -22.95
CA CYS F 180 -0.51 -32.12 -22.67
C CYS F 180 0.45 -31.34 -21.77
N GLY F 181 1.49 -31.97 -21.24
CA GLY F 181 2.43 -31.26 -20.36
C GLY F 181 2.60 -31.87 -18.97
N VAL F 182 3.18 -31.09 -18.05
CA VAL F 182 3.50 -31.54 -16.71
C VAL F 182 2.56 -30.84 -15.72
N ASN F 183 1.99 -31.62 -14.80
CA ASN F 183 1.10 -31.07 -13.77
C ASN F 183 1.43 -31.65 -12.39
N CYS F 184 1.31 -30.82 -11.37
CA CYS F 184 1.68 -31.14 -9.99
C CYS F 184 0.45 -31.15 -9.11
N PHE F 185 0.27 -32.26 -8.40
CA PHE F 185 -0.89 -32.48 -7.54
C PHE F 185 -0.41 -32.72 -6.11
N MET F 186 -1.00 -32.00 -5.16
CA MET F 186 -0.68 -32.12 -3.74
C MET F 186 -1.70 -33.00 -3.03
N LEU F 187 -1.25 -34.07 -2.37
CA LEU F 187 -2.18 -34.90 -1.60
C LEU F 187 -2.64 -34.17 -0.34
N ASP F 188 -3.96 -34.01 -0.20
CA ASP F 188 -4.57 -33.50 1.01
C ASP F 188 -4.92 -34.71 1.88
N PRO F 189 -4.14 -35.00 2.93
CA PRO F 189 -4.35 -36.25 3.67
C PRO F 189 -5.66 -36.28 4.44
N ALA F 190 -6.32 -35.16 4.62
CA ALA F 190 -7.60 -35.12 5.33
C ALA F 190 -8.75 -35.74 4.54
N ILE F 191 -8.70 -35.77 3.20
CA ILE F 191 -9.80 -36.30 2.39
C ILE F 191 -9.34 -37.32 1.35
N GLY F 192 -8.05 -37.60 1.27
CA GLY F 192 -7.54 -38.56 0.31
C GLY F 192 -7.77 -38.15 -1.14
N GLU F 193 -7.48 -36.90 -1.48
CA GLU F 193 -7.56 -36.41 -2.85
C GLU F 193 -6.30 -35.65 -3.21
N PHE F 194 -5.87 -35.82 -4.46
CA PHE F 194 -4.74 -35.08 -5.04
C PHE F 194 -5.26 -33.79 -5.68
N ILE F 195 -4.88 -32.64 -5.11
CA ILE F 195 -5.37 -31.33 -5.54
C ILE F 195 -4.35 -30.69 -6.48
N LEU F 196 -4.82 -30.22 -7.65
CA LEU F 196 -3.95 -29.61 -8.67
C LEU F 196 -3.43 -28.25 -8.18
N VAL F 197 -2.11 -28.08 -8.12
CA VAL F 197 -1.55 -26.85 -7.57
C VAL F 197 -0.57 -26.15 -8.52
N ASP F 198 -0.01 -26.83 -9.52
CA ASP F 198 0.88 -26.23 -10.51
C ASP F 198 0.53 -26.79 -11.88
N LYS F 199 0.02 -25.94 -12.76
CA LYS F 199 -0.44 -26.37 -14.08
C LYS F 199 0.64 -26.04 -15.11
N ASP F 200 0.94 -27.01 -15.97
CA ASP F 200 1.76 -26.79 -17.17
C ASP F 200 3.07 -26.08 -16.83
N VAL F 201 3.86 -26.73 -15.97
CA VAL F 201 5.06 -26.11 -15.42
C VAL F 201 6.21 -26.23 -16.41
N LYS F 202 7.11 -25.24 -16.39
CA LYS F 202 8.30 -25.22 -17.26
C LYS F 202 9.49 -24.84 -16.40
N ILE F 203 10.63 -25.46 -16.68
CA ILE F 203 11.87 -25.25 -15.94
C ILE F 203 12.57 -23.99 -16.43
N LYS F 204 13.34 -23.36 -15.53
CA LYS F 204 14.20 -22.23 -15.89
C LYS F 204 15.18 -22.58 -17.00
N LYS F 205 15.42 -21.60 -17.89
CA LYS F 205 16.43 -21.77 -18.93
C LYS F 205 17.82 -21.95 -18.31
N LYS F 206 18.09 -21.31 -17.18
CA LYS F 206 19.39 -21.44 -16.54
C LYS F 206 19.28 -21.26 -15.02
N GLY F 207 20.01 -22.09 -14.28
CA GLY F 207 19.93 -22.06 -12.83
C GLY F 207 21.22 -21.66 -12.15
N LYS F 208 21.28 -21.89 -10.82
CA LYS F 208 22.44 -21.53 -10.00
C LYS F 208 22.82 -22.64 -9.03
N ILE F 209 22.40 -23.87 -9.30
CA ILE F 209 22.65 -25.01 -8.41
C ILE F 209 23.05 -26.21 -9.26
N TYR F 210 24.09 -26.91 -8.82
CA TYR F 210 24.49 -28.19 -9.37
C TYR F 210 24.38 -29.25 -8.28
N SER F 211 24.09 -30.48 -8.69
CA SER F 211 23.68 -31.55 -7.77
C SER F 211 24.29 -32.87 -8.20
N LEU F 212 25.28 -33.35 -7.43
CA LEU F 212 25.93 -34.64 -7.65
C LEU F 212 26.75 -34.99 -6.42
N ASN F 213 27.10 -36.27 -6.31
CA ASN F 213 27.91 -36.79 -5.20
C ASN F 213 29.38 -36.50 -5.47
N GLU F 214 29.91 -35.42 -4.90
CA GLU F 214 31.31 -35.07 -5.14
C GLU F 214 32.28 -36.01 -4.43
N GLY F 215 31.77 -36.93 -3.60
CA GLY F 215 32.60 -37.95 -2.96
C GLY F 215 33.23 -38.94 -3.91
N TYR F 216 32.73 -39.01 -5.16
CA TYR F 216 33.35 -39.85 -6.19
C TYR F 216 34.33 -39.05 -7.04
N ALA F 217 34.91 -37.99 -6.50
CA ALA F 217 35.76 -37.10 -7.28
C ALA F 217 37.00 -37.82 -7.81
N LYS F 218 37.51 -38.80 -7.07
CA LYS F 218 38.67 -39.55 -7.55
C LYS F 218 38.38 -40.25 -8.88
N ASP F 219 37.11 -40.60 -9.14
CA ASP F 219 36.73 -41.38 -10.32
C ASP F 219 36.17 -40.55 -11.45
N PHE F 220 36.11 -39.23 -11.30
CA PHE F 220 35.43 -38.41 -12.30
C PHE F 220 36.07 -38.50 -13.67
N ASP F 221 35.21 -38.47 -14.69
CA ASP F 221 35.66 -38.19 -16.03
C ASP F 221 36.24 -36.78 -16.04
N PRO F 222 37.27 -36.55 -16.87
CA PRO F 222 37.86 -35.20 -16.92
C PRO F 222 36.85 -34.10 -17.26
N ALA F 223 35.83 -34.43 -18.04
CA ALA F 223 34.82 -33.45 -18.41
C ALA F 223 33.96 -33.06 -17.21
N VAL F 224 33.60 -34.05 -16.37
CA VAL F 224 32.85 -33.74 -15.16
C VAL F 224 33.70 -32.91 -14.19
N THR F 225 34.99 -33.25 -14.05
CA THR F 225 35.88 -32.45 -13.22
C THR F 225 35.91 -31.00 -13.69
N GLU F 226 36.07 -30.80 -14.99
CA GLU F 226 36.18 -29.45 -15.53
C GLU F 226 34.87 -28.68 -15.40
N TYR F 227 33.73 -29.34 -15.63
CA TYR F 227 32.45 -28.65 -15.53
C TYR F 227 32.19 -28.14 -14.13
N ILE F 228 32.47 -28.97 -13.11
CA ILE F 228 32.25 -28.56 -11.72
C ILE F 228 33.14 -27.36 -11.38
N GLN F 229 34.38 -27.37 -11.87
CA GLN F 229 35.30 -26.28 -11.56
C GLN F 229 34.83 -24.94 -12.11
N ARG F 230 34.17 -24.93 -13.27
CA ARG F 230 33.57 -23.69 -13.78
C ARG F 230 32.39 -23.24 -12.93
N LYS F 231 31.73 -24.17 -12.22
CA LYS F 231 30.66 -23.73 -11.33
C LYS F 231 31.23 -23.08 -10.09
N LYS F 232 32.41 -23.53 -9.62
CA LYS F 232 33.04 -22.91 -8.46
C LYS F 232 33.89 -21.69 -8.82
N PHE F 233 34.58 -21.72 -9.97
CA PHE F 233 35.51 -20.66 -10.39
C PHE F 233 35.13 -20.21 -11.80
N PRO F 234 34.14 -19.33 -11.92
CA PRO F 234 33.53 -19.05 -13.23
C PRO F 234 34.50 -18.46 -14.24
N PRO F 235 34.54 -19.02 -15.45
CA PRO F 235 35.44 -18.49 -16.49
C PRO F 235 35.07 -17.09 -16.95
N ASP F 236 33.79 -16.76 -16.99
CA ASP F 236 33.31 -15.41 -17.27
C ASP F 236 33.10 -14.59 -16.01
N ASN F 237 33.93 -14.83 -14.98
CA ASN F 237 33.94 -14.17 -13.67
C ASN F 237 32.56 -13.84 -13.07
N SER F 238 31.51 -14.56 -13.50
CA SER F 238 30.18 -14.45 -12.89
C SER F 238 30.19 -15.05 -11.48
N ALA F 239 28.99 -15.11 -10.84
CA ALA F 239 28.85 -15.61 -9.48
C ALA F 239 28.94 -17.15 -9.44
N PRO F 240 29.64 -17.73 -8.46
CA PRO F 240 29.70 -19.19 -8.36
C PRO F 240 28.35 -19.79 -8.01
N TYR F 241 28.12 -21.02 -8.48
CA TYR F 241 26.92 -21.78 -8.16
C TYR F 241 26.95 -22.32 -6.73
N GLY F 242 25.75 -22.58 -6.18
CA GLY F 242 25.59 -23.38 -4.97
C GLY F 242 25.44 -24.88 -5.24
N ALA F 243 25.70 -25.70 -4.22
CA ALA F 243 25.59 -27.16 -4.29
C ALA F 243 24.51 -27.71 -3.35
N ARG F 244 23.73 -28.69 -3.85
CA ARG F 244 22.77 -29.46 -3.07
C ARG F 244 22.74 -30.90 -3.56
N TYR F 245 22.75 -31.87 -2.63
CA TYR F 245 22.66 -33.30 -3.02
C TYR F 245 22.00 -34.09 -1.88
N VAL F 246 20.71 -34.37 -2.04
CA VAL F 246 19.97 -35.16 -1.05
C VAL F 246 20.37 -36.62 -1.07
N GLY F 247 20.68 -37.17 -2.22
CA GLY F 247 20.91 -38.59 -2.30
C GLY F 247 19.66 -39.43 -2.53
N SER F 248 18.51 -38.79 -2.69
CA SER F 248 17.26 -39.45 -3.05
C SER F 248 16.81 -38.86 -4.38
N MET F 249 16.78 -39.70 -5.42
CA MET F 249 16.66 -39.19 -6.78
C MET F 249 15.43 -38.33 -6.97
N VAL F 250 14.29 -38.75 -6.41
CA VAL F 250 13.04 -38.03 -6.58
C VAL F 250 13.12 -36.65 -5.94
N ALA F 251 13.78 -36.54 -4.78
CA ALA F 251 13.91 -35.22 -4.15
C ALA F 251 14.84 -34.31 -4.94
N ASP F 252 15.99 -34.82 -5.39
CA ASP F 252 16.92 -33.99 -6.15
C ASP F 252 16.35 -33.58 -7.50
N VAL F 253 15.62 -34.48 -8.15
CA VAL F 253 15.04 -34.16 -9.45
C VAL F 253 13.91 -33.16 -9.29
N HIS F 254 13.09 -33.32 -8.25
CA HIS F 254 11.98 -32.39 -8.08
C HIS F 254 12.49 -30.98 -7.78
N ARG F 255 13.58 -30.87 -6.99
CA ARG F 255 14.18 -29.56 -6.74
C ARG F 255 14.70 -28.92 -8.03
N THR F 256 15.28 -29.74 -8.91
CA THR F 256 15.76 -29.23 -10.19
C THR F 256 14.64 -28.67 -11.03
N LEU F 257 13.47 -29.32 -11.03
CA LEU F 257 12.33 -28.81 -11.78
C LEU F 257 11.89 -27.45 -11.25
N VAL F 258 11.79 -27.32 -9.93
CA VAL F 258 11.17 -26.15 -9.31
C VAL F 258 12.11 -24.95 -9.30
N TYR F 259 13.42 -25.16 -9.09
CA TYR F 259 14.37 -24.07 -8.95
C TYR F 259 15.28 -23.91 -10.15
N GLY F 260 15.34 -24.90 -11.03
CA GLY F 260 16.32 -24.90 -12.11
C GLY F 260 17.64 -25.41 -11.62
N GLY F 261 18.56 -25.60 -12.57
CA GLY F 261 19.87 -26.12 -12.26
C GLY F 261 20.17 -27.41 -12.98
N ILE F 262 21.07 -28.22 -12.45
CA ILE F 262 21.54 -29.42 -13.15
C ILE F 262 21.73 -30.55 -12.14
N PHE F 263 21.37 -31.76 -12.55
CA PHE F 263 21.51 -32.96 -11.73
C PHE F 263 22.28 -33.98 -12.55
N LEU F 264 23.29 -34.60 -11.93
CA LEU F 264 24.19 -35.55 -12.59
C LEU F 264 24.32 -36.83 -11.78
N TYR F 265 24.20 -37.97 -12.46
CA TYR F 265 24.68 -39.26 -11.96
C TYR F 265 25.39 -39.89 -13.14
N PRO F 266 26.60 -39.45 -13.45
CA PRO F 266 27.20 -39.74 -14.75
C PRO F 266 28.02 -41.02 -14.80
N ALA F 267 28.40 -41.38 -16.02
CA ALA F 267 29.25 -42.53 -16.24
C ALA F 267 30.70 -42.15 -15.94
N ASN F 268 31.43 -43.12 -15.41
CA ASN F 268 32.85 -42.98 -15.12
C ASN F 268 33.53 -44.30 -15.45
N LYS F 269 34.80 -44.43 -15.04
CA LYS F 269 35.56 -45.63 -15.35
C LYS F 269 35.03 -46.85 -14.59
N LYS F 270 34.60 -46.66 -13.34
CA LYS F 270 34.09 -47.80 -12.57
C LYS F 270 32.71 -48.25 -13.01
N SER F 271 31.92 -47.36 -13.61
CA SER F 271 30.54 -47.68 -14.01
C SER F 271 30.25 -47.04 -15.35
N PRO F 272 30.68 -47.67 -16.45
CA PRO F 272 30.53 -47.05 -17.77
C PRO F 272 29.07 -46.89 -18.21
N ASN F 273 28.14 -47.54 -17.50
CA ASN F 273 26.71 -47.38 -17.77
C ASN F 273 25.98 -46.59 -16.70
N GLY F 274 26.68 -45.93 -15.80
CA GLY F 274 25.97 -45.20 -14.77
C GLY F 274 25.49 -46.15 -13.69
N LYS F 275 24.59 -45.64 -12.84
CA LYS F 275 24.04 -46.42 -11.74
C LYS F 275 22.53 -46.54 -11.78
N LEU F 276 21.83 -45.48 -12.18
CA LEU F 276 20.37 -45.47 -12.19
C LEU F 276 19.80 -46.36 -13.31
N ARG F 277 18.58 -46.87 -13.08
CA ARG F 277 17.93 -47.81 -13.99
C ARG F 277 17.14 -47.08 -15.07
N LEU F 278 17.27 -47.55 -16.32
CA LEU F 278 16.67 -46.85 -17.45
C LEU F 278 15.15 -46.90 -17.43
N LEU F 279 14.58 -48.09 -17.16
CA LEU F 279 13.16 -48.32 -17.41
C LEU F 279 12.28 -47.58 -16.42
N TYR F 280 12.63 -47.60 -15.12
CA TYR F 280 11.73 -47.05 -14.11
C TYR F 280 12.41 -45.97 -13.26
N GLU F 281 13.60 -45.49 -13.63
CA GLU F 281 14.17 -44.30 -12.99
C GLU F 281 14.55 -43.22 -14.00
N CYS F 282 15.39 -43.55 -14.99
CA CYS F 282 15.89 -42.54 -15.93
C CYS F 282 14.82 -42.10 -16.93
N ASN F 283 14.10 -43.06 -17.54
CA ASN F 283 13.12 -42.69 -18.56
C ASN F 283 11.95 -41.86 -18.04
N PRO F 284 11.27 -42.22 -16.94
CA PRO F 284 10.19 -41.35 -16.47
C PRO F 284 10.66 -39.94 -16.12
N MET F 285 11.84 -39.80 -15.52
CA MET F 285 12.37 -38.47 -15.21
C MET F 285 12.81 -37.73 -16.47
N ALA F 286 13.34 -38.45 -17.46
CA ALA F 286 13.65 -37.81 -18.75
C ALA F 286 12.38 -37.28 -19.38
N TYR F 287 11.30 -38.06 -19.30
CA TYR F 287 10.04 -37.65 -19.90
C TYR F 287 9.52 -36.38 -19.24
N VAL F 288 9.53 -36.32 -17.90
CA VAL F 288 9.08 -35.12 -17.19
C VAL F 288 9.93 -33.91 -17.59
N MET F 289 11.25 -34.06 -17.60
CA MET F 289 12.12 -32.92 -17.91
C MET F 289 11.84 -32.38 -19.32
N GLU F 290 11.76 -33.26 -20.31
CA GLU F 290 11.57 -32.77 -21.68
C GLU F 290 10.20 -32.14 -21.85
N LYS F 291 9.17 -32.74 -21.26
CA LYS F 291 7.81 -32.19 -21.32
C LYS F 291 7.70 -30.84 -20.62
N ALA F 292 8.67 -30.47 -19.78
CA ALA F 292 8.71 -29.15 -19.15
C ALA F 292 9.72 -28.21 -19.81
N GLY F 293 10.27 -28.58 -20.97
CA GLY F 293 11.23 -27.70 -21.61
C GLY F 293 12.64 -27.84 -21.11
N GLY F 294 12.98 -28.94 -20.45
CA GLY F 294 14.33 -29.21 -20.01
C GLY F 294 14.96 -30.31 -20.84
N MET F 295 16.11 -30.78 -20.36
CA MET F 295 16.92 -31.74 -21.11
C MET F 295 17.36 -32.88 -20.20
N ALA F 296 17.71 -34.01 -20.82
CA ALA F 296 18.22 -35.18 -20.10
C ALA F 296 19.07 -35.99 -21.07
N THR F 297 20.38 -36.05 -20.81
CA THR F 297 21.33 -36.72 -21.68
C THR F 297 22.12 -37.78 -20.92
N THR F 298 22.61 -38.76 -21.67
CA THR F 298 23.60 -39.71 -21.20
C THR F 298 25.02 -39.21 -21.43
N GLY F 299 25.17 -38.05 -22.05
CA GLY F 299 26.47 -37.56 -22.48
C GLY F 299 26.64 -37.81 -23.97
N LYS F 300 26.20 -38.99 -24.42
CA LYS F 300 26.27 -39.37 -25.81
C LYS F 300 24.95 -39.21 -26.55
N GLU F 301 23.82 -39.26 -25.87
CA GLU F 301 22.53 -39.24 -26.53
C GLU F 301 21.44 -38.85 -25.53
N ALA F 302 20.25 -38.58 -26.07
CA ALA F 302 19.08 -38.35 -25.23
C ALA F 302 18.66 -39.64 -24.52
N VAL F 303 18.34 -39.53 -23.23
CA VAL F 303 17.89 -40.68 -22.44
C VAL F 303 16.73 -41.39 -23.12
N LEU F 304 15.77 -40.60 -23.62
CA LEU F 304 14.57 -41.15 -24.22
C LEU F 304 14.82 -41.87 -25.54
N ASP F 305 16.01 -41.73 -26.13
CA ASP F 305 16.34 -42.40 -27.39
C ASP F 305 17.08 -43.72 -27.20
N VAL F 306 17.44 -44.08 -25.97
CA VAL F 306 18.06 -45.36 -25.72
C VAL F 306 17.04 -46.47 -25.94
N ILE F 307 17.43 -47.48 -26.72
CA ILE F 307 16.58 -48.65 -26.94
C ILE F 307 17.04 -49.74 -25.99
N PRO F 308 16.23 -50.15 -25.01
CA PRO F 308 16.70 -51.10 -24.01
C PRO F 308 16.69 -52.53 -24.52
N THR F 309 17.62 -53.31 -23.96
CA THR F 309 17.70 -54.73 -24.23
C THR F 309 17.44 -55.58 -23.01
N ASP F 310 17.43 -54.98 -21.82
CA ASP F 310 17.19 -55.69 -20.56
C ASP F 310 16.41 -54.77 -19.64
N ILE F 311 15.39 -55.32 -18.97
CA ILE F 311 14.46 -54.53 -18.17
C ILE F 311 15.12 -53.87 -16.96
N HIS F 312 16.27 -54.39 -16.51
CA HIS F 312 16.99 -53.86 -15.36
C HIS F 312 18.30 -53.19 -15.74
N GLN F 313 18.44 -52.71 -16.97
CA GLN F 313 19.68 -52.09 -17.41
C GLN F 313 19.84 -50.68 -16.85
N ARG F 314 21.09 -50.25 -16.74
CA ARG F 314 21.44 -48.94 -16.20
C ARG F 314 21.76 -47.95 -17.32
N ALA F 315 21.81 -46.66 -16.95
CA ALA F 315 22.15 -45.56 -17.85
C ALA F 315 22.66 -44.36 -17.05
N PRO F 316 23.65 -43.63 -17.54
CA PRO F 316 24.04 -42.36 -16.88
C PRO F 316 23.08 -41.25 -17.24
N VAL F 317 22.95 -40.26 -16.35
CA VAL F 317 21.97 -39.21 -16.57
C VAL F 317 22.50 -37.86 -16.10
N ILE F 318 22.29 -36.84 -16.93
CA ILE F 318 22.52 -35.43 -16.64
C ILE F 318 21.29 -34.69 -17.14
N LEU F 319 20.60 -33.98 -16.25
CA LEU F 319 19.32 -33.38 -16.62
C LEU F 319 19.13 -32.06 -15.93
N GLY F 320 18.15 -31.29 -16.39
CA GLY F 320 17.86 -29.99 -15.80
C GLY F 320 17.64 -28.86 -16.78
N SER F 321 17.97 -27.65 -16.33
CA SER F 321 17.82 -26.46 -17.16
C SER F 321 18.63 -26.58 -18.45
N PRO F 322 18.09 -26.12 -19.58
CA PRO F 322 18.78 -26.37 -20.87
C PRO F 322 20.15 -25.71 -20.98
N ASP F 323 20.28 -24.43 -20.60
CA ASP F 323 21.59 -23.77 -20.71
C ASP F 323 22.63 -24.52 -19.92
N ASP F 324 22.23 -25.10 -18.79
CA ASP F 324 23.18 -25.82 -17.93
C ASP F 324 23.56 -27.15 -18.55
N VAL F 325 22.58 -27.88 -19.08
CA VAL F 325 22.86 -29.14 -19.75
C VAL F 325 23.68 -28.88 -21.01
N LEU F 326 23.37 -27.79 -21.73
CA LEU F 326 24.17 -27.41 -22.91
C LEU F 326 25.59 -27.07 -22.52
N GLU F 327 25.75 -26.32 -21.43
CA GLU F 327 27.09 -25.96 -20.99
C GLU F 327 27.90 -27.20 -20.63
N PHE F 328 27.24 -28.21 -20.03
CA PHE F 328 27.95 -29.45 -19.73
C PHE F 328 28.30 -30.21 -20.99
N LEU F 329 27.37 -30.32 -21.94
CA LEU F 329 27.63 -31.10 -23.16
C LEU F 329 28.78 -30.49 -23.96
N LYS F 330 28.89 -29.17 -23.99
CA LYS F 330 30.04 -28.55 -24.67
C LYS F 330 31.36 -28.96 -24.02
N VAL F 331 31.42 -28.99 -22.69
CA VAL F 331 32.63 -29.47 -22.02
C VAL F 331 32.86 -30.94 -22.36
N TYR F 332 31.78 -31.73 -22.38
CA TYR F 332 31.91 -33.15 -22.66
C TYR F 332 32.45 -33.39 -24.08
N GLU F 333 31.89 -32.70 -25.07
CA GLU F 333 32.33 -32.87 -26.45
C GLU F 333 33.71 -32.27 -26.69
N LYS F 334 34.07 -31.22 -25.94
CA LYS F 334 35.40 -30.60 -26.07
C LYS F 334 36.52 -31.60 -25.77
N HIS F 335 36.27 -32.58 -24.90
CA HIS F 335 37.31 -33.55 -24.56
C HIS F 335 37.35 -34.66 -25.59
N SER F 336 36.94 -34.35 -26.82
CA SER F 336 36.99 -35.25 -27.97
C SER F 336 36.29 -36.57 -27.68
N ASP G 10 -7.52 -18.90 26.57
CA ASP G 10 -6.41 -19.78 26.24
C ASP G 10 -6.88 -21.18 25.89
N VAL G 11 -6.31 -21.76 24.83
CA VAL G 11 -6.68 -23.12 24.45
C VAL G 11 -6.29 -24.10 25.55
N ASN G 12 -7.10 -25.15 25.71
CA ASN G 12 -6.79 -26.14 26.72
C ASN G 12 -7.00 -27.53 26.14
N THR G 13 -6.17 -28.47 26.57
CA THR G 13 -6.26 -29.88 26.19
C THR G 13 -6.52 -30.73 27.44
N LEU G 14 -6.90 -32.00 27.20
CA LEU G 14 -7.16 -32.92 28.30
C LEU G 14 -5.91 -33.14 29.15
N THR G 15 -4.77 -33.37 28.50
CA THR G 15 -3.54 -33.62 29.22
C THR G 15 -3.14 -32.40 30.05
N ARG G 16 -3.24 -31.21 29.44
CA ARG G 16 -2.93 -29.98 30.16
C ARG G 16 -3.91 -29.76 31.31
N PHE G 17 -5.20 -30.06 31.09
CA PHE G 17 -6.20 -29.88 32.13
C PHE G 17 -5.96 -30.81 33.32
N VAL G 18 -5.67 -32.08 33.06
CA VAL G 18 -5.51 -33.02 34.16
C VAL G 18 -4.21 -32.70 34.93
N MET G 19 -3.16 -32.30 34.21
CA MET G 19 -1.91 -31.96 34.89
C MET G 19 -2.09 -30.74 35.79
N GLU G 20 -2.85 -29.75 35.35
CA GLU G 20 -3.06 -28.57 36.18
C GLU G 20 -3.91 -28.90 37.40
N GLU G 21 -4.98 -29.68 37.24
CA GLU G 21 -5.76 -30.09 38.41
C GLU G 21 -4.92 -30.95 39.35
N GLY G 22 -3.99 -31.73 38.78
CA GLY G 22 -3.14 -32.57 39.59
C GLY G 22 -2.14 -31.78 40.41
N ARG G 23 -1.51 -30.77 39.80
CA ARG G 23 -0.63 -29.90 40.57
C ARG G 23 -1.43 -29.08 41.57
N LYS G 24 -2.63 -28.65 41.20
CA LYS G 24 -3.45 -27.88 42.12
C LYS G 24 -3.75 -28.69 43.37
N ALA G 25 -3.98 -29.99 43.22
CA ALA G 25 -4.29 -30.86 44.34
C ALA G 25 -3.04 -31.46 44.96
N ARG G 26 -1.87 -31.23 44.40
CA ARG G 26 -0.61 -31.69 44.99
C ARG G 26 -0.57 -33.22 45.10
N GLY G 27 -1.12 -33.90 44.09
CA GLY G 27 -1.08 -35.35 44.06
C GLY G 27 0.27 -35.84 43.60
N THR G 28 0.47 -37.16 43.67
CA THR G 28 1.75 -37.76 43.27
C THR G 28 1.93 -37.86 41.75
N GLY G 29 0.84 -37.83 40.98
CA GLY G 29 0.89 -38.03 39.53
C GLY G 29 0.41 -39.38 39.00
N GLU G 30 0.09 -40.35 39.88
CA GLU G 30 -0.31 -41.69 39.45
C GLU G 30 -1.63 -41.67 38.66
N LEU G 31 -2.61 -40.90 39.14
CA LEU G 31 -3.89 -40.82 38.45
C LEU G 31 -3.72 -40.15 37.08
N THR G 32 -2.83 -39.14 37.00
CA THR G 32 -2.54 -38.50 35.72
C THR G 32 -1.93 -39.47 34.72
N GLN G 33 -1.01 -40.33 35.17
CA GLN G 33 -0.50 -41.36 34.26
C GLN G 33 -1.60 -42.33 33.80
N LEU G 34 -2.53 -42.71 34.70
CA LEU G 34 -3.64 -43.60 34.33
C LEU G 34 -4.51 -42.97 33.26
N LEU G 35 -4.90 -41.71 33.45
CA LEU G 35 -5.82 -41.06 32.54
C LEU G 35 -5.18 -40.83 31.18
N ASN G 36 -3.89 -40.50 31.17
CA ASN G 36 -3.18 -40.33 29.90
C ASN G 36 -3.10 -41.66 29.16
N SER G 37 -2.86 -42.74 29.89
CA SER G 37 -2.80 -44.06 29.26
C SER G 37 -4.16 -44.48 28.70
N LEU G 38 -5.25 -44.21 29.43
CA LEU G 38 -6.59 -44.54 28.95
C LEU G 38 -6.95 -43.74 27.70
N CYS G 39 -6.68 -42.43 27.75
CA CYS G 39 -7.00 -41.54 26.63
C CYS G 39 -6.19 -41.92 25.39
N THR G 40 -5.00 -42.49 25.57
CA THR G 40 -4.29 -43.07 24.42
C THR G 40 -5.04 -44.29 23.86
N ALA G 41 -5.54 -45.16 24.75
CA ALA G 41 -6.32 -46.31 24.32
C ALA G 41 -7.57 -45.88 23.56
N VAL G 42 -8.21 -44.81 24.05
CA VAL G 42 -9.44 -44.31 23.42
C VAL G 42 -9.17 -43.82 22.00
N LYS G 43 -8.05 -43.11 21.78
CA LYS G 43 -7.73 -42.66 20.43
C LYS G 43 -7.46 -43.83 19.49
N ALA G 44 -6.91 -44.92 20.01
CA ALA G 44 -6.71 -46.10 19.19
C ALA G 44 -8.04 -46.82 18.91
N ILE G 45 -8.93 -46.86 19.89
CA ILE G 45 -10.24 -47.48 19.64
C ILE G 45 -11.03 -46.65 18.62
N SER G 46 -11.02 -45.33 18.76
CA SER G 46 -11.68 -44.46 17.79
C SER G 46 -11.17 -44.75 16.39
N SER G 47 -9.85 -44.90 16.25
CA SER G 47 -9.25 -45.13 14.94
C SER G 47 -9.74 -46.43 14.33
N ALA G 48 -9.87 -47.50 15.15
CA ALA G 48 -10.31 -48.78 14.64
C ALA G 48 -11.81 -48.79 14.31
N VAL G 49 -12.62 -48.12 15.13
CA VAL G 49 -14.06 -48.08 14.90
C VAL G 49 -14.39 -47.32 13.62
N ARG G 50 -13.64 -46.25 13.32
CA ARG G 50 -13.86 -45.55 12.07
C ARG G 50 -13.30 -46.30 10.87
N LYS G 51 -12.80 -47.51 11.09
CA LYS G 51 -12.42 -48.45 10.04
C LYS G 51 -11.17 -48.02 9.30
N ALA G 52 -10.26 -47.31 9.97
CA ALA G 52 -8.98 -46.98 9.34
C ALA G 52 -8.22 -48.25 9.02
N GLY G 53 -7.69 -48.33 7.80
CA GLY G 53 -6.97 -49.52 7.36
C GLY G 53 -7.82 -50.70 6.96
N ILE G 54 -9.15 -50.55 6.94
CA ILE G 54 -10.03 -51.66 6.56
C ILE G 54 -9.76 -52.14 5.12
N ALA G 55 -9.25 -51.26 4.24
CA ALA G 55 -8.95 -51.68 2.88
C ALA G 55 -8.01 -52.87 2.86
N HIS G 56 -7.07 -52.94 3.82
CA HIS G 56 -6.17 -54.09 3.90
C HIS G 56 -6.91 -55.37 4.27
N LEU G 57 -8.01 -55.26 5.02
CA LEU G 57 -8.77 -56.45 5.38
C LEU G 57 -9.46 -57.04 4.17
N TYR G 58 -9.73 -56.20 3.17
CA TYR G 58 -10.41 -56.63 1.95
C TYR G 58 -9.46 -56.78 0.77
N GLY G 59 -8.15 -56.92 1.01
CA GLY G 59 -7.24 -57.36 -0.03
C GLY G 59 -6.63 -56.28 -0.91
N ILE G 60 -6.42 -55.06 -0.39
CA ILE G 60 -5.86 -54.00 -1.24
C ILE G 60 -4.40 -54.32 -1.60
N ALA G 61 -3.70 -55.09 -0.77
CA ALA G 61 -2.35 -55.54 -1.06
C ALA G 61 -2.29 -57.01 -1.43
N GLY G 62 -3.41 -57.60 -1.85
CA GLY G 62 -3.46 -59.00 -2.19
C GLY G 62 -3.68 -59.91 -1.00
N LYS G 73 -11.59 -59.09 15.95
CA LYS G 73 -12.95 -58.63 16.28
C LYS G 73 -12.84 -57.35 17.11
N LEU G 74 -13.82 -56.46 16.93
CA LEU G 74 -13.68 -55.09 17.41
C LEU G 74 -13.78 -54.99 18.92
N ASP G 75 -14.70 -55.73 19.53
CA ASP G 75 -14.77 -55.64 20.99
C ASP G 75 -13.61 -56.38 21.66
N VAL G 76 -13.08 -57.41 21.02
CA VAL G 76 -11.87 -58.06 21.53
C VAL G 76 -10.66 -57.14 21.41
N LEU G 77 -10.49 -56.46 20.28
CA LEU G 77 -9.37 -55.53 20.10
C LEU G 77 -9.47 -54.33 21.06
N SER G 78 -10.66 -53.76 21.20
CA SER G 78 -10.82 -52.65 22.12
C SER G 78 -10.46 -53.08 23.55
N ASN G 79 -10.89 -54.29 23.93
CA ASN G 79 -10.57 -54.81 25.26
C ASN G 79 -9.05 -54.95 25.43
N ASP G 80 -8.37 -55.47 24.41
CA ASP G 80 -6.92 -55.65 24.50
C ASP G 80 -6.22 -54.29 24.62
N LEU G 81 -6.76 -53.27 23.94
CA LEU G 81 -6.19 -51.93 24.02
C LEU G 81 -6.35 -51.34 25.42
N VAL G 82 -7.55 -51.42 26.00
CA VAL G 82 -7.74 -50.87 27.34
C VAL G 82 -6.90 -51.63 28.36
N MET G 83 -6.94 -52.97 28.30
CA MET G 83 -6.18 -53.78 29.26
C MET G 83 -4.70 -53.46 29.20
N ASN G 84 -4.14 -53.37 28.00
CA ASN G 84 -2.69 -53.23 27.89
C ASN G 84 -2.22 -51.84 28.30
N MET G 85 -2.93 -50.80 27.89
CA MET G 85 -2.49 -49.46 28.27
C MET G 85 -2.64 -49.23 29.78
N LEU G 86 -3.64 -49.85 30.42
CA LEU G 86 -3.81 -49.66 31.86
C LEU G 86 -2.74 -50.41 32.65
N LYS G 87 -2.49 -51.68 32.31
CA LYS G 87 -1.42 -52.45 32.96
C LYS G 87 -0.07 -51.72 32.89
N SER G 88 0.28 -51.22 31.70
CA SER G 88 1.57 -50.58 31.47
C SER G 88 1.62 -49.17 32.04
N SER G 89 0.52 -48.67 32.59
CA SER G 89 0.56 -47.37 33.25
C SER G 89 1.23 -47.42 34.62
N PHE G 90 1.42 -48.61 35.20
CA PHE G 90 1.93 -48.79 36.56
C PHE G 90 1.03 -48.14 37.60
N ALA G 91 -0.26 -47.95 37.25
CA ALA G 91 -1.16 -47.22 38.12
C ALA G 91 -2.36 -48.04 38.60
N THR G 92 -2.50 -49.32 38.17
CA THR G 92 -3.68 -50.12 38.52
C THR G 92 -3.28 -51.46 39.13
N CYS G 93 -4.25 -52.11 39.81
CA CYS G 93 -4.06 -53.44 40.38
C CYS G 93 -5.19 -54.45 40.05
N VAL G 94 -6.42 -53.99 39.86
CA VAL G 94 -7.53 -54.90 39.56
C VAL G 94 -8.35 -54.32 38.39
N LEU G 95 -8.67 -55.17 37.42
CA LEU G 95 -9.38 -54.72 36.22
C LEU G 95 -10.58 -55.61 35.92
N VAL G 96 -11.78 -55.03 35.88
CA VAL G 96 -12.99 -55.75 35.52
C VAL G 96 -13.49 -55.25 34.17
N SER G 97 -13.77 -56.19 33.26
CA SER G 97 -14.25 -55.91 31.91
C SER G 97 -15.47 -56.76 31.56
N GLU G 98 -16.42 -56.16 30.85
CA GLU G 98 -17.57 -56.90 30.34
C GLU G 98 -17.16 -58.13 29.51
N GLU G 99 -15.97 -58.10 28.92
CA GLU G 99 -15.51 -59.17 28.05
C GLU G 99 -14.92 -60.35 28.81
N ASP G 100 -14.70 -60.24 30.12
CA ASP G 100 -13.95 -61.23 30.85
C ASP G 100 -14.83 -61.80 31.95
N LYS G 101 -14.87 -63.14 32.04
CA LYS G 101 -15.75 -63.81 32.98
C LYS G 101 -15.35 -63.49 34.43
N HIS G 102 -14.06 -63.49 34.73
CA HIS G 102 -13.55 -63.16 36.07
C HIS G 102 -12.70 -61.89 36.03
N ALA G 103 -12.55 -61.25 37.20
CA ALA G 103 -11.66 -60.11 37.29
C ALA G 103 -10.24 -60.47 36.92
N ILE G 104 -9.55 -59.51 36.28
CA ILE G 104 -8.14 -59.62 35.92
C ILE G 104 -7.31 -58.96 37.02
N ILE G 105 -6.31 -59.69 37.53
CA ILE G 105 -5.44 -59.21 38.59
C ILE G 105 -4.09 -58.87 37.96
N VAL G 106 -3.67 -57.60 38.10
CA VAL G 106 -2.44 -57.10 37.48
C VAL G 106 -1.19 -57.74 38.10
N GLU G 107 -0.20 -58.01 37.25
CA GLU G 107 1.04 -58.66 37.67
C GLU G 107 1.84 -57.79 38.65
N PRO G 108 2.58 -58.40 39.58
CA PRO G 108 3.11 -57.64 40.73
C PRO G 108 4.03 -56.48 40.39
N GLU G 109 4.95 -56.65 39.45
CA GLU G 109 5.87 -55.58 39.15
C GLU G 109 5.22 -54.37 38.47
N LYS G 110 3.93 -54.43 38.12
CA LYS G 110 3.26 -53.33 37.44
C LYS G 110 2.09 -52.74 38.22
N ARG G 111 1.90 -53.13 39.48
CA ARG G 111 0.73 -52.75 40.25
C ARG G 111 0.83 -51.30 40.75
N GLY G 112 -0.30 -50.60 40.70
CA GLY G 112 -0.46 -49.28 41.30
C GLY G 112 -1.70 -49.35 42.17
N LYS G 113 -2.25 -48.21 42.59
CA LYS G 113 -3.24 -48.24 43.64
C LYS G 113 -4.70 -48.17 43.16
N TYR G 114 -4.97 -48.22 41.86
CA TYR G 114 -6.33 -48.02 41.36
C TYR G 114 -6.96 -49.31 40.81
N VAL G 115 -8.30 -49.38 40.90
CA VAL G 115 -9.13 -50.45 40.32
C VAL G 115 -10.02 -49.84 39.23
N VAL G 116 -10.09 -50.49 38.06
CA VAL G 116 -10.83 -49.96 36.91
C VAL G 116 -11.86 -50.98 36.45
N CYS G 117 -13.13 -50.56 36.41
CA CYS G 117 -14.22 -51.33 35.83
C CYS G 117 -14.61 -50.70 34.51
N PHE G 118 -14.67 -51.51 33.44
CA PHE G 118 -14.98 -50.87 32.16
C PHE G 118 -15.72 -51.81 31.21
N ASP G 119 -16.39 -51.18 30.24
CA ASP G 119 -16.95 -51.82 29.06
C ASP G 119 -16.21 -51.29 27.84
N PRO G 120 -15.33 -52.09 27.21
CA PRO G 120 -14.45 -51.52 26.17
C PRO G 120 -15.18 -51.12 24.89
N LEU G 121 -16.30 -51.77 24.53
CA LEU G 121 -17.04 -51.35 23.34
C LEU G 121 -18.53 -51.66 23.54
N ASP G 122 -19.18 -50.78 24.31
CA ASP G 122 -20.60 -50.93 24.60
C ASP G 122 -21.42 -50.69 23.34
N GLY G 123 -22.45 -51.49 23.15
CA GLY G 123 -23.30 -51.42 22.00
C GLY G 123 -22.80 -52.19 20.81
N SER G 124 -21.69 -52.94 20.96
CA SER G 124 -21.06 -53.55 19.80
C SER G 124 -21.86 -54.72 19.22
N SER G 125 -22.87 -55.23 19.94
CA SER G 125 -23.67 -56.30 19.36
C SER G 125 -24.48 -55.79 18.17
N ASN G 126 -24.84 -54.50 18.16
CA ASN G 126 -25.53 -53.88 17.02
C ASN G 126 -24.60 -53.01 16.16
N ILE G 127 -23.29 -53.22 16.23
CA ILE G 127 -22.38 -52.39 15.44
C ILE G 127 -22.44 -52.71 13.94
N ASP G 128 -23.10 -53.81 13.57
CA ASP G 128 -23.29 -54.16 12.16
C ASP G 128 -24.05 -53.07 11.41
N CYS G 129 -24.88 -52.31 12.11
CA CYS G 129 -25.65 -51.24 11.51
C CYS G 129 -25.03 -49.87 11.75
N LEU G 130 -23.80 -49.82 12.27
CA LEU G 130 -23.06 -48.57 12.46
C LEU G 130 -23.74 -47.64 13.45
N VAL G 131 -24.58 -48.22 14.31
CA VAL G 131 -25.08 -47.51 15.47
C VAL G 131 -23.86 -46.99 16.27
N SER G 132 -24.05 -45.89 17.00
CA SER G 132 -23.03 -45.44 17.93
C SER G 132 -22.61 -46.53 18.90
N VAL G 133 -21.34 -46.53 19.24
CA VAL G 133 -20.79 -47.37 20.29
C VAL G 133 -19.93 -46.48 21.21
N GLY G 134 -19.50 -47.05 22.34
CA GLY G 134 -18.79 -46.23 23.31
C GLY G 134 -17.98 -47.03 24.30
N THR G 135 -17.16 -46.32 25.06
CA THR G 135 -16.36 -46.88 26.14
C THR G 135 -16.81 -46.24 27.45
N ILE G 136 -17.08 -47.07 28.45
CA ILE G 136 -17.53 -46.61 29.76
C ILE G 136 -16.47 -47.05 30.75
N PHE G 137 -16.13 -46.17 31.70
CA PHE G 137 -15.12 -46.50 32.70
C PHE G 137 -15.46 -45.84 34.02
N GLY G 138 -15.06 -46.53 35.10
CA GLY G 138 -15.12 -46.00 36.45
C GLY G 138 -13.84 -46.36 37.19
N ILE G 139 -13.29 -45.42 37.97
CA ILE G 139 -11.97 -45.57 38.59
C ILE G 139 -12.11 -45.45 40.10
N TYR G 140 -11.62 -46.47 40.83
CA TYR G 140 -11.63 -46.49 42.30
C TYR G 140 -10.22 -46.58 42.89
N ARG G 141 -10.04 -45.97 44.05
CA ARG G 141 -8.91 -46.34 44.90
C ARG G 141 -9.17 -47.72 45.49
N LYS G 142 -8.23 -48.66 45.32
CA LYS G 142 -8.31 -49.91 46.08
C LYS G 142 -8.51 -49.58 47.56
N LYS G 143 -9.51 -50.19 48.19
CA LYS G 143 -9.94 -49.74 49.51
C LYS G 143 -9.44 -50.61 50.64
N SER G 144 -9.34 -51.93 50.45
CA SER G 144 -8.89 -52.80 51.51
C SER G 144 -7.39 -53.06 51.33
N THR G 145 -6.76 -53.59 52.37
CA THR G 145 -5.34 -53.90 52.32
C THR G 145 -5.05 -55.37 51.99
N ASP G 146 -6.07 -56.20 51.76
CA ASP G 146 -5.84 -57.58 51.34
C ASP G 146 -5.07 -57.67 50.03
N GLU G 147 -4.75 -58.88 49.61
CA GLU G 147 -4.10 -59.04 48.33
C GLU G 147 -5.12 -58.74 47.24
N PRO G 148 -4.68 -58.17 46.11
CA PRO G 148 -5.67 -57.74 45.09
C PRO G 148 -6.47 -58.95 44.61
N SER G 149 -7.79 -58.78 44.60
CA SER G 149 -8.71 -59.84 44.17
C SER G 149 -9.98 -59.22 43.59
N GLU G 150 -10.87 -60.12 43.14
CA GLU G 150 -12.14 -59.72 42.52
C GLU G 150 -12.99 -58.87 43.46
N LYS G 151 -12.86 -59.11 44.77
CA LYS G 151 -13.60 -58.37 45.79
C LYS G 151 -13.35 -56.88 45.73
N ASP G 152 -12.15 -56.47 45.29
CA ASP G 152 -11.75 -55.07 45.27
C ASP G 152 -12.59 -54.23 44.33
N ALA G 153 -13.33 -54.85 43.43
CA ALA G 153 -14.19 -54.18 42.47
C ALA G 153 -15.63 -54.06 42.92
N LEU G 154 -15.95 -54.56 44.11
CA LEU G 154 -17.32 -54.55 44.62
C LEU G 154 -17.58 -53.36 45.53
N GLN G 155 -17.14 -52.17 45.15
CA GLN G 155 -17.47 -51.05 46.01
C GLN G 155 -18.69 -50.32 45.47
N PRO G 156 -19.46 -49.66 46.31
CA PRO G 156 -20.58 -48.87 45.78
C PRO G 156 -20.06 -47.69 44.98
N GLY G 157 -20.87 -47.25 44.01
CA GLY G 157 -20.51 -46.16 43.12
C GLY G 157 -20.17 -44.86 43.82
N ARG G 158 -20.65 -44.67 45.05
CA ARG G 158 -20.28 -43.51 45.86
C ARG G 158 -18.76 -43.34 46.00
N ASN G 159 -17.99 -44.43 45.87
CA ASN G 159 -16.55 -44.37 46.11
C ASN G 159 -15.73 -43.93 44.90
N LEU G 160 -16.37 -43.60 43.78
CA LEU G 160 -15.62 -43.29 42.57
C LEU G 160 -14.77 -42.03 42.74
N VAL G 161 -13.55 -42.07 42.21
CA VAL G 161 -12.64 -40.93 42.15
C VAL G 161 -12.74 -40.25 40.77
N ALA G 162 -12.96 -41.03 39.72
CA ALA G 162 -13.23 -40.44 38.41
C ALA G 162 -13.98 -41.45 37.57
N ALA G 163 -14.82 -40.94 36.67
CA ALA G 163 -15.63 -41.78 35.80
C ALA G 163 -16.05 -40.98 34.56
N GLY G 164 -16.41 -41.72 33.53
CA GLY G 164 -16.94 -41.08 32.33
C GLY G 164 -17.00 -42.05 31.17
N TYR G 165 -17.03 -41.46 29.98
CA TYR G 165 -17.19 -42.27 28.78
C TYR G 165 -16.59 -41.53 27.58
N ALA G 166 -16.23 -42.33 26.58
CA ALA G 166 -15.91 -41.88 25.24
C ALA G 166 -17.04 -42.33 24.31
N LEU G 167 -17.60 -41.40 23.56
CA LEU G 167 -18.66 -41.70 22.59
C LEU G 167 -18.07 -41.65 21.19
N TYR G 168 -18.18 -42.74 20.43
CA TYR G 168 -17.75 -42.73 19.02
C TYR G 168 -19.01 -42.55 18.18
N GLY G 169 -19.43 -41.29 18.12
CA GLY G 169 -20.62 -40.94 17.37
C GLY G 169 -20.25 -40.24 16.07
N SER G 170 -20.97 -39.17 15.74
CA SER G 170 -20.61 -38.40 14.55
C SER G 170 -19.21 -37.83 14.71
N ALA G 171 -18.82 -37.51 15.93
CA ALA G 171 -17.43 -37.24 16.33
C ALA G 171 -17.16 -38.05 17.59
N THR G 172 -15.89 -38.09 17.99
CA THR G 172 -15.48 -38.80 19.18
C THR G 172 -15.29 -37.81 20.33
N MET G 173 -16.06 -37.97 21.41
CA MET G 173 -15.97 -37.06 22.56
C MET G 173 -15.71 -37.81 23.86
N LEU G 174 -14.83 -37.25 24.69
CA LEU G 174 -14.51 -37.83 25.99
C LEU G 174 -15.10 -36.94 27.08
N VAL G 175 -15.98 -37.54 27.89
CA VAL G 175 -16.62 -36.84 29.00
C VAL G 175 -15.98 -37.36 30.29
N LEU G 176 -15.36 -36.45 31.05
CA LEU G 176 -14.63 -36.81 32.26
C LEU G 176 -15.25 -36.10 33.45
N ALA G 177 -15.70 -36.88 34.43
CA ALA G 177 -16.24 -36.37 35.68
C ALA G 177 -15.31 -36.75 36.83
N MET G 178 -14.98 -35.77 37.66
CA MET G 178 -14.26 -35.98 38.92
C MET G 178 -14.90 -35.08 39.98
N ASP G 179 -14.22 -34.94 41.13
CA ASP G 179 -14.76 -34.10 42.20
C ASP G 179 -14.99 -32.65 41.75
N CYS G 180 -14.12 -32.12 40.88
CA CYS G 180 -14.23 -30.74 40.39
C CYS G 180 -15.37 -30.53 39.38
N GLY G 181 -16.04 -31.58 38.89
CA GLY G 181 -17.13 -31.45 37.96
C GLY G 181 -16.91 -32.23 36.68
N VAL G 182 -17.74 -31.91 35.67
CA VAL G 182 -17.80 -32.63 34.39
C VAL G 182 -17.26 -31.73 33.30
N ASN G 183 -16.32 -32.26 32.50
CA ASN G 183 -15.73 -31.52 31.40
C ASN G 183 -15.70 -32.38 30.13
N CYS G 184 -15.98 -31.75 28.99
CA CYS G 184 -16.14 -32.44 27.71
C CYS G 184 -15.05 -32.01 26.75
N PHE G 185 -14.33 -32.99 26.21
CA PHE G 185 -13.21 -32.75 25.33
C PHE G 185 -13.49 -33.41 23.98
N MET G 186 -13.28 -32.65 22.90
CA MET G 186 -13.52 -33.10 21.54
C MET G 186 -12.21 -33.60 20.93
N LEU G 187 -12.21 -34.84 20.43
CA LEU G 187 -11.02 -35.38 19.79
C LEU G 187 -10.82 -34.75 18.41
N ASP G 188 -9.68 -34.05 18.23
CA ASP G 188 -9.25 -33.48 16.94
C ASP G 188 -8.36 -34.49 16.22
N PRO G 189 -8.87 -35.22 15.23
CA PRO G 189 -8.06 -36.28 14.63
C PRO G 189 -6.87 -35.78 13.80
N ALA G 190 -6.80 -34.49 13.45
CA ALA G 190 -5.63 -34.00 12.70
C ALA G 190 -4.38 -33.86 13.56
N ILE G 191 -4.52 -33.71 14.89
CA ILE G 191 -3.38 -33.58 15.79
C ILE G 191 -3.46 -34.54 16.96
N GLY G 192 -4.54 -35.32 17.08
CA GLY G 192 -4.62 -36.28 18.15
C GLY G 192 -4.59 -35.65 19.52
N GLU G 193 -5.40 -34.63 19.73
CA GLU G 193 -5.52 -33.97 21.01
C GLU G 193 -6.99 -33.84 21.35
N PHE G 194 -7.31 -34.03 22.63
CA PHE G 194 -8.66 -33.80 23.11
C PHE G 194 -8.72 -32.33 23.51
N ILE G 195 -9.56 -31.55 22.82
CA ILE G 195 -9.66 -30.12 23.03
C ILE G 195 -10.81 -29.84 23.99
N LEU G 196 -10.56 -29.05 25.03
CA LEU G 196 -11.62 -28.72 25.97
C LEU G 196 -12.61 -27.77 25.32
N VAL G 197 -13.86 -28.20 25.20
CA VAL G 197 -14.88 -27.42 24.51
C VAL G 197 -16.09 -27.10 25.39
N ASP G 198 -16.30 -27.82 26.49
CA ASP G 198 -17.39 -27.56 27.43
C ASP G 198 -16.88 -27.69 28.86
N LYS G 199 -16.90 -26.58 29.60
CA LYS G 199 -16.37 -26.51 30.96
C LYS G 199 -17.48 -26.64 31.99
N ASP G 200 -17.28 -27.51 32.99
CA ASP G 200 -18.12 -27.55 34.17
C ASP G 200 -19.60 -27.67 33.83
N VAL G 201 -19.94 -28.78 33.15
CA VAL G 201 -21.22 -28.95 32.49
C VAL G 201 -22.31 -29.31 33.50
N LYS G 202 -23.52 -28.80 33.28
CA LYS G 202 -24.67 -29.11 34.14
C LYS G 202 -25.89 -29.47 33.29
N ILE G 203 -26.68 -30.44 33.78
CA ILE G 203 -27.84 -30.93 33.05
C ILE G 203 -29.03 -30.01 33.29
N LYS G 204 -29.91 -29.93 32.29
CA LYS G 204 -31.18 -29.20 32.43
C LYS G 204 -31.96 -29.75 33.61
N LYS G 205 -32.63 -28.84 34.34
CA LYS G 205 -33.46 -29.25 35.47
C LYS G 205 -34.57 -30.20 35.02
N LYS G 206 -35.13 -29.98 33.83
CA LYS G 206 -36.21 -30.83 33.33
C LYS G 206 -36.15 -30.83 31.80
N GLY G 207 -36.38 -32.01 31.21
CA GLY G 207 -36.26 -32.17 29.77
C GLY G 207 -37.57 -32.50 29.07
N LYS G 208 -37.51 -32.89 27.78
CA LYS G 208 -38.69 -33.13 26.94
C LYS G 208 -38.61 -34.42 26.14
N ILE G 209 -37.79 -35.37 26.58
CA ILE G 209 -37.56 -36.63 25.86
C ILE G 209 -37.53 -37.78 26.86
N TYR G 210 -38.17 -38.90 26.52
CA TYR G 210 -38.03 -40.12 27.27
C TYR G 210 -37.45 -41.22 26.37
N SER G 211 -36.73 -42.15 26.99
CA SER G 211 -35.90 -43.11 26.26
C SER G 211 -35.95 -44.47 26.96
N LEU G 212 -36.59 -45.46 26.31
CA LEU G 212 -36.67 -46.85 26.78
C LEU G 212 -37.22 -47.73 25.64
N ASN G 213 -37.02 -49.06 25.78
CA ASN G 213 -37.51 -50.06 24.80
C ASN G 213 -38.97 -50.46 25.11
N GLU G 214 -39.91 -49.85 24.39
CA GLU G 214 -41.34 -50.11 24.62
C GLU G 214 -41.79 -51.46 24.11
N GLY G 215 -40.93 -52.22 23.44
CA GLY G 215 -41.30 -53.57 23.05
C GLY G 215 -41.59 -54.51 24.22
N TYR G 216 -41.17 -54.14 25.44
CA TYR G 216 -41.47 -54.92 26.64
C TYR G 216 -42.71 -54.43 27.38
N ALA G 217 -43.65 -53.77 26.69
CA ALA G 217 -44.79 -53.21 27.40
C ALA G 217 -45.62 -54.30 28.08
N LYS G 218 -45.68 -55.49 27.48
CA LYS G 218 -46.44 -56.60 28.07
C LYS G 218 -45.87 -57.00 29.44
N ASP G 219 -44.58 -56.76 29.68
CA ASP G 219 -43.95 -57.19 30.92
C ASP G 219 -43.76 -56.07 31.95
N PHE G 220 -44.14 -54.83 31.63
CA PHE G 220 -43.86 -53.71 32.53
C PHE G 220 -44.63 -53.88 33.83
N ASP G 221 -44.00 -53.53 34.95
CA ASP G 221 -44.73 -53.35 36.20
C ASP G 221 -45.68 -52.15 36.05
N PRO G 222 -46.78 -52.12 36.81
CA PRO G 222 -47.76 -51.03 36.66
C PRO G 222 -47.20 -49.61 36.77
N ALA G 223 -46.14 -49.38 37.55
CA ALA G 223 -45.60 -48.03 37.70
C ALA G 223 -44.89 -47.52 36.44
N VAL G 224 -44.14 -48.38 35.75
CA VAL G 224 -43.53 -47.99 34.48
C VAL G 224 -44.62 -47.73 33.44
N THR G 225 -45.65 -48.59 33.41
CA THR G 225 -46.76 -48.36 32.50
C THR G 225 -47.40 -47.00 32.74
N GLU G 226 -47.64 -46.65 34.01
CA GLU G 226 -48.31 -45.39 34.31
C GLU G 226 -47.46 -44.17 33.96
N TYR G 227 -46.15 -44.22 34.28
CA TYR G 227 -45.31 -43.06 34.00
C TYR G 227 -45.18 -42.82 32.49
N ILE G 228 -44.99 -43.88 31.71
CA ILE G 228 -44.88 -43.72 30.27
C ILE G 228 -46.19 -43.19 29.71
N GLN G 229 -47.31 -43.66 30.26
CA GLN G 229 -48.62 -43.19 29.84
C GLN G 229 -48.76 -41.68 30.05
N ARG G 230 -48.20 -41.15 31.15
CA ARG G 230 -48.26 -39.71 31.42
C ARG G 230 -47.42 -38.90 30.45
N LYS G 231 -46.35 -39.49 29.91
CA LYS G 231 -45.53 -38.73 28.98
C LYS G 231 -46.22 -38.60 27.63
N LYS G 232 -47.00 -39.61 27.23
CA LYS G 232 -47.74 -39.58 25.97
C LYS G 232 -49.07 -38.85 26.09
N PHE G 233 -49.75 -38.96 27.23
CA PHE G 233 -51.06 -38.35 27.48
C PHE G 233 -50.98 -37.51 28.76
N PRO G 234 -50.37 -36.34 28.69
CA PRO G 234 -50.15 -35.52 29.90
C PRO G 234 -51.47 -35.08 30.50
N PRO G 235 -51.66 -35.24 31.81
CA PRO G 235 -52.94 -34.81 32.41
C PRO G 235 -53.18 -33.32 32.35
N ASP G 236 -52.14 -32.48 32.43
CA ASP G 236 -52.33 -31.02 32.38
C ASP G 236 -52.25 -30.44 30.98
N ASN G 237 -52.79 -31.14 29.99
CA ASN G 237 -52.80 -30.75 28.57
C ASN G 237 -51.49 -30.14 28.06
N SER G 238 -50.37 -30.36 28.75
CA SER G 238 -49.10 -29.88 28.21
C SER G 238 -48.68 -30.75 27.03
N ALA G 239 -47.58 -30.36 26.37
CA ALA G 239 -47.15 -31.08 25.17
C ALA G 239 -46.50 -32.40 25.54
N PRO G 240 -46.81 -33.48 24.83
CA PRO G 240 -46.19 -34.77 25.12
C PRO G 240 -44.69 -34.73 24.85
N TYR G 241 -43.95 -35.55 25.60
CA TYR G 241 -42.52 -35.67 25.37
C TYR G 241 -42.27 -36.39 24.04
N GLY G 242 -41.11 -36.13 23.46
CA GLY G 242 -40.67 -36.93 22.34
C GLY G 242 -39.96 -38.17 22.82
N ALA G 243 -39.92 -39.19 21.95
CA ALA G 243 -39.27 -40.46 22.24
C ALA G 243 -38.03 -40.61 21.39
N ARG G 244 -36.96 -41.10 22.02
CA ARG G 244 -35.72 -41.45 21.34
C ARG G 244 -35.17 -42.68 22.04
N TYR G 245 -34.77 -43.69 21.28
CA TYR G 245 -34.15 -44.88 21.89
C TYR G 245 -33.23 -45.45 20.81
N VAL G 246 -31.95 -45.12 20.92
CA VAL G 246 -30.90 -45.62 20.04
C VAL G 246 -30.65 -47.11 20.26
N GLY G 247 -30.84 -47.59 21.48
CA GLY G 247 -30.44 -48.95 21.78
C GLY G 247 -28.99 -49.09 22.14
N SER G 248 -28.25 -47.99 22.27
CA SER G 248 -26.86 -47.97 22.71
C SER G 248 -26.72 -47.01 23.89
N MET G 249 -26.33 -47.53 25.06
CA MET G 249 -26.48 -46.79 26.31
C MET G 249 -25.70 -45.47 26.31
N VAL G 250 -24.45 -45.48 25.86
CA VAL G 250 -23.66 -44.25 25.85
C VAL G 250 -24.30 -43.18 24.96
N ALA G 251 -24.84 -43.59 23.79
CA ALA G 251 -25.47 -42.62 22.89
C ALA G 251 -26.71 -42.01 23.54
N ASP G 252 -27.55 -42.86 24.15
CA ASP G 252 -28.78 -42.41 24.80
C ASP G 252 -28.48 -41.56 26.04
N VAL G 253 -27.44 -41.91 26.82
CA VAL G 253 -27.16 -41.15 28.04
C VAL G 253 -26.55 -39.78 27.71
N HIS G 254 -25.63 -39.72 26.75
CA HIS G 254 -25.03 -38.44 26.38
C HIS G 254 -26.07 -37.49 25.81
N ARG G 255 -27.04 -38.00 25.04
CA ARG G 255 -28.13 -37.12 24.60
C ARG G 255 -28.89 -36.59 25.81
N THR G 256 -29.15 -37.44 26.81
CA THR G 256 -29.83 -37.00 28.02
C THR G 256 -29.04 -35.91 28.75
N LEU G 257 -27.71 -36.06 28.81
CA LEU G 257 -26.87 -35.04 29.44
C LEU G 257 -26.94 -33.71 28.70
N VAL G 258 -26.82 -33.75 27.37
CA VAL G 258 -26.71 -32.53 26.58
C VAL G 258 -28.04 -31.83 26.44
N TYR G 259 -29.13 -32.58 26.35
CA TYR G 259 -30.45 -32.03 26.06
C TYR G 259 -31.45 -32.11 27.20
N GLY G 260 -31.18 -32.86 28.25
CA GLY G 260 -32.17 -33.10 29.28
C GLY G 260 -33.09 -34.24 28.89
N GLY G 261 -33.95 -34.62 29.82
CA GLY G 261 -34.87 -35.73 29.64
C GLY G 261 -34.65 -36.83 30.65
N ILE G 262 -35.05 -38.06 30.31
CA ILE G 262 -35.04 -39.22 31.20
C ILE G 262 -34.71 -40.47 30.37
N PHE G 263 -34.00 -41.42 30.98
CA PHE G 263 -33.66 -42.71 30.37
C PHE G 263 -34.05 -43.84 31.32
N LEU G 264 -34.70 -44.90 30.80
CA LEU G 264 -35.16 -46.00 31.64
C LEU G 264 -34.76 -47.36 31.08
N TYR G 265 -34.23 -48.25 31.94
CA TYR G 265 -34.16 -49.67 31.60
C TYR G 265 -34.60 -50.55 32.78
N PRO G 266 -35.90 -50.78 32.95
CA PRO G 266 -36.41 -51.52 34.12
C PRO G 266 -36.34 -53.02 33.85
N ALA G 267 -36.72 -53.79 34.87
CA ALA G 267 -36.75 -55.25 34.77
C ALA G 267 -37.97 -55.74 33.97
N ASN G 268 -37.84 -56.91 33.34
CA ASN G 268 -38.94 -57.55 32.62
C ASN G 268 -38.88 -59.06 32.90
N LYS G 269 -39.71 -59.85 32.20
CA LYS G 269 -39.76 -61.29 32.48
C LYS G 269 -38.47 -61.99 32.08
N LYS G 270 -37.87 -61.59 30.97
CA LYS G 270 -36.61 -62.19 30.58
C LYS G 270 -35.46 -61.67 31.45
N SER G 271 -35.64 -60.54 32.13
CA SER G 271 -34.58 -59.91 32.95
C SER G 271 -35.19 -59.45 34.26
N PRO G 272 -35.43 -60.39 35.20
CA PRO G 272 -36.14 -60.03 36.45
C PRO G 272 -35.31 -59.17 37.41
N ASN G 273 -33.99 -59.10 37.22
CA ASN G 273 -33.07 -58.28 38.00
C ASN G 273 -32.59 -57.07 37.19
N GLY G 274 -33.25 -56.76 36.07
CA GLY G 274 -32.83 -55.75 35.13
C GLY G 274 -31.87 -56.29 34.08
N LYS G 275 -31.35 -55.39 33.24
CA LYS G 275 -30.53 -55.85 32.12
C LYS G 275 -29.14 -55.24 32.08
N LEU G 276 -29.03 -53.94 32.34
CA LEU G 276 -27.75 -53.27 32.27
C LEU G 276 -26.88 -53.70 33.44
N ARG G 277 -25.56 -53.65 33.24
CA ARG G 277 -24.63 -54.11 34.25
C ARG G 277 -24.27 -52.97 35.22
N LEU G 278 -24.34 -53.28 36.53
CA LEU G 278 -24.17 -52.27 37.58
C LEU G 278 -22.75 -51.73 37.63
N LEU G 279 -21.73 -52.59 37.49
CA LEU G 279 -20.37 -52.16 37.77
C LEU G 279 -19.83 -51.23 36.69
N TYR G 280 -20.05 -51.56 35.42
CA TYR G 280 -19.38 -50.84 34.34
C TYR G 280 -20.34 -50.24 33.32
N GLU G 281 -21.65 -50.24 33.60
CA GLU G 281 -22.60 -49.47 32.82
C GLU G 281 -23.34 -48.50 33.74
N CYS G 282 -24.00 -48.99 34.79
CA CYS G 282 -24.88 -48.15 35.60
C CYS G 282 -24.11 -47.17 36.49
N ASN G 283 -23.09 -47.65 37.21
CA ASN G 283 -22.39 -46.78 38.15
C ASN G 283 -21.67 -45.61 37.47
N PRO G 284 -20.83 -45.80 36.43
CA PRO G 284 -20.17 -44.62 35.83
C PRO G 284 -21.16 -43.57 35.30
N MET G 285 -22.27 -43.99 34.68
CA MET G 285 -23.24 -43.02 34.17
C MET G 285 -23.98 -42.33 35.31
N ALA G 286 -24.25 -43.05 36.40
CA ALA G 286 -24.85 -42.41 37.56
C ALA G 286 -23.94 -41.32 38.13
N TYR G 287 -22.63 -41.58 38.21
CA TYR G 287 -21.65 -40.61 38.71
C TYR G 287 -21.57 -39.38 37.79
N VAL G 288 -21.47 -39.59 36.46
CA VAL G 288 -21.48 -38.45 35.54
C VAL G 288 -22.72 -37.60 35.76
N MET G 289 -23.88 -38.25 35.86
CA MET G 289 -25.15 -37.54 36.05
C MET G 289 -25.15 -36.72 37.35
N GLU G 290 -24.71 -37.32 38.47
CA GLU G 290 -24.75 -36.58 39.73
C GLU G 290 -23.75 -35.42 39.75
N LYS G 291 -22.56 -35.61 39.19
CA LYS G 291 -21.63 -34.48 39.14
C LYS G 291 -22.15 -33.34 38.27
N ALA G 292 -23.12 -33.62 37.39
CA ALA G 292 -23.73 -32.59 36.55
C ALA G 292 -25.10 -32.16 37.06
N GLY G 293 -25.44 -32.54 38.30
CA GLY G 293 -26.71 -32.15 38.87
C GLY G 293 -27.92 -33.00 38.52
N GLY G 294 -27.73 -34.25 38.06
CA GLY G 294 -28.81 -35.13 37.74
C GLY G 294 -29.01 -36.22 38.79
N MET G 295 -29.86 -37.20 38.42
CA MET G 295 -30.22 -38.27 39.35
C MET G 295 -30.18 -39.62 38.65
N ALA G 296 -30.06 -40.69 39.44
CA ALA G 296 -30.06 -42.06 38.90
C ALA G 296 -30.51 -43.05 39.98
N THR G 297 -31.66 -43.71 39.75
CA THR G 297 -32.27 -44.62 40.71
C THR G 297 -32.53 -46.00 40.13
N THR G 298 -32.63 -46.99 41.02
CA THR G 298 -33.15 -48.30 40.65
C THR G 298 -34.66 -48.41 40.82
N GLY G 299 -35.30 -47.38 41.38
CA GLY G 299 -36.68 -47.47 41.84
C GLY G 299 -36.72 -47.59 43.36
N LYS G 300 -35.83 -48.41 43.94
CA LYS G 300 -35.76 -48.54 45.38
C LYS G 300 -34.66 -47.71 46.03
N GLU G 301 -33.59 -47.38 45.32
CA GLU G 301 -32.47 -46.67 45.92
C GLU G 301 -31.65 -46.01 44.81
N ALA G 302 -30.75 -45.12 45.20
CA ALA G 302 -29.82 -44.51 44.27
C ALA G 302 -28.88 -45.58 43.73
N VAL G 303 -28.60 -45.52 42.42
CA VAL G 303 -27.69 -46.50 41.83
C VAL G 303 -26.36 -46.52 42.58
N LEU G 304 -25.83 -45.33 42.92
CA LEU G 304 -24.52 -45.25 43.54
C LEU G 304 -24.48 -45.85 44.96
N ASP G 305 -25.64 -46.13 45.58
CA ASP G 305 -25.72 -46.75 46.91
C ASP G 305 -25.88 -48.26 46.91
N VAL G 306 -26.07 -48.92 45.76
CA VAL G 306 -26.24 -50.37 45.74
C VAL G 306 -24.90 -51.03 46.09
N ILE G 307 -24.93 -52.00 47.00
CA ILE G 307 -23.74 -52.74 47.40
C ILE G 307 -23.69 -54.04 46.59
N PRO G 308 -22.75 -54.20 45.69
CA PRO G 308 -22.77 -55.39 44.83
C PRO G 308 -22.12 -56.61 45.48
N THR G 309 -22.59 -57.78 45.06
CA THR G 309 -22.07 -59.08 45.46
C THR G 309 -21.46 -59.88 44.31
N ASP G 310 -21.72 -59.49 43.05
CA ASP G 310 -21.23 -60.19 41.87
C ASP G 310 -20.85 -59.16 40.80
N ILE G 311 -19.69 -59.34 40.18
CA ILE G 311 -19.13 -58.31 39.29
C ILE G 311 -19.94 -58.11 38.01
N HIS G 312 -20.71 -59.12 37.60
CA HIS G 312 -21.55 -58.98 36.42
C HIS G 312 -23.02 -58.90 36.78
N GLN G 313 -23.33 -58.48 38.00
CA GLN G 313 -24.73 -58.43 38.38
C GLN G 313 -25.41 -57.29 37.65
N ARG G 314 -26.72 -57.46 37.44
CA ARG G 314 -27.54 -56.53 36.70
C ARG G 314 -28.29 -55.60 37.64
N ALA G 315 -28.84 -54.54 37.06
CA ALA G 315 -29.60 -53.62 37.89
C ALA G 315 -30.59 -52.86 37.02
N PRO G 316 -31.78 -52.57 37.52
CA PRO G 316 -32.67 -51.65 36.81
C PRO G 316 -32.18 -50.23 36.99
N VAL G 317 -32.47 -49.36 36.00
CA VAL G 317 -31.93 -48.00 36.03
C VAL G 317 -32.94 -47.01 35.44
N ILE G 318 -33.10 -45.87 36.13
CA ILE G 318 -33.83 -44.69 35.69
C ILE G 318 -32.97 -43.48 36.04
N LEU G 319 -32.56 -42.69 35.03
CA LEU G 319 -31.62 -41.58 35.22
C LEU G 319 -31.95 -40.40 34.31
N GLY G 320 -31.34 -39.25 34.61
CA GLY G 320 -31.52 -38.06 33.79
C GLY G 320 -31.73 -36.75 34.52
N SER G 321 -32.45 -35.80 33.91
CA SER G 321 -32.76 -34.53 34.55
C SER G 321 -33.49 -34.77 35.88
N PRO G 322 -33.21 -33.96 36.91
CA PRO G 322 -33.73 -34.27 38.26
C PRO G 322 -35.25 -34.22 38.39
N ASP G 323 -35.89 -33.21 37.80
CA ASP G 323 -37.35 -33.13 37.87
C ASP G 323 -38.02 -34.35 37.27
N ASP G 324 -37.43 -34.95 36.23
CA ASP G 324 -38.06 -36.10 35.57
C ASP G 324 -37.94 -37.35 36.42
N VAL G 325 -36.77 -37.61 37.02
CA VAL G 325 -36.62 -38.78 37.87
C VAL G 325 -37.53 -38.66 39.11
N LEU G 326 -37.69 -37.45 39.65
CA LEU G 326 -38.58 -37.26 40.78
C LEU G 326 -40.02 -37.62 40.44
N GLU G 327 -40.48 -37.23 39.25
CA GLU G 327 -41.84 -37.54 38.85
C GLU G 327 -42.07 -39.05 38.73
N PHE G 328 -41.08 -39.78 38.22
CA PHE G 328 -41.21 -41.23 38.16
C PHE G 328 -41.31 -41.84 39.56
N LEU G 329 -40.49 -41.32 40.50
CA LEU G 329 -40.45 -41.88 41.85
C LEU G 329 -41.79 -41.72 42.57
N LYS G 330 -42.50 -40.60 42.34
CA LYS G 330 -43.85 -40.46 42.91
C LYS G 330 -44.81 -41.53 42.40
N VAL G 331 -44.79 -41.79 41.07
CA VAL G 331 -45.59 -42.88 40.53
C VAL G 331 -45.15 -44.22 41.11
N TYR G 332 -43.85 -44.38 41.33
CA TYR G 332 -43.36 -45.64 41.90
C TYR G 332 -43.96 -45.87 43.28
N GLU G 333 -44.03 -44.81 44.09
CA GLU G 333 -44.53 -44.95 45.46
C GLU G 333 -46.03 -45.21 45.49
N LYS G 334 -46.77 -44.59 44.57
CA LYS G 334 -48.22 -44.79 44.55
C LYS G 334 -48.58 -46.26 44.39
N HIS G 335 -47.75 -47.03 43.70
CA HIS G 335 -47.97 -48.46 43.55
C HIS G 335 -47.33 -49.27 44.68
N SER G 336 -47.17 -48.64 45.85
CA SER G 336 -46.63 -49.23 47.10
C SER G 336 -45.14 -49.47 47.03
N ASP H 10 -11.37 -60.27 -5.19
CA ASP H 10 -10.66 -59.03 -5.52
C ASP H 10 -11.27 -57.81 -4.85
N VAL H 11 -10.41 -56.95 -4.31
CA VAL H 11 -10.88 -55.70 -3.71
C VAL H 11 -11.47 -54.80 -4.79
N ASN H 12 -12.47 -54.01 -4.40
CA ASN H 12 -13.10 -53.06 -5.29
C ASN H 12 -13.36 -51.78 -4.51
N THR H 13 -13.34 -50.65 -5.19
CA THR H 13 -13.65 -49.36 -4.61
C THR H 13 -14.86 -48.75 -5.30
N LEU H 14 -15.38 -47.67 -4.73
CA LEU H 14 -16.57 -47.05 -5.32
C LEU H 14 -16.27 -46.55 -6.74
N THR H 15 -15.16 -45.81 -6.92
CA THR H 15 -14.84 -45.26 -8.24
C THR H 15 -14.57 -46.35 -9.26
N ARG H 16 -13.85 -47.39 -8.88
CA ARG H 16 -13.62 -48.52 -9.79
C ARG H 16 -14.94 -49.23 -10.13
N PHE H 17 -15.81 -49.46 -9.14
CA PHE H 17 -17.07 -50.13 -9.36
C PHE H 17 -17.98 -49.35 -10.32
N VAL H 18 -18.04 -48.03 -10.16
CA VAL H 18 -18.94 -47.26 -11.03
C VAL H 18 -18.39 -47.22 -12.45
N MET H 19 -17.07 -47.09 -12.60
CA MET H 19 -16.48 -47.05 -13.93
C MET H 19 -16.70 -48.37 -14.66
N GLU H 20 -16.64 -49.48 -13.95
CA GLU H 20 -16.87 -50.78 -14.58
C GLU H 20 -18.34 -50.96 -14.97
N GLU H 21 -19.26 -50.56 -14.10
CA GLU H 21 -20.68 -50.58 -14.48
C GLU H 21 -20.95 -49.67 -15.68
N GLY H 22 -20.21 -48.57 -15.78
CA GLY H 22 -20.43 -47.65 -16.89
C GLY H 22 -19.95 -48.21 -18.22
N ARG H 23 -18.79 -48.86 -18.24
CA ARG H 23 -18.32 -49.48 -19.47
C ARG H 23 -19.23 -50.63 -19.89
N LYS H 24 -19.77 -51.38 -18.93
CA LYS H 24 -20.70 -52.44 -19.29
C LYS H 24 -21.93 -51.86 -19.98
N ALA H 25 -22.41 -50.71 -19.53
CA ALA H 25 -23.61 -50.07 -20.06
C ALA H 25 -23.33 -49.15 -21.24
N ARG H 26 -22.05 -48.96 -21.60
CA ARG H 26 -21.68 -48.18 -22.78
C ARG H 26 -22.06 -46.70 -22.63
N GLY H 27 -21.99 -46.14 -21.42
CA GLY H 27 -22.36 -44.75 -21.21
C GLY H 27 -21.29 -43.75 -21.59
N THR H 28 -21.67 -42.47 -21.58
CA THR H 28 -20.75 -41.40 -21.95
C THR H 28 -19.76 -41.07 -20.84
N GLY H 29 -20.06 -41.45 -19.60
CA GLY H 29 -19.21 -41.13 -18.47
C GLY H 29 -19.69 -40.00 -17.58
N GLU H 30 -20.76 -39.30 -17.96
CA GLU H 30 -21.21 -38.17 -17.14
C GLU H 30 -21.65 -38.63 -15.75
N LEU H 31 -22.30 -39.80 -15.64
CA LEU H 31 -22.76 -40.25 -14.33
C LEU H 31 -21.59 -40.58 -13.41
N THR H 32 -20.54 -41.16 -13.99
CA THR H 32 -19.34 -41.46 -13.23
C THR H 32 -18.69 -40.18 -12.71
N GLN H 33 -18.62 -39.14 -13.54
CA GLN H 33 -18.07 -37.86 -13.12
C GLN H 33 -18.91 -37.22 -12.04
N LEU H 34 -20.24 -37.29 -12.19
CA LEU H 34 -21.12 -36.78 -11.14
C LEU H 34 -20.83 -37.50 -9.83
N LEU H 35 -20.82 -38.83 -9.88
CA LEU H 35 -20.67 -39.64 -8.68
C LEU H 35 -19.28 -39.49 -8.07
N ASN H 36 -18.23 -39.35 -8.89
CA ASN H 36 -16.91 -39.14 -8.30
C ASN H 36 -16.79 -37.79 -7.61
N SER H 37 -17.36 -36.75 -8.20
CA SER H 37 -17.32 -35.45 -7.54
C SER H 37 -18.10 -35.47 -6.23
N LEU H 38 -19.26 -36.15 -6.22
CA LEU H 38 -20.09 -36.26 -5.01
C LEU H 38 -19.37 -37.03 -3.90
N CYS H 39 -18.69 -38.11 -4.24
CA CYS H 39 -18.00 -38.88 -3.22
C CYS H 39 -16.82 -38.09 -2.65
N THR H 40 -16.22 -37.19 -3.46
CA THR H 40 -15.22 -36.25 -2.95
C THR H 40 -15.83 -35.25 -1.96
N ALA H 41 -17.01 -34.73 -2.27
CA ALA H 41 -17.67 -33.87 -1.30
C ALA H 41 -17.98 -34.64 0.00
N VAL H 42 -18.40 -35.91 -0.14
CA VAL H 42 -18.79 -36.68 1.03
C VAL H 42 -17.59 -36.90 1.95
N LYS H 43 -16.40 -37.15 1.36
CA LYS H 43 -15.19 -37.31 2.15
C LYS H 43 -14.79 -36.00 2.86
N ALA H 44 -15.04 -34.84 2.26
CA ALA H 44 -14.75 -33.59 2.94
C ALA H 44 -15.74 -33.30 4.07
N ILE H 45 -17.02 -33.64 3.85
CA ILE H 45 -18.04 -33.49 4.90
C ILE H 45 -17.68 -34.37 6.09
N SER H 46 -17.31 -35.63 5.82
CA SER H 46 -16.92 -36.57 6.85
C SER H 46 -15.78 -36.01 7.70
N SER H 47 -14.79 -35.38 7.05
CA SER H 47 -13.67 -34.80 7.78
C SER H 47 -14.12 -33.65 8.67
N ALA H 48 -15.04 -32.82 8.20
CA ALA H 48 -15.52 -31.75 9.05
C ALA H 48 -16.39 -32.29 10.19
N VAL H 49 -17.20 -33.33 9.90
CA VAL H 49 -18.11 -33.88 10.90
C VAL H 49 -17.33 -34.50 12.07
N ARG H 50 -16.24 -35.22 11.76
CA ARG H 50 -15.40 -35.77 12.80
C ARG H 50 -14.50 -34.70 13.46
N LYS H 51 -14.69 -33.43 13.11
CA LYS H 51 -14.11 -32.29 13.82
C LYS H 51 -12.60 -32.14 13.65
N ALA H 52 -12.04 -32.57 12.51
CA ALA H 52 -10.63 -32.30 12.24
C ALA H 52 -10.36 -30.80 12.15
N GLY H 53 -9.27 -30.37 12.81
CA GLY H 53 -8.92 -28.97 12.82
C GLY H 53 -9.68 -28.14 13.81
N ILE H 54 -10.52 -28.75 14.66
CA ILE H 54 -11.28 -27.95 15.64
C ILE H 54 -10.34 -27.17 16.57
N ALA H 55 -9.12 -27.67 16.80
CA ALA H 55 -8.16 -26.97 17.66
C ALA H 55 -7.83 -25.55 17.17
N HIS H 56 -7.81 -25.30 15.85
CA HIS H 56 -7.55 -23.91 15.42
C HIS H 56 -8.71 -22.98 15.76
N LEU H 57 -9.93 -23.51 15.81
CA LEU H 57 -11.06 -22.68 16.21
C LEU H 57 -10.98 -22.25 17.65
N TYR H 58 -10.27 -23.00 18.50
CA TYR H 58 -10.20 -22.73 19.93
C TYR H 58 -8.85 -22.10 20.35
N GLY H 59 -8.13 -21.49 19.40
CA GLY H 59 -7.03 -20.61 19.73
C GLY H 59 -5.66 -21.23 19.88
N ILE H 60 -5.40 -22.35 19.19
CA ILE H 60 -4.13 -23.03 19.34
C ILE H 60 -2.97 -22.20 18.77
N ALA H 61 -3.23 -21.32 17.80
CA ALA H 61 -2.20 -20.43 17.24
C ALA H 61 -2.34 -18.98 17.69
N GLY H 62 -3.03 -18.74 18.80
CA GLY H 62 -3.28 -17.40 19.32
C GLY H 62 -4.50 -16.76 18.71
N LYS H 73 -23.11 -23.93 11.27
CA LYS H 73 -22.30 -23.64 10.09
C LYS H 73 -21.97 -24.93 9.35
N LEU H 74 -22.09 -26.05 10.06
CA LEU H 74 -21.62 -27.33 9.50
C LEU H 74 -22.50 -27.77 8.33
N ASP H 75 -23.83 -27.57 8.45
CA ASP H 75 -24.72 -27.90 7.33
C ASP H 75 -24.59 -26.88 6.19
N VAL H 76 -24.19 -25.65 6.48
CA VAL H 76 -23.87 -24.70 5.42
C VAL H 76 -22.61 -25.12 4.66
N LEU H 77 -21.57 -25.52 5.39
CA LEU H 77 -20.34 -25.95 4.73
C LEU H 77 -20.59 -27.19 3.86
N SER H 78 -21.38 -28.13 4.39
CA SER H 78 -21.73 -29.34 3.63
C SER H 78 -22.45 -29.01 2.33
N ASN H 79 -23.40 -28.06 2.39
CA ASN H 79 -24.09 -27.62 1.19
C ASN H 79 -23.12 -27.01 0.18
N ASP H 80 -22.19 -26.17 0.66
CA ASP H 80 -21.21 -25.52 -0.23
C ASP H 80 -20.28 -26.56 -0.86
N LEU H 81 -19.90 -27.58 -0.09
CA LEU H 81 -19.05 -28.62 -0.65
C LEU H 81 -19.78 -29.38 -1.75
N VAL H 82 -21.02 -29.82 -1.48
CA VAL H 82 -21.78 -30.57 -2.49
C VAL H 82 -22.08 -29.69 -3.71
N MET H 83 -22.55 -28.46 -3.47
CA MET H 83 -22.90 -27.58 -4.58
C MET H 83 -21.70 -27.31 -5.49
N ASN H 84 -20.56 -26.98 -4.89
CA ASN H 84 -19.41 -26.58 -5.69
C ASN H 84 -18.82 -27.77 -6.45
N MET H 85 -18.77 -28.95 -5.82
CA MET H 85 -18.22 -30.10 -6.52
C MET H 85 -19.15 -30.58 -7.63
N LEU H 86 -20.47 -30.44 -7.44
CA LEU H 86 -21.39 -30.88 -8.49
C LEU H 86 -21.37 -29.91 -9.66
N LYS H 87 -21.47 -28.61 -9.38
CA LYS H 87 -21.37 -27.61 -10.42
C LYS H 87 -20.10 -27.80 -11.24
N SER H 88 -18.97 -27.95 -10.56
CA SER H 88 -17.70 -28.06 -11.28
C SER H 88 -17.47 -29.44 -11.88
N SER H 89 -18.39 -30.41 -11.70
CA SER H 89 -18.29 -31.73 -12.33
C SER H 89 -18.66 -31.72 -13.81
N PHE H 90 -19.33 -30.66 -14.28
CA PHE H 90 -19.85 -30.54 -15.64
C PHE H 90 -20.89 -31.61 -15.99
N ALA H 91 -21.58 -32.17 -15.00
CA ALA H 91 -22.52 -33.26 -15.28
C ALA H 91 -23.96 -32.98 -14.85
N THR H 92 -24.24 -31.80 -14.30
CA THR H 92 -25.54 -31.50 -13.71
C THR H 92 -26.07 -30.19 -14.28
N CYS H 93 -27.37 -29.99 -14.12
CA CYS H 93 -27.96 -28.76 -14.60
C CYS H 93 -28.92 -28.17 -13.57
N VAL H 94 -29.53 -29.02 -12.75
CA VAL H 94 -30.49 -28.56 -11.73
C VAL H 94 -30.15 -29.26 -10.42
N LEU H 95 -30.04 -28.49 -9.34
CA LEU H 95 -29.66 -29.02 -8.04
C LEU H 95 -30.66 -28.55 -7.01
N VAL H 96 -31.34 -29.50 -6.37
CA VAL H 96 -32.31 -29.23 -5.32
C VAL H 96 -31.70 -29.68 -4.01
N SER H 97 -31.68 -28.78 -3.03
CA SER H 97 -31.03 -29.02 -1.75
C SER H 97 -31.99 -28.69 -0.63
N GLU H 98 -31.90 -29.46 0.46
CA GLU H 98 -32.68 -29.13 1.66
C GLU H 98 -32.45 -27.69 2.12
N GLU H 99 -31.25 -27.14 1.89
CA GLU H 99 -30.89 -25.82 2.38
C GLU H 99 -31.35 -24.66 1.50
N ASP H 100 -31.84 -24.91 0.29
CA ASP H 100 -32.17 -23.82 -0.62
C ASP H 100 -33.64 -23.90 -1.00
N LYS H 101 -34.36 -22.79 -0.82
CA LYS H 101 -35.80 -22.83 -1.06
C LYS H 101 -36.10 -23.12 -2.53
N HIS H 102 -35.30 -22.54 -3.41
CA HIS H 102 -35.50 -22.74 -4.84
C HIS H 102 -34.31 -23.52 -5.40
N ALA H 103 -34.59 -24.20 -6.53
CA ALA H 103 -33.59 -24.97 -7.25
C ALA H 103 -32.47 -24.09 -7.77
N ILE H 104 -31.27 -24.65 -7.78
CA ILE H 104 -30.08 -23.98 -8.29
C ILE H 104 -29.86 -24.42 -9.71
N ILE H 105 -29.71 -23.46 -10.62
CA ILE H 105 -29.53 -23.74 -12.04
C ILE H 105 -28.07 -23.54 -12.39
N VAL H 106 -27.42 -24.61 -12.86
CA VAL H 106 -26.01 -24.55 -13.20
C VAL H 106 -25.80 -23.60 -14.37
N GLU H 107 -24.76 -22.76 -14.28
CA GLU H 107 -24.52 -21.79 -15.33
C GLU H 107 -24.14 -22.49 -16.63
N PRO H 108 -24.45 -21.87 -17.78
CA PRO H 108 -24.38 -22.58 -19.07
C PRO H 108 -23.04 -23.21 -19.37
N GLU H 109 -21.95 -22.54 -19.04
CA GLU H 109 -20.65 -23.12 -19.35
C GLU H 109 -20.34 -24.37 -18.54
N LYS H 110 -21.17 -24.72 -17.56
CA LYS H 110 -20.89 -25.88 -16.73
C LYS H 110 -21.98 -26.96 -16.77
N ARG H 111 -22.96 -26.84 -17.67
CA ARG H 111 -24.15 -27.69 -17.62
C ARG H 111 -23.90 -29.10 -18.16
N GLY H 112 -24.49 -30.08 -17.46
CA GLY H 112 -24.51 -31.47 -17.89
C GLY H 112 -25.94 -31.97 -17.84
N LYS H 113 -26.15 -33.28 -17.91
CA LYS H 113 -27.47 -33.82 -18.22
C LYS H 113 -28.26 -34.37 -17.02
N TYR H 114 -27.78 -34.23 -15.78
CA TYR H 114 -28.48 -34.84 -14.65
C TYR H 114 -29.07 -33.82 -13.68
N VAL H 115 -30.12 -34.26 -12.99
CA VAL H 115 -30.76 -33.53 -11.90
C VAL H 115 -30.50 -34.29 -10.59
N VAL H 116 -30.06 -33.57 -9.56
CA VAL H 116 -29.70 -34.17 -8.28
C VAL H 116 -30.53 -33.50 -7.19
N CYS H 117 -31.21 -34.30 -6.38
CA CYS H 117 -31.91 -33.84 -5.19
C CYS H 117 -31.19 -34.41 -3.97
N PHE H 118 -30.82 -33.55 -3.02
CA PHE H 118 -30.06 -34.05 -1.88
C PHE H 118 -30.40 -33.31 -0.60
N ASP H 119 -30.12 -33.97 0.51
CA ASP H 119 -30.05 -33.39 1.84
C ASP H 119 -28.61 -33.47 2.31
N PRO H 120 -27.85 -32.36 2.33
CA PRO H 120 -26.40 -32.48 2.52
C PRO H 120 -25.98 -32.96 3.91
N LEU H 121 -26.79 -32.68 4.96
CA LEU H 121 -26.47 -33.15 6.30
C LEU H 121 -27.80 -33.42 7.03
N ASP H 122 -28.39 -34.56 6.73
CA ASP H 122 -29.65 -34.90 7.39
C ASP H 122 -29.39 -35.17 8.88
N GLY H 123 -30.30 -34.68 9.72
CA GLY H 123 -30.19 -34.83 11.16
C GLY H 123 -29.33 -33.79 11.86
N SER H 124 -28.88 -32.75 11.16
CA SER H 124 -27.88 -31.86 11.74
C SER H 124 -28.41 -30.97 12.86
N SER H 125 -29.73 -30.87 13.03
CA SER H 125 -30.27 -30.05 14.11
C SER H 125 -29.93 -30.62 15.48
N ASN H 126 -29.83 -31.94 15.59
CA ASN H 126 -29.47 -32.62 16.83
C ASN H 126 -28.00 -33.06 16.86
N ILE H 127 -27.14 -32.47 16.04
CA ILE H 127 -25.74 -32.87 16.03
C ILE H 127 -24.99 -32.41 17.28
N ASP H 128 -25.58 -31.53 18.10
CA ASP H 128 -24.95 -31.15 19.36
C ASP H 128 -24.74 -32.35 20.26
N CYS H 129 -25.55 -33.41 20.09
CA CYS H 129 -25.39 -34.62 20.90
C CYS H 129 -24.61 -35.71 20.17
N LEU H 130 -24.03 -35.40 19.00
CA LEU H 130 -23.17 -36.33 18.25
C LEU H 130 -23.94 -37.57 17.76
N VAL H 131 -25.27 -37.42 17.63
CA VAL H 131 -26.08 -38.41 16.93
C VAL H 131 -25.54 -38.61 15.51
N SER H 132 -25.77 -39.80 14.97
CA SER H 132 -25.44 -40.05 13.58
C SER H 132 -26.12 -39.05 12.67
N VAL H 133 -25.43 -38.68 11.58
CA VAL H 133 -25.95 -37.80 10.57
C VAL H 133 -25.67 -38.40 9.19
N GLY H 134 -26.25 -37.79 8.17
CA GLY H 134 -26.07 -38.35 6.84
C GLY H 134 -26.36 -37.39 5.71
N THR H 135 -25.90 -37.82 4.54
CA THR H 135 -26.16 -37.15 3.27
C THR H 135 -27.01 -38.10 2.44
N ILE H 136 -28.12 -37.60 1.90
CA ILE H 136 -29.05 -38.37 1.08
C ILE H 136 -29.10 -37.75 -0.30
N PHE H 137 -29.11 -38.58 -1.33
CA PHE H 137 -29.14 -38.09 -2.70
C PHE H 137 -29.95 -39.02 -3.58
N GLY H 138 -30.61 -38.42 -4.57
CA GLY H 138 -31.28 -39.12 -5.66
C GLY H 138 -31.04 -38.39 -7.00
N ILE H 139 -30.75 -39.15 -8.05
CA ILE H 139 -30.26 -38.60 -9.31
C ILE H 139 -31.18 -38.98 -10.46
N TYR H 140 -31.67 -37.98 -11.20
CA TYR H 140 -32.54 -38.18 -12.36
C TYR H 140 -31.89 -37.67 -13.64
N ARG H 141 -32.25 -38.30 -14.76
CA ARG H 141 -31.91 -37.77 -16.07
C ARG H 141 -32.86 -36.63 -16.39
N LYS H 142 -32.31 -35.51 -16.86
CA LYS H 142 -33.17 -34.45 -17.39
C LYS H 142 -33.95 -35.02 -18.56
N LYS H 143 -35.25 -34.71 -18.63
CA LYS H 143 -36.16 -35.40 -19.55
C LYS H 143 -36.49 -34.61 -20.81
N SER H 144 -36.57 -33.27 -20.74
CA SER H 144 -36.83 -32.39 -21.87
C SER H 144 -35.58 -31.62 -22.28
N THR H 145 -35.64 -31.01 -23.46
CA THR H 145 -34.57 -30.14 -23.93
C THR H 145 -34.81 -28.66 -23.62
N ASP H 146 -35.88 -28.32 -22.89
CA ASP H 146 -36.16 -26.94 -22.52
C ASP H 146 -34.97 -26.32 -21.75
N GLU H 147 -35.06 -25.03 -21.42
CA GLU H 147 -33.97 -24.55 -20.60
C GLU H 147 -34.14 -25.07 -19.18
N PRO H 148 -33.04 -25.35 -18.49
CA PRO H 148 -33.14 -25.97 -17.15
C PRO H 148 -33.97 -25.12 -16.21
N SER H 149 -34.88 -25.77 -15.49
CA SER H 149 -35.68 -25.07 -14.52
C SER H 149 -36.06 -26.03 -13.38
N GLU H 150 -36.77 -25.48 -12.40
CA GLU H 150 -37.18 -26.24 -11.22
C GLU H 150 -38.06 -27.44 -11.56
N LYS H 151 -38.89 -27.32 -12.61
CA LYS H 151 -39.84 -28.38 -12.96
C LYS H 151 -39.15 -29.70 -13.30
N ASP H 152 -37.89 -29.66 -13.72
CA ASP H 152 -37.18 -30.88 -14.09
C ASP H 152 -36.97 -31.83 -12.89
N ALA H 153 -37.13 -31.34 -11.66
CA ALA H 153 -36.99 -32.15 -10.45
C ALA H 153 -38.30 -32.76 -9.98
N LEU H 154 -39.41 -32.54 -10.69
CA LEU H 154 -40.71 -33.02 -10.24
C LEU H 154 -41.09 -34.38 -10.83
N GLN H 155 -40.15 -35.35 -10.85
CA GLN H 155 -40.41 -36.68 -11.39
C GLN H 155 -40.73 -37.69 -10.28
N PRO H 156 -41.52 -38.72 -10.58
CA PRO H 156 -41.75 -39.78 -9.59
C PRO H 156 -40.51 -40.64 -9.40
N GLY H 157 -40.41 -41.20 -8.18
CA GLY H 157 -39.26 -41.99 -7.81
C GLY H 157 -39.02 -43.18 -8.72
N ARG H 158 -40.08 -43.69 -9.36
CA ARG H 158 -39.90 -44.72 -10.37
C ARG H 158 -38.84 -44.32 -11.40
N ASN H 159 -38.63 -43.01 -11.60
CA ASN H 159 -37.72 -42.54 -12.64
C ASN H 159 -36.26 -42.47 -12.20
N LEU H 160 -35.94 -42.83 -10.95
CA LEU H 160 -34.59 -42.60 -10.45
C LEU H 160 -33.59 -43.43 -11.25
N VAL H 161 -32.42 -42.81 -11.50
CA VAL H 161 -31.29 -43.48 -12.14
C VAL H 161 -30.33 -44.07 -11.13
N ALA H 162 -30.11 -43.36 -10.02
CA ALA H 162 -29.31 -43.85 -8.91
C ALA H 162 -29.73 -43.07 -7.68
N ALA H 163 -29.65 -43.72 -6.51
CA ALA H 163 -30.03 -43.08 -5.26
C ALA H 163 -29.27 -43.76 -4.12
N GLY H 164 -29.18 -43.07 -3.00
CA GLY H 164 -28.55 -43.66 -1.82
C GLY H 164 -28.24 -42.64 -0.74
N TYR H 165 -27.30 -43.01 0.11
CA TYR H 165 -26.97 -42.15 1.25
C TYR H 165 -25.58 -42.45 1.79
N ALA H 166 -25.03 -41.47 2.46
CA ALA H 166 -23.85 -41.65 3.28
C ALA H 166 -24.27 -41.51 4.73
N LEU H 167 -23.90 -42.47 5.55
CA LEU H 167 -24.13 -42.43 6.99
C LEU H 167 -22.80 -42.14 7.67
N TYR H 168 -22.76 -41.03 8.43
CA TYR H 168 -21.59 -40.69 9.26
C TYR H 168 -21.91 -41.19 10.67
N GLY H 169 -21.73 -42.51 10.86
CA GLY H 169 -22.03 -43.15 12.12
C GLY H 169 -20.78 -43.50 12.90
N SER H 170 -20.73 -44.68 13.49
CA SER H 170 -19.48 -45.11 14.12
C SER H 170 -18.38 -45.25 13.08
N ALA H 171 -18.75 -45.55 11.84
CA ALA H 171 -17.90 -45.43 10.66
C ALA H 171 -18.68 -44.69 9.59
N THR H 172 -18.03 -44.32 8.49
CA THR H 172 -18.71 -43.65 7.38
C THR H 172 -18.98 -44.65 6.26
N MET H 173 -20.26 -44.85 5.94
CA MET H 173 -20.62 -45.80 4.90
C MET H 173 -21.44 -45.14 3.80
N LEU H 174 -21.17 -45.55 2.55
CA LEU H 174 -21.96 -45.12 1.38
C LEU H 174 -22.77 -46.29 0.82
N VAL H 175 -24.09 -46.13 0.79
CA VAL H 175 -25.00 -47.12 0.24
C VAL H 175 -25.52 -46.58 -1.10
N LEU H 176 -25.23 -47.31 -2.19
CA LEU H 176 -25.56 -46.91 -3.55
C LEU H 176 -26.49 -47.93 -4.20
N ALA H 177 -27.68 -47.49 -4.60
CA ALA H 177 -28.63 -48.32 -5.33
C ALA H 177 -28.73 -47.84 -6.78
N MET H 178 -28.63 -48.79 -7.71
CA MET H 178 -28.89 -48.54 -9.14
C MET H 178 -29.68 -49.74 -9.67
N ASP H 179 -29.85 -49.78 -11.00
CA ASP H 179 -30.60 -50.87 -11.60
C ASP H 179 -30.01 -52.23 -11.27
N CYS H 180 -28.68 -52.30 -11.15
CA CYS H 180 -28.02 -53.56 -10.85
C CYS H 180 -28.24 -54.03 -9.41
N GLY H 181 -28.80 -53.20 -8.51
CA GLY H 181 -29.03 -53.60 -7.14
C GLY H 181 -28.40 -52.63 -6.15
N VAL H 182 -28.30 -53.06 -4.89
CA VAL H 182 -27.86 -52.21 -3.78
C VAL H 182 -26.49 -52.68 -3.32
N ASN H 183 -25.56 -51.73 -3.16
CA ASN H 183 -24.20 -52.02 -2.73
C ASN H 183 -23.73 -51.06 -1.63
N CYS H 184 -22.97 -51.60 -0.67
CA CYS H 184 -22.54 -50.88 0.53
C CYS H 184 -21.03 -50.71 0.58
N PHE H 185 -20.57 -49.46 0.70
CA PHE H 185 -19.15 -49.11 0.66
C PHE H 185 -18.67 -48.42 1.94
N MET H 186 -17.57 -48.89 2.52
CA MET H 186 -17.00 -48.33 3.75
C MET H 186 -15.84 -47.38 3.45
N LEU H 187 -15.92 -46.13 3.97
CA LEU H 187 -14.80 -45.18 3.82
C LEU H 187 -13.64 -45.55 4.74
N ASP H 188 -12.48 -45.76 4.15
CA ASP H 188 -11.23 -45.96 4.88
C ASP H 188 -10.55 -44.62 5.05
N PRO H 189 -10.57 -44.01 6.24
CA PRO H 189 -10.01 -42.66 6.39
C PRO H 189 -8.50 -42.61 6.26
N ALA H 190 -7.80 -43.74 6.33
CA ALA H 190 -6.35 -43.71 6.20
C ALA H 190 -5.92 -43.38 4.77
N ILE H 191 -6.75 -43.69 3.77
CA ILE H 191 -6.39 -43.48 2.38
C ILE H 191 -7.47 -42.72 1.60
N GLY H 192 -8.61 -42.47 2.23
CA GLY H 192 -9.66 -41.75 1.54
C GLY H 192 -10.22 -42.49 0.35
N GLU H 193 -10.56 -43.77 0.53
CA GLU H 193 -11.19 -44.57 -0.51
C GLU H 193 -12.41 -45.27 0.07
N PHE H 194 -13.45 -45.42 -0.75
CA PHE H 194 -14.64 -46.19 -0.39
C PHE H 194 -14.48 -47.65 -0.82
N ILE H 195 -14.46 -48.57 0.13
CA ILE H 195 -14.23 -49.99 -0.12
C ILE H 195 -15.56 -50.73 -0.16
N LEU H 196 -15.74 -51.58 -1.19
CA LEU H 196 -16.94 -52.40 -1.31
C LEU H 196 -16.94 -53.51 -0.27
N VAL H 197 -17.94 -53.52 0.61
CA VAL H 197 -18.05 -54.51 1.69
C VAL H 197 -19.34 -55.33 1.69
N ASP H 198 -20.40 -54.93 0.96
CA ASP H 198 -21.62 -55.74 0.87
C ASP H 198 -22.20 -55.68 -0.54
N LYS H 199 -22.16 -56.80 -1.27
CA LYS H 199 -22.59 -56.85 -2.67
C LYS H 199 -24.03 -57.34 -2.76
N ASP H 200 -24.85 -56.64 -3.55
CA ASP H 200 -26.19 -57.11 -3.96
C ASP H 200 -27.05 -57.54 -2.77
N VAL H 201 -27.27 -56.61 -1.83
CA VAL H 201 -27.88 -56.94 -0.54
C VAL H 201 -29.40 -57.01 -0.69
N LYS H 202 -30.01 -57.90 0.11
CA LYS H 202 -31.46 -58.09 0.15
C LYS H 202 -31.94 -58.08 1.58
N ILE H 203 -33.11 -57.48 1.80
CA ILE H 203 -33.68 -57.36 3.14
C ILE H 203 -34.43 -58.65 3.47
N LYS H 204 -34.51 -58.96 4.78
CA LYS H 204 -35.27 -60.11 5.28
C LYS H 204 -36.75 -60.05 4.91
N LYS H 205 -37.35 -61.21 4.62
CA LYS H 205 -38.78 -61.24 4.33
C LYS H 205 -39.63 -60.74 5.50
N LYS H 206 -39.19 -60.98 6.74
CA LYS H 206 -39.94 -60.49 7.89
C LYS H 206 -39.00 -60.26 9.06
N GLY H 207 -39.23 -59.18 9.80
CA GLY H 207 -38.36 -58.82 10.91
C GLY H 207 -38.99 -58.83 12.29
N LYS H 208 -38.27 -58.26 13.28
CA LYS H 208 -38.70 -58.27 14.68
C LYS H 208 -38.49 -56.92 15.38
N ILE H 209 -38.41 -55.83 14.61
CA ILE H 209 -38.13 -54.49 15.14
C ILE H 209 -39.09 -53.50 14.48
N TYR H 210 -39.72 -52.64 15.28
CA TYR H 210 -40.49 -51.53 14.77
C TYR H 210 -39.90 -50.23 15.29
N SER H 211 -40.01 -49.17 14.47
CA SER H 211 -39.25 -47.94 14.60
C SER H 211 -40.13 -46.74 14.25
N LEU H 212 -40.49 -45.95 15.25
CA LEU H 212 -41.23 -44.70 15.02
C LEU H 212 -41.19 -43.91 16.32
N ASN H 213 -41.56 -42.63 16.22
CA ASN H 213 -41.61 -41.81 17.43
C ASN H 213 -42.93 -42.12 18.13
N GLU H 214 -42.90 -43.02 19.13
CA GLU H 214 -44.14 -43.30 19.88
C GLU H 214 -44.54 -42.15 20.79
N GLY H 215 -43.71 -41.11 20.92
CA GLY H 215 -44.09 -40.00 21.76
C GLY H 215 -45.31 -39.24 21.27
N TYR H 216 -45.66 -39.37 20.00
CA TYR H 216 -46.83 -38.68 19.47
C TYR H 216 -48.04 -39.61 19.34
N ALA H 217 -48.11 -40.65 20.19
CA ALA H 217 -49.18 -41.64 20.12
C ALA H 217 -50.56 -41.01 20.32
N LYS H 218 -50.65 -39.89 21.05
CA LYS H 218 -51.94 -39.23 21.21
C LYS H 218 -52.51 -38.80 19.86
N ASP H 219 -51.63 -38.56 18.89
CA ASP H 219 -52.01 -38.09 17.57
C ASP H 219 -52.06 -39.22 16.54
N PHE H 220 -51.81 -40.46 16.95
CA PHE H 220 -51.76 -41.60 16.03
C PHE H 220 -53.07 -41.82 15.29
N ASP H 221 -52.96 -42.20 14.01
CA ASP H 221 -54.09 -42.74 13.27
C ASP H 221 -54.54 -44.06 13.89
N PRO H 222 -55.84 -44.36 13.91
CA PRO H 222 -56.31 -45.59 14.58
C PRO H 222 -55.64 -46.85 14.05
N ALA H 223 -55.30 -46.87 12.76
CA ALA H 223 -54.65 -48.03 12.18
C ALA H 223 -53.21 -48.17 12.69
N VAL H 224 -52.52 -47.05 12.85
CA VAL H 224 -51.19 -47.09 13.43
C VAL H 224 -51.24 -47.60 14.87
N THR H 225 -52.22 -47.12 15.65
CA THR H 225 -52.39 -47.59 17.02
C THR H 225 -52.63 -49.10 17.08
N GLU H 226 -53.54 -49.61 16.26
CA GLU H 226 -53.83 -51.04 16.35
C GLU H 226 -52.64 -51.89 15.91
N TYR H 227 -51.94 -51.47 14.85
CA TYR H 227 -50.80 -52.24 14.37
C TYR H 227 -49.67 -52.32 15.40
N ILE H 228 -49.33 -51.20 16.05
CA ILE H 228 -48.27 -51.21 17.06
C ILE H 228 -48.67 -52.09 18.25
N GLN H 229 -49.95 -52.04 18.64
CA GLN H 229 -50.45 -52.88 19.72
C GLN H 229 -50.26 -54.36 19.43
N ARG H 230 -50.42 -54.78 18.17
CA ARG H 230 -50.19 -56.18 17.84
C ARG H 230 -48.72 -56.54 17.85
N LYS H 231 -47.82 -55.57 17.65
CA LYS H 231 -46.38 -55.84 17.77
C LYS H 231 -46.00 -56.03 19.24
N LYS H 232 -46.69 -55.34 20.16
CA LYS H 232 -46.45 -55.47 21.59
C LYS H 232 -47.22 -56.62 22.22
N PHE H 233 -48.43 -56.89 21.75
CA PHE H 233 -49.30 -57.93 22.30
C PHE H 233 -49.80 -58.85 21.19
N PRO H 234 -48.95 -59.74 20.68
CA PRO H 234 -49.34 -60.58 19.52
C PRO H 234 -50.52 -61.48 19.86
N PRO H 235 -51.52 -61.55 18.97
CA PRO H 235 -52.73 -62.34 19.29
C PRO H 235 -52.47 -63.82 19.49
N ASP H 236 -51.49 -64.40 18.82
CA ASP H 236 -51.17 -65.80 19.00
C ASP H 236 -50.16 -65.96 20.14
N ASN H 237 -49.14 -66.79 19.95
CA ASN H 237 -48.13 -67.01 20.99
C ASN H 237 -46.72 -66.63 20.54
N SER H 238 -46.59 -65.86 19.47
CA SER H 238 -45.26 -65.41 19.07
C SER H 238 -44.73 -64.35 20.02
N ALA H 239 -43.43 -64.08 19.92
CA ALA H 239 -42.81 -63.10 20.80
C ALA H 239 -43.07 -61.68 20.30
N PRO H 240 -43.29 -60.72 21.19
CA PRO H 240 -43.47 -59.32 20.76
C PRO H 240 -42.20 -58.78 20.08
N TYR H 241 -42.39 -57.77 19.23
CA TYR H 241 -41.29 -57.07 18.57
C TYR H 241 -40.51 -56.15 19.54
N GLY H 242 -39.21 -55.95 19.24
CA GLY H 242 -38.44 -54.89 19.90
C GLY H 242 -38.61 -53.51 19.24
N ALA H 243 -38.25 -52.47 20.00
CA ALA H 243 -38.32 -51.07 19.53
C ALA H 243 -36.93 -50.42 19.46
N ARG H 244 -36.69 -49.64 18.38
CA ARG H 244 -35.52 -48.76 18.18
C ARG H 244 -35.92 -47.51 17.40
N TYR H 245 -35.44 -46.32 17.83
CA TYR H 245 -35.73 -45.07 17.09
C TYR H 245 -34.62 -44.03 17.34
N VAL H 246 -33.67 -43.92 16.40
CA VAL H 246 -32.57 -42.96 16.55
C VAL H 246 -33.07 -41.52 16.43
N GLY H 247 -34.08 -41.26 15.61
CA GLY H 247 -34.48 -39.89 15.36
C GLY H 247 -33.69 -39.22 14.25
N SER H 248 -32.79 -39.95 13.61
CA SER H 248 -32.05 -39.51 12.44
C SER H 248 -32.37 -40.51 11.32
N MET H 249 -33.06 -40.06 10.26
CA MET H 249 -33.67 -40.99 9.31
C MET H 249 -32.65 -41.95 8.70
N VAL H 250 -31.46 -41.46 8.34
CA VAL H 250 -30.50 -42.32 7.65
C VAL H 250 -30.07 -43.49 8.54
N ALA H 251 -29.90 -43.25 9.85
CA ALA H 251 -29.51 -44.33 10.76
C ALA H 251 -30.61 -45.36 10.94
N ASP H 252 -31.85 -44.90 11.13
CA ASP H 252 -32.95 -45.83 11.34
C ASP H 252 -33.26 -46.65 10.07
N VAL H 253 -33.17 -46.02 8.89
CA VAL H 253 -33.43 -46.72 7.62
C VAL H 253 -32.34 -47.76 7.36
N HIS H 254 -31.07 -47.41 7.63
CA HIS H 254 -29.99 -48.36 7.44
C HIS H 254 -30.12 -49.57 8.39
N ARG H 255 -30.54 -49.35 9.65
CA ARG H 255 -30.77 -50.48 10.54
C ARG H 255 -31.89 -51.39 10.02
N THR H 256 -32.97 -50.78 9.51
CA THR H 256 -34.03 -51.58 8.93
C THR H 256 -33.52 -52.43 7.76
N LEU H 257 -32.64 -51.86 6.93
CA LEU H 257 -32.05 -52.62 5.82
C LEU H 257 -31.24 -53.81 6.33
N VAL H 258 -30.40 -53.58 7.35
CA VAL H 258 -29.46 -54.60 7.77
C VAL H 258 -30.15 -55.70 8.59
N TYR H 259 -31.13 -55.36 9.40
CA TYR H 259 -31.73 -56.31 10.33
C TYR H 259 -33.15 -56.72 9.99
N GLY H 260 -33.80 -56.02 9.06
CA GLY H 260 -35.20 -56.24 8.79
C GLY H 260 -36.08 -55.53 9.79
N GLY H 261 -37.38 -55.57 9.54
CA GLY H 261 -38.35 -54.89 10.37
C GLY H 261 -39.08 -53.82 9.59
N ILE H 262 -39.54 -52.80 10.30
CA ILE H 262 -40.39 -51.78 9.71
C ILE H 262 -40.06 -50.41 10.31
N PHE H 263 -40.13 -49.37 9.47
CA PHE H 263 -39.87 -47.99 9.84
C PHE H 263 -41.09 -47.16 9.41
N LEU H 264 -41.59 -46.33 10.32
CA LEU H 264 -42.78 -45.55 10.08
C LEU H 264 -42.55 -44.10 10.44
N TYR H 265 -42.91 -43.20 9.51
CA TYR H 265 -43.12 -41.78 9.78
C TYR H 265 -44.42 -41.49 9.07
N PRO H 266 -45.54 -41.90 9.67
CA PRO H 266 -46.80 -41.99 8.93
C PRO H 266 -47.63 -40.72 9.00
N ALA H 267 -48.72 -40.73 8.24
CA ALA H 267 -49.66 -39.63 8.27
C ALA H 267 -50.60 -39.73 9.47
N ASN H 268 -51.01 -38.57 9.96
CA ASN H 268 -52.05 -38.47 10.98
C ASN H 268 -52.94 -37.30 10.59
N LYS H 269 -53.86 -36.92 11.47
CA LYS H 269 -54.76 -35.82 11.15
C LYS H 269 -54.05 -34.47 11.19
N LYS H 270 -53.07 -34.30 12.10
CA LYS H 270 -52.35 -33.03 12.17
C LYS H 270 -51.39 -32.82 11.00
N SER H 271 -50.93 -33.90 10.37
CA SER H 271 -50.00 -33.81 9.24
C SER H 271 -50.43 -34.87 8.23
N PRO H 272 -51.47 -34.59 7.45
CA PRO H 272 -52.05 -35.63 6.58
C PRO H 272 -51.12 -36.09 5.50
N ASN H 273 -50.00 -35.39 5.30
CA ASN H 273 -49.00 -35.84 4.34
C ASN H 273 -47.67 -36.18 5.03
N GLY H 274 -47.65 -36.29 6.35
CA GLY H 274 -46.38 -36.59 6.98
C GLY H 274 -45.50 -35.37 7.19
N LYS H 275 -44.23 -35.66 7.46
CA LYS H 275 -43.22 -34.66 7.76
C LYS H 275 -42.01 -34.74 6.87
N LEU H 276 -41.61 -35.94 6.48
CA LEU H 276 -40.41 -36.12 5.68
C LEU H 276 -40.62 -35.62 4.24
N ARG H 277 -39.54 -35.19 3.61
CA ARG H 277 -39.60 -34.58 2.29
C ARG H 277 -39.53 -35.64 1.20
N LEU H 278 -40.42 -35.54 0.21
CA LEU H 278 -40.55 -36.61 -0.79
C LEU H 278 -39.29 -36.72 -1.65
N LEU H 279 -38.72 -35.57 -2.06
CA LEU H 279 -37.69 -35.59 -3.11
C LEU H 279 -36.34 -36.09 -2.61
N TYR H 280 -35.91 -35.66 -1.43
CA TYR H 280 -34.54 -35.98 -1.00
C TYR H 280 -34.50 -36.73 0.31
N GLU H 281 -35.65 -37.22 0.80
CA GLU H 281 -35.68 -38.17 1.92
C GLU H 281 -36.45 -39.44 1.56
N CYS H 282 -37.75 -39.33 1.23
CA CYS H 282 -38.60 -40.51 1.07
C CYS H 282 -38.25 -41.28 -0.20
N ASN H 283 -38.12 -40.57 -1.33
CA ASN H 283 -37.88 -41.26 -2.61
C ASN H 283 -36.58 -42.02 -2.63
N PRO H 284 -35.42 -41.43 -2.25
CA PRO H 284 -34.19 -42.23 -2.26
C PRO H 284 -34.25 -43.47 -1.35
N MET H 285 -34.91 -43.37 -0.19
CA MET H 285 -35.03 -44.54 0.67
C MET H 285 -36.03 -45.56 0.12
N ALA H 286 -37.11 -45.10 -0.51
CA ALA H 286 -38.02 -46.03 -1.18
C ALA H 286 -37.30 -46.80 -2.28
N TYR H 287 -36.46 -46.10 -3.02
CA TYR H 287 -35.71 -46.73 -4.10
C TYR H 287 -34.76 -47.79 -3.56
N VAL H 288 -33.95 -47.42 -2.56
CA VAL H 288 -33.03 -48.39 -1.96
C VAL H 288 -33.81 -49.61 -1.48
N MET H 289 -34.92 -49.39 -0.76
CA MET H 289 -35.71 -50.49 -0.19
C MET H 289 -36.26 -51.40 -1.29
N GLU H 290 -36.85 -50.83 -2.33
CA GLU H 290 -37.41 -51.72 -3.33
C GLU H 290 -36.31 -52.51 -4.04
N LYS H 291 -35.17 -51.88 -4.29
CA LYS H 291 -34.08 -52.64 -4.91
C LYS H 291 -33.55 -53.75 -4.01
N ALA H 292 -33.79 -53.69 -2.70
CA ALA H 292 -33.35 -54.73 -1.78
C ALA H 292 -34.44 -55.75 -1.47
N GLY H 293 -35.54 -55.75 -2.24
CA GLY H 293 -36.62 -56.70 -2.03
C GLY H 293 -37.61 -56.30 -0.95
N GLY H 294 -37.62 -55.02 -0.57
CA GLY H 294 -38.53 -54.54 0.44
C GLY H 294 -39.65 -53.71 -0.16
N MET H 295 -40.37 -53.05 0.71
CA MET H 295 -41.55 -52.29 0.33
C MET H 295 -41.46 -50.94 1.01
N ALA H 296 -42.16 -49.97 0.42
CA ALA H 296 -42.19 -48.60 0.92
C ALA H 296 -43.53 -48.01 0.49
N THR H 297 -44.41 -47.76 1.44
CA THR H 297 -45.76 -47.30 1.14
C THR H 297 -46.06 -45.99 1.87
N THR H 298 -47.00 -45.26 1.30
CA THR H 298 -47.68 -44.17 1.96
C THR H 298 -48.89 -44.66 2.73
N GLY H 299 -49.27 -45.93 2.54
CA GLY H 299 -50.55 -46.40 3.02
C GLY H 299 -51.58 -46.45 1.90
N LYS H 300 -51.54 -45.44 1.04
CA LYS H 300 -52.47 -45.37 -0.07
C LYS H 300 -51.87 -45.90 -1.37
N GLU H 301 -50.56 -45.79 -1.52
CA GLU H 301 -49.88 -46.14 -2.76
C GLU H 301 -48.40 -46.30 -2.43
N ALA H 302 -47.68 -46.88 -3.38
CA ALA H 302 -46.23 -46.97 -3.28
C ALA H 302 -45.60 -45.58 -3.38
N VAL H 303 -44.59 -45.34 -2.52
CA VAL H 303 -43.90 -44.05 -2.45
C VAL H 303 -43.36 -43.66 -3.83
N LEU H 304 -42.78 -44.62 -4.54
CA LEU H 304 -42.21 -44.38 -5.85
C LEU H 304 -43.25 -44.02 -6.92
N ASP H 305 -44.55 -44.18 -6.66
CA ASP H 305 -45.57 -43.82 -7.64
C ASP H 305 -46.15 -42.43 -7.44
N VAL H 306 -45.79 -41.72 -6.37
CA VAL H 306 -46.29 -40.36 -6.18
C VAL H 306 -45.71 -39.42 -7.25
N ILE H 307 -46.58 -38.63 -7.88
CA ILE H 307 -46.15 -37.61 -8.83
C ILE H 307 -46.03 -36.30 -8.05
N PRO H 308 -44.84 -35.73 -7.88
CA PRO H 308 -44.71 -34.51 -7.08
C PRO H 308 -45.07 -33.24 -7.84
N THR H 309 -45.59 -32.26 -7.09
CA THR H 309 -45.89 -30.93 -7.60
C THR H 309 -45.07 -29.82 -6.95
N ASP H 310 -44.34 -30.12 -5.89
CA ASP H 310 -43.55 -29.13 -5.16
C ASP H 310 -42.25 -29.79 -4.72
N ILE H 311 -41.11 -29.12 -4.96
CA ILE H 311 -39.83 -29.76 -4.68
C ILE H 311 -39.66 -30.02 -3.19
N HIS H 312 -40.37 -29.30 -2.33
CA HIS H 312 -40.31 -29.45 -0.88
C HIS H 312 -41.58 -30.07 -0.30
N GLN H 313 -42.34 -30.82 -1.11
CA GLN H 313 -43.55 -31.44 -0.59
C GLN H 313 -43.22 -32.66 0.27
N ARG H 314 -44.12 -32.95 1.21
CA ARG H 314 -43.96 -34.02 2.17
C ARG H 314 -44.76 -35.26 1.73
N ALA H 315 -44.44 -36.40 2.36
CA ALA H 315 -45.12 -37.69 2.14
C ALA H 315 -45.00 -38.56 3.39
N PRO H 316 -46.05 -39.29 3.76
CA PRO H 316 -45.89 -40.28 4.81
C PRO H 316 -45.18 -41.49 4.22
N VAL H 317 -44.47 -42.22 5.07
CA VAL H 317 -43.71 -43.37 4.58
C VAL H 317 -43.71 -44.46 5.65
N ILE H 318 -43.94 -45.69 5.19
CA ILE H 318 -43.85 -46.93 5.96
C ILE H 318 -43.07 -47.91 5.09
N LEU H 319 -41.90 -48.33 5.56
CA LEU H 319 -40.96 -49.08 4.73
C LEU H 319 -40.29 -50.19 5.55
N GLY H 320 -39.72 -51.16 4.84
CA GLY H 320 -39.03 -52.28 5.47
C GLY H 320 -39.35 -53.64 4.85
N SER H 321 -39.28 -54.69 5.68
CA SER H 321 -39.54 -56.06 5.23
C SER H 321 -40.96 -56.21 4.65
N PRO H 322 -41.14 -56.99 3.57
CA PRO H 322 -42.46 -57.04 2.93
C PRO H 322 -43.57 -57.64 3.79
N ASP H 323 -43.30 -58.78 4.46
CA ASP H 323 -44.33 -59.39 5.31
C ASP H 323 -44.83 -58.38 6.34
N ASP H 324 -43.93 -57.54 6.85
CA ASP H 324 -44.29 -56.54 7.85
C ASP H 324 -45.07 -55.38 7.22
N VAL H 325 -44.60 -54.87 6.08
CA VAL H 325 -45.31 -53.78 5.41
C VAL H 325 -46.69 -54.24 4.94
N LEU H 326 -46.78 -55.46 4.40
CA LEU H 326 -48.10 -55.98 4.00
C LEU H 326 -49.04 -56.16 5.19
N GLU H 327 -48.50 -56.66 6.31
CA GLU H 327 -49.34 -56.80 7.50
C GLU H 327 -49.83 -55.44 7.98
N PHE H 328 -49.00 -54.40 7.88
CA PHE H 328 -49.47 -53.06 8.23
C PHE H 328 -50.58 -52.60 7.27
N LEU H 329 -50.45 -52.91 5.98
CA LEU H 329 -51.50 -52.51 5.04
C LEU H 329 -52.81 -53.21 5.39
N LYS H 330 -52.76 -54.48 5.82
CA LYS H 330 -53.96 -55.20 6.22
C LYS H 330 -54.68 -54.49 7.37
N VAL H 331 -53.95 -54.03 8.39
CA VAL H 331 -54.57 -53.25 9.45
C VAL H 331 -55.06 -51.91 8.91
N TYR H 332 -54.28 -51.28 8.04
CA TYR H 332 -54.67 -49.99 7.47
C TYR H 332 -55.98 -50.09 6.70
N GLU H 333 -56.16 -51.12 5.87
CA GLU H 333 -57.41 -51.19 5.11
C GLU H 333 -58.60 -51.52 6.00
N LYS H 334 -58.37 -52.23 7.11
CA LYS H 334 -59.46 -52.50 8.03
C LYS H 334 -60.11 -51.20 8.50
N HIS H 335 -59.30 -50.15 8.70
CA HIS H 335 -59.77 -48.85 9.16
C HIS H 335 -60.08 -47.87 8.02
N SER H 336 -60.29 -48.34 6.80
CA SER H 336 -60.55 -47.42 5.69
C SER H 336 -62.03 -47.19 5.36
#